data_4AQ7
#
_entry.id   4AQ7
#
_cell.length_a   158.660
_cell.length_b   69.200
_cell.length_c   228.840
_cell.angle_alpha   90.00
_cell.angle_beta   104.35
_cell.angle_gamma   90.00
#
_symmetry.space_group_name_H-M   'C 1 2 1'
#
loop_
_entity.id
_entity.type
_entity.pdbx_description
1 polymer 'LEUCINE--TRNA LIGASE'
2 polymer 'E. COLI TRNALEU UAA ISOACCEPTOR'
3 non-polymer 'ZINC ION'
4 non-polymer '[(2R,3S,4R,5R)-5-(6-AMINO-9H-PURIN-9-YL)-3,4-DIHYDROXYTETRAHYDRO-2-FURANYL]METHYL SULFAMATE'
5 non-polymer LEUCINE
6 non-polymer 'MAGNESIUM ION'
7 water water
#
loop_
_entity_poly.entity_id
_entity_poly.type
_entity_poly.pdbx_seq_one_letter_code
_entity_poly.pdbx_strand_id
1 'polypeptide(L)'
;MGSSHHHHHHSSGLVPRGSHMQEQYRPEEIESKVQLHWDEKRTFEVTEDESKEKYYCLSMLPYPSGRLHMGHVRNYTIGD
VIARYQRMLGKNVLQPIGWDAFGLPAEGAAVKNNTAPAPWTYDNIAYMKNQLKMLGFGYDWSRELATCTPEYYRWEQKFF
TELYKKGLVYKKTSAVNWCPNDQTVLANEQVIDGCCWRCDTKVERKEIPQWFIKITAYADELLNDLDKLDHWPDTVKTMQ
RNWIGRSEGVEITFNVNDYDNTLTVYTTRPDTFMGCTYLAVAAGHPLAQKAAENNPELAAFIDECRNTKVAEAEMATMEK
KGVDTGFKAVHPLTGEEIPVWAANFVLMEYGTGAVMAVPGHDQRDYEFASKYGLNIKPVILAADGSEPDLSQQALTEKGV
LFNSGEFNGLDHEAAFNAIADKLTAMGVGERKVNYRLRDWGVSRQRYWGAPIPMVTLEDGTVMPTPDDQLPVILPEDVVM
DGITSPIKADPEWAKTTVNGMPALRETDTFDTFMESSWYYARYTCPQYKEGMLDSEAANYWLPVDIYIGGIEHAIMHLLY
FRFFHKLMRDAGMVNSDEPAKQLLCQGMVLADAFYYVGENGERNWVSPVDAIVERDEKGRIVKAKDAAGHELVYTGMSKM
SKSKNNGIDPQVMVERYGADTVRLFMMFASPADMTLEWQESGVEGANRFLKRVWKLVYEHTAKGDVAALNVDALTENQKA
LRRDVHKTIAKVTDDIGRRQTFNTAIAAIMELMNKLAKAPTDGEQDRALMQEALLAVVRMLNPFTPHICFTLWQELKGEG
DIDNAPWPVADEKAMVEDSTLVVVQVNGKVRAKITVPVDATEEQVRERAGQEHLVAKYLDGVTVRKVIYVPGKLLNLVVG
;
A,D
2 'polyribonucleotide'
;GCCCGGAUGGUGGAAUCGGUAGACACAAGGGAUUUAAAAUCCCUCGGCGUUCGCGCUGUGCGGGUUCAAGUCCCGCUCCG
GGUACCA
;
B,E
#
# COMPACT_ATOMS: atom_id res chain seq x y z
N MET A 21 31.30 -23.98 -12.55
CA MET A 21 29.87 -23.89 -12.96
C MET A 21 29.04 -24.80 -12.04
N GLN A 22 28.44 -24.16 -11.05
CA GLN A 22 27.32 -24.68 -10.28
C GLN A 22 26.16 -25.18 -11.14
N GLU A 23 25.69 -26.39 -10.88
CA GLU A 23 24.48 -26.91 -11.51
C GLU A 23 23.34 -25.91 -11.57
N GLN A 24 23.00 -25.34 -10.42
CA GLN A 24 21.92 -24.38 -10.32
C GLN A 24 22.38 -22.94 -10.71
N TYR A 25 21.50 -22.20 -11.39
CA TYR A 25 21.78 -20.83 -11.86
C TYR A 25 21.41 -19.89 -10.73
N ARG A 26 22.41 -19.29 -10.10
CA ARG A 26 22.22 -18.30 -9.06
C ARG A 26 22.71 -16.99 -9.61
N PRO A 27 21.82 -16.16 -10.13
CA PRO A 27 22.29 -14.92 -10.68
C PRO A 27 22.97 -14.02 -9.66
N GLU A 28 22.61 -14.11 -8.40
CA GLU A 28 23.19 -13.20 -7.42
C GLU A 28 24.68 -13.48 -7.19
N GLU A 29 25.19 -14.62 -7.64
CA GLU A 29 26.59 -14.96 -7.48
C GLU A 29 27.40 -14.73 -8.76
N ILE A 30 26.83 -13.98 -9.69
CA ILE A 30 27.30 -13.95 -11.06
C ILE A 30 27.25 -12.55 -11.61
N GLU A 31 26.10 -11.90 -11.50
CA GLU A 31 25.89 -10.57 -12.04
C GLU A 31 26.84 -9.58 -11.49
N SER A 32 27.16 -9.67 -10.23
CA SER A 32 27.91 -8.58 -9.61
C SER A 32 29.37 -8.77 -9.88
N LYS A 33 29.75 -10.02 -10.04
CA LYS A 33 31.14 -10.36 -10.40
C LYS A 33 31.43 -9.81 -11.77
N VAL A 34 30.49 -9.97 -12.69
CA VAL A 34 30.74 -9.63 -14.06
C VAL A 34 30.69 -8.14 -14.18
N GLN A 35 29.71 -7.55 -13.51
CA GLN A 35 29.69 -6.10 -13.34
C GLN A 35 31.00 -5.50 -12.79
N LEU A 36 31.65 -6.06 -11.78
CA LEU A 36 32.95 -5.53 -11.33
C LEU A 36 34.04 -5.61 -12.40
N HIS A 37 34.07 -6.71 -13.14
CA HIS A 37 34.98 -6.91 -14.28
C HIS A 37 34.81 -5.84 -15.30
N TRP A 38 33.58 -5.50 -15.69
CA TRP A 38 33.41 -4.41 -16.67
C TRP A 38 33.87 -3.09 -16.15
N ASP A 39 33.82 -2.86 -14.83
CA ASP A 39 34.30 -1.57 -14.26
C ASP A 39 35.80 -1.58 -14.18
N GLU A 40 36.43 -2.70 -13.87
CA GLU A 40 37.89 -2.77 -13.75
C GLU A 40 38.65 -2.72 -15.09
N LYS A 41 38.12 -3.39 -16.11
CA LYS A 41 38.75 -3.41 -17.44
C LYS A 41 38.26 -2.28 -18.30
N ARG A 42 37.42 -1.45 -17.73
CA ARG A 42 36.80 -0.35 -18.45
C ARG A 42 36.25 -0.75 -19.83
N THR A 43 35.78 -1.99 -19.96
CA THR A 43 35.25 -2.59 -21.22
C THR A 43 34.50 -1.63 -22.07
N PHE A 44 33.61 -0.84 -21.48
CA PHE A 44 32.76 0.02 -22.31
C PHE A 44 33.22 1.48 -22.50
N GLU A 45 34.42 1.80 -22.01
CA GLU A 45 34.96 3.13 -22.18
C GLU A 45 35.73 3.21 -23.49
N VAL A 46 35.40 4.19 -24.31
CA VAL A 46 35.93 4.23 -25.67
C VAL A 46 36.55 5.59 -25.91
N THR A 47 37.40 5.68 -26.91
CA THR A 47 37.99 6.90 -27.37
C THR A 47 37.72 7.10 -28.90
N GLU A 48 38.24 8.20 -29.43
CA GLU A 48 38.16 8.48 -30.85
C GLU A 48 39.22 7.64 -31.59
N ASP A 49 39.05 6.32 -31.57
CA ASP A 49 39.99 5.43 -32.28
C ASP A 49 39.73 5.45 -33.78
N GLU A 50 40.68 6.01 -34.54
CA GLU A 50 40.50 6.07 -36.01
C GLU A 50 40.87 4.76 -36.76
N SER A 51 41.42 3.78 -36.05
CA SER A 51 41.65 2.46 -36.63
C SER A 51 40.31 1.67 -36.72
N LYS A 52 39.36 2.01 -35.87
CA LYS A 52 38.07 1.35 -35.83
C LYS A 52 37.01 2.19 -36.52
N GLU A 53 35.97 1.49 -36.95
CA GLU A 53 34.75 2.11 -37.42
C GLU A 53 33.81 2.40 -36.25
N LYS A 54 33.42 3.67 -36.09
CA LYS A 54 32.58 4.10 -34.98
C LYS A 54 31.14 3.73 -35.14
N TYR A 55 30.44 3.58 -34.04
CA TYR A 55 28.99 3.57 -34.03
C TYR A 55 28.51 4.31 -32.79
N TYR A 56 27.71 5.36 -32.94
CA TYR A 56 27.14 6.09 -31.78
C TYR A 56 25.69 5.65 -31.57
N CYS A 57 25.50 5.00 -30.42
CA CYS A 57 24.20 4.49 -30.06
C CYS A 57 23.77 5.19 -28.81
N LEU A 58 22.76 6.04 -28.93
CA LEU A 58 22.36 6.97 -27.90
C LEU A 58 20.89 6.81 -27.50
N SER A 59 20.66 6.72 -26.18
CA SER A 59 19.34 6.68 -25.56
C SER A 59 19.10 8.01 -24.84
N MET A 60 17.89 8.52 -25.01
CA MET A 60 17.53 9.77 -24.40
C MET A 60 17.74 9.74 -22.88
N LEU A 61 18.34 10.81 -22.38
CA LEU A 61 18.91 10.79 -21.07
C LEU A 61 17.80 10.99 -20.04
N PRO A 62 17.87 10.30 -18.91
CA PRO A 62 16.86 10.41 -17.84
C PRO A 62 16.81 11.69 -17.04
N TYR A 63 15.60 12.05 -16.61
CA TYR A 63 15.40 13.11 -15.66
C TYR A 63 15.51 12.35 -14.36
N PRO A 64 16.27 12.85 -13.36
CA PRO A 64 16.52 12.02 -12.18
C PRO A 64 15.40 12.17 -11.21
N SER A 65 14.39 11.35 -11.42
CA SER A 65 13.10 11.58 -10.87
C SER A 65 13.03 11.01 -9.48
N GLY A 66 13.93 10.08 -9.17
CA GLY A 66 13.91 9.30 -7.94
C GLY A 66 14.37 7.85 -8.16
N ARG A 67 13.60 7.09 -8.93
CA ARG A 67 13.78 5.66 -9.12
C ARG A 67 13.65 5.45 -10.60
N LEU A 68 14.22 4.38 -11.12
CA LEU A 68 13.82 3.91 -12.45
C LEU A 68 12.50 3.22 -12.35
N HIS A 69 11.77 3.15 -13.46
CA HIS A 69 10.55 2.35 -13.57
C HIS A 69 10.74 1.61 -14.84
N MET A 70 9.82 0.71 -15.18
CA MET A 70 10.01 -0.16 -16.34
C MET A 70 10.08 0.59 -17.65
N GLY A 71 9.61 1.82 -17.69
CA GLY A 71 9.75 2.61 -18.92
C GLY A 71 11.19 2.89 -19.25
N HIS A 72 11.96 3.27 -18.24
CA HIS A 72 13.40 3.48 -18.41
C HIS A 72 14.04 2.14 -18.75
N VAL A 73 13.68 1.09 -18.03
CA VAL A 73 14.27 -0.19 -18.29
C VAL A 73 14.08 -0.54 -19.76
N ARG A 74 12.90 -0.26 -20.30
CA ARG A 74 12.65 -0.67 -21.66
C ARG A 74 13.55 0.10 -22.55
N ASN A 75 13.60 1.39 -22.36
CA ASN A 75 14.36 2.25 -23.23
C ASN A 75 15.82 1.88 -23.23
N TYR A 76 16.39 1.69 -22.05
CA TYR A 76 17.81 1.47 -21.89
C TYR A 76 18.19 0.02 -22.22
N THR A 77 17.32 -0.93 -22.04
CA THR A 77 17.62 -2.25 -22.54
C THR A 77 17.70 -2.28 -24.08
N ILE A 78 16.77 -1.62 -24.75
CA ILE A 78 16.79 -1.57 -26.19
C ILE A 78 18.09 -1.01 -26.62
N GLY A 79 18.49 0.10 -26.04
CA GLY A 79 19.76 0.69 -26.45
C GLY A 79 20.98 -0.17 -26.20
N ASP A 80 20.97 -0.90 -25.12
CA ASP A 80 22.10 -1.73 -24.77
C ASP A 80 22.18 -3.01 -25.65
N VAL A 81 21.03 -3.59 -25.98
CA VAL A 81 20.95 -4.62 -26.98
C VAL A 81 21.61 -4.15 -28.28
N ILE A 82 21.28 -2.95 -28.76
CA ILE A 82 21.93 -2.45 -29.99
C ILE A 82 23.41 -2.18 -29.82
N ALA A 83 23.80 -1.56 -28.70
CA ALA A 83 25.20 -1.29 -28.41
C ALA A 83 26.01 -2.54 -28.39
N ARG A 84 25.55 -3.56 -27.67
CA ARG A 84 26.38 -4.79 -27.59
C ARG A 84 26.39 -5.53 -28.89
N TYR A 85 25.34 -5.39 -29.68
CA TYR A 85 25.27 -6.17 -30.90
C TYR A 85 26.30 -5.56 -31.82
N GLN A 86 26.27 -4.23 -31.90
CA GLN A 86 27.20 -3.51 -32.80
C GLN A 86 28.66 -3.71 -32.42
N ARG A 87 28.92 -3.87 -31.13
CA ARG A 87 30.25 -4.14 -30.68
C ARG A 87 30.78 -5.51 -31.07
N MET A 88 29.86 -6.48 -31.06
CA MET A 88 30.18 -7.83 -31.54
C MET A 88 30.42 -7.88 -33.03
N LEU A 89 29.80 -7.00 -33.81
CA LEU A 89 30.17 -6.79 -35.21
C LEU A 89 31.53 -6.05 -35.37
N GLY A 90 32.20 -5.68 -34.29
CA GLY A 90 33.53 -5.13 -34.43
C GLY A 90 33.64 -3.66 -34.52
N LYS A 91 32.57 -2.93 -34.25
CA LYS A 91 32.61 -1.46 -34.25
C LYS A 91 33.04 -0.84 -32.95
N ASN A 92 33.47 0.43 -32.99
CA ASN A 92 33.78 1.22 -31.76
C ASN A 92 32.53 1.96 -31.35
N VAL A 93 31.86 1.47 -30.31
CA VAL A 93 30.48 1.95 -29.93
C VAL A 93 30.50 2.88 -28.71
N LEU A 94 30.13 4.12 -28.87
CA LEU A 94 29.83 4.96 -27.76
C LEU A 94 28.40 4.69 -27.36
N GLN A 95 28.21 4.54 -26.05
CA GLN A 95 26.87 4.45 -25.51
C GLN A 95 27.00 5.16 -24.22
N PRO A 96 26.58 6.43 -24.17
CA PRO A 96 26.81 7.32 -23.03
C PRO A 96 25.60 7.49 -22.18
N ILE A 97 25.81 7.91 -20.94
CA ILE A 97 24.69 8.15 -20.05
C ILE A 97 24.88 9.43 -19.27
N GLY A 98 23.80 10.12 -18.98
CA GLY A 98 23.87 11.36 -18.21
C GLY A 98 22.56 11.71 -17.55
N TRP A 99 22.47 12.91 -17.01
CA TRP A 99 21.33 13.28 -16.23
C TRP A 99 20.86 14.61 -16.67
N ASP A 100 19.64 14.63 -17.18
CA ASP A 100 18.94 15.86 -17.63
C ASP A 100 18.34 16.45 -16.38
N ALA A 101 19.14 17.18 -15.60
CA ALA A 101 18.89 17.36 -14.17
C ALA A 101 18.10 18.53 -13.66
N PHE A 102 17.84 19.56 -14.46
CA PHE A 102 16.94 20.64 -14.03
C PHE A 102 15.53 20.25 -14.29
N GLY A 103 14.62 20.91 -13.58
CA GLY A 103 13.20 20.89 -13.87
C GLY A 103 12.31 21.16 -12.69
N LEU A 104 11.01 21.04 -12.95
CA LEU A 104 9.98 21.39 -12.03
C LEU A 104 9.93 20.52 -10.79
N PRO A 105 9.90 19.17 -10.94
CA PRO A 105 9.57 18.26 -9.84
C PRO A 105 10.40 18.45 -8.57
N ALA A 106 11.71 18.59 -8.73
CA ALA A 106 12.65 18.91 -7.66
C ALA A 106 12.29 20.11 -6.80
N GLU A 107 11.61 21.09 -7.37
CA GLU A 107 11.14 22.18 -6.56
C GLU A 107 10.08 21.73 -5.57
N GLY A 108 8.99 21.15 -6.06
CA GLY A 108 7.92 20.80 -5.13
C GLY A 108 8.50 19.82 -4.13
N ALA A 109 9.33 18.88 -4.63
CA ALA A 109 9.77 17.77 -3.80
C ALA A 109 10.65 18.29 -2.68
N ALA A 110 11.67 19.07 -3.02
CA ALA A 110 12.35 19.94 -2.02
C ALA A 110 11.43 20.50 -0.92
N VAL A 111 10.44 21.31 -1.24
CA VAL A 111 9.61 21.89 -0.16
C VAL A 111 9.02 20.77 0.69
N LYS A 112 8.31 19.86 0.04
CA LYS A 112 7.69 18.74 0.72
C LYS A 112 8.67 18.00 1.63
N ASN A 113 9.98 18.09 1.34
CA ASN A 113 11.03 17.37 2.08
C ASN A 113 12.02 18.18 2.90
N ASN A 114 11.76 19.48 3.04
CA ASN A 114 12.62 20.33 3.86
C ASN A 114 14.10 20.24 3.39
N THR A 115 14.29 20.26 2.06
CA THR A 115 15.61 20.18 1.41
C THR A 115 15.70 21.35 0.42
N ALA A 116 16.73 21.33 -0.43
CA ALA A 116 16.88 22.24 -1.54
C ALA A 116 16.92 21.37 -2.81
N PRO A 117 16.63 21.97 -3.97
CA PRO A 117 16.58 21.17 -5.18
C PRO A 117 17.90 20.44 -5.56
N ALA A 118 19.03 21.06 -5.26
CA ALA A 118 20.34 20.57 -5.73
C ALA A 118 20.69 19.22 -5.10
N PRO A 119 20.67 19.15 -3.77
CA PRO A 119 20.98 17.88 -3.13
C PRO A 119 19.91 16.78 -3.37
N TRP A 120 18.65 17.13 -3.43
CA TRP A 120 17.64 16.14 -3.69
C TRP A 120 17.95 15.50 -5.00
N THR A 121 18.36 16.31 -6.00
CA THR A 121 18.72 15.84 -7.34
C THR A 121 19.99 15.01 -7.35
N TYR A 122 21.06 15.44 -6.68
CA TYR A 122 22.30 14.62 -6.65
C TYR A 122 22.15 13.26 -6.01
N ASP A 123 21.32 13.16 -4.97
CA ASP A 123 20.96 11.87 -4.39
C ASP A 123 20.13 11.01 -5.30
N ASN A 124 19.14 11.57 -5.95
CA ASN A 124 18.37 10.87 -6.93
C ASN A 124 19.27 10.26 -7.97
N ILE A 125 20.20 11.06 -8.45
CA ILE A 125 21.22 10.58 -9.42
C ILE A 125 22.03 9.45 -8.81
N ALA A 126 22.62 9.61 -7.62
CA ALA A 126 23.44 8.50 -6.97
C ALA A 126 22.72 7.15 -6.98
N TYR A 127 21.44 7.21 -6.68
CA TYR A 127 20.56 6.11 -6.55
C TYR A 127 20.24 5.44 -7.90
N MET A 128 19.77 6.22 -8.85
CA MET A 128 19.40 5.70 -10.16
C MET A 128 20.64 5.21 -10.87
N LYS A 129 21.74 5.91 -10.67
CA LYS A 129 22.99 5.41 -11.21
C LYS A 129 23.24 3.97 -10.81
N ASN A 130 23.09 3.72 -9.53
CA ASN A 130 23.33 2.41 -8.97
C ASN A 130 22.36 1.38 -9.55
N GLN A 131 21.11 1.76 -9.68
CA GLN A 131 20.18 0.89 -10.36
C GLN A 131 20.58 0.56 -11.78
N LEU A 132 21.14 1.52 -12.50
CA LEU A 132 21.55 1.29 -13.90
C LEU A 132 22.77 0.36 -13.92
N LYS A 133 23.68 0.56 -12.96
CA LYS A 133 24.87 -0.27 -12.94
C LYS A 133 24.49 -1.73 -12.73
N MET A 134 23.39 -1.95 -12.02
CA MET A 134 22.95 -3.25 -11.57
C MET A 134 22.09 -3.94 -12.62
N LEU A 135 21.65 -3.21 -13.65
CA LEU A 135 21.12 -3.85 -14.81
C LEU A 135 22.22 -4.14 -15.87
N GLY A 136 23.47 -3.72 -15.63
CA GLY A 136 24.57 -4.05 -16.54
C GLY A 136 24.43 -3.49 -17.94
N PHE A 137 24.08 -2.23 -18.06
CA PHE A 137 24.06 -1.60 -19.36
C PHE A 137 25.48 -1.15 -19.62
N GLY A 138 26.01 -1.39 -20.80
CA GLY A 138 27.46 -1.12 -21.02
C GLY A 138 27.69 0.31 -21.39
N TYR A 139 27.52 1.22 -20.44
CA TYR A 139 27.72 2.64 -20.68
C TYR A 139 29.15 3.03 -20.57
N ASP A 140 29.50 4.14 -21.21
CA ASP A 140 30.81 4.76 -20.99
C ASP A 140 30.63 5.77 -19.86
N TRP A 141 30.83 5.27 -18.64
CA TRP A 141 30.73 6.12 -17.42
C TRP A 141 31.76 7.17 -17.34
N SER A 142 32.80 7.10 -18.15
CA SER A 142 33.85 8.13 -18.09
C SER A 142 33.29 9.38 -18.66
N ARG A 143 32.29 9.27 -19.56
CA ARG A 143 31.64 10.45 -20.21
C ARG A 143 30.33 10.93 -19.57
N GLU A 144 30.02 10.45 -18.37
CA GLU A 144 28.83 10.86 -17.68
C GLU A 144 28.79 12.37 -17.49
N LEU A 145 27.63 12.98 -17.65
CA LEU A 145 27.37 14.41 -17.56
C LEU A 145 26.19 14.63 -16.64
N ALA A 146 26.17 15.77 -15.99
CA ALA A 146 24.97 16.17 -15.29
C ALA A 146 24.61 17.59 -15.73
N THR A 147 23.43 17.81 -16.26
CA THR A 147 23.17 19.11 -16.90
C THR A 147 22.87 20.19 -15.91
N CYS A 148 22.86 19.88 -14.62
CA CYS A 148 22.65 20.94 -13.68
C CYS A 148 23.95 21.51 -13.16
N THR A 149 25.10 21.07 -13.68
CA THR A 149 26.39 21.64 -13.23
C THR A 149 26.85 22.77 -14.20
N PRO A 150 27.46 23.85 -13.68
CA PRO A 150 28.01 24.91 -14.52
C PRO A 150 29.00 24.41 -15.55
N GLU A 151 29.74 23.36 -15.27
CA GLU A 151 30.62 22.81 -16.31
C GLU A 151 29.85 22.45 -17.58
N TYR A 152 28.53 22.26 -17.48
CA TYR A 152 27.66 22.04 -18.59
C TYR A 152 26.99 23.31 -19.08
N TYR A 153 26.22 23.99 -18.22
CA TYR A 153 25.26 24.99 -18.69
C TYR A 153 25.99 26.28 -19.06
N ARG A 154 27.22 26.43 -18.62
CA ARG A 154 27.95 27.61 -19.05
C ARG A 154 27.96 27.72 -20.59
N TRP A 155 28.02 26.59 -21.29
CA TRP A 155 28.15 26.66 -22.75
C TRP A 155 26.88 26.96 -23.43
N GLU A 156 25.76 26.53 -22.86
CA GLU A 156 24.50 27.00 -23.36
C GLU A 156 24.29 28.52 -23.09
N GLN A 157 24.76 29.01 -21.95
CA GLN A 157 24.74 30.44 -21.71
C GLN A 157 25.51 31.16 -22.81
N LYS A 158 26.77 30.78 -23.06
CA LYS A 158 27.61 31.46 -24.05
C LYS A 158 26.90 31.38 -25.38
N PHE A 159 26.53 30.17 -25.72
CA PHE A 159 25.82 29.97 -26.96
C PHE A 159 24.65 30.93 -27.13
N PHE A 160 23.81 31.05 -26.14
CA PHE A 160 22.62 31.85 -26.27
C PHE A 160 22.99 33.32 -26.50
N THR A 161 24.08 33.77 -25.90
CA THR A 161 24.54 35.14 -26.19
C THR A 161 25.06 35.29 -27.62
N GLU A 162 25.52 34.20 -28.25
CA GLU A 162 25.98 34.28 -29.66
C GLU A 162 24.77 34.37 -30.63
N LEU A 163 23.73 33.59 -30.32
CA LEU A 163 22.40 33.63 -30.92
C LEU A 163 21.74 34.97 -30.82
N TYR A 164 21.82 35.62 -29.67
CA TYR A 164 21.34 36.99 -29.62
C TYR A 164 22.17 37.90 -30.55
N LYS A 165 23.49 37.75 -30.57
CA LYS A 165 24.28 38.58 -31.51
C LYS A 165 23.94 38.32 -32.98
N LYS A 166 23.58 37.11 -33.35
CA LYS A 166 23.27 36.79 -34.73
C LYS A 166 21.83 37.17 -35.12
N GLY A 167 21.01 37.52 -34.13
CA GLY A 167 19.67 38.07 -34.35
C GLY A 167 18.60 37.01 -34.31
N LEU A 168 18.96 35.85 -33.76
CA LEU A 168 18.02 34.80 -33.60
C LEU A 168 17.35 34.80 -32.24
N VAL A 169 17.40 35.89 -31.48
CA VAL A 169 16.77 35.94 -30.16
C VAL A 169 16.09 37.31 -29.94
N TYR A 170 14.87 37.32 -29.40
CA TYR A 170 14.09 38.51 -29.12
C TYR A 170 13.13 38.29 -27.94
N LYS A 171 12.58 39.40 -27.44
CA LYS A 171 11.68 39.45 -26.29
C LYS A 171 10.29 39.81 -26.77
N LYS A 172 9.30 39.04 -26.34
CA LYS A 172 7.94 39.52 -26.48
C LYS A 172 7.03 39.06 -25.37
N THR A 173 5.95 39.81 -25.26
CA THR A 173 4.84 39.49 -24.42
C THR A 173 4.16 38.18 -24.74
N SER A 174 3.98 37.37 -23.70
CA SER A 174 3.49 36.02 -23.84
C SER A 174 2.60 35.58 -22.66
N ALA A 175 1.45 34.98 -22.99
CA ALA A 175 0.47 34.52 -22.00
C ALA A 175 1.00 33.35 -21.19
N VAL A 176 0.94 33.49 -19.87
CA VAL A 176 1.38 32.51 -18.90
C VAL A 176 0.19 32.20 -17.93
N ASN A 177 0.23 31.07 -17.22
CA ASN A 177 -0.78 30.73 -16.16
C ASN A 177 -0.38 31.35 -14.85
N TRP A 178 -1.32 31.97 -14.18
CA TRP A 178 -0.95 32.88 -13.06
C TRP A 178 -1.97 32.83 -11.98
N CYS A 179 -1.59 32.21 -10.87
CA CYS A 179 -2.37 32.28 -9.66
C CYS A 179 -2.14 33.68 -9.10
N PRO A 180 -3.18 34.54 -9.15
CA PRO A 180 -3.07 36.00 -8.98
C PRO A 180 -2.76 36.49 -7.56
N ASN A 181 -3.06 35.61 -6.61
CA ASN A 181 -2.81 35.84 -5.20
C ASN A 181 -1.36 35.47 -4.88
N ASP A 182 -1.00 34.21 -5.11
CA ASP A 182 0.37 33.75 -4.91
C ASP A 182 1.37 34.46 -5.83
N GLN A 183 0.88 35.04 -6.93
CA GLN A 183 1.68 35.88 -7.84
C GLN A 183 2.91 35.15 -8.41
N THR A 184 2.67 33.87 -8.69
CA THR A 184 3.65 32.93 -9.12
C THR A 184 3.11 32.37 -10.43
N VAL A 185 4.00 32.02 -11.34
CA VAL A 185 3.61 31.42 -12.62
C VAL A 185 3.49 29.89 -12.47
N LEU A 186 2.41 29.31 -12.99
CA LEU A 186 2.20 27.85 -12.99
C LEU A 186 2.39 27.19 -14.35
N ALA A 187 3.02 26.03 -14.35
CA ALA A 187 2.98 25.18 -15.52
C ALA A 187 1.58 24.51 -15.68
N ASN A 188 1.24 24.13 -16.90
CA ASN A 188 -0.07 23.52 -17.21
C ASN A 188 -0.35 22.21 -16.43
N GLU A 189 0.70 21.44 -16.10
CA GLU A 189 0.62 20.19 -15.31
C GLU A 189 0.03 20.53 -13.94
N GLN A 190 0.34 21.75 -13.51
CA GLN A 190 -0.09 22.34 -12.23
C GLN A 190 -1.45 22.98 -12.18
N VAL A 191 -2.00 23.43 -13.31
CA VAL A 191 -3.42 23.88 -13.28
C VAL A 191 -4.32 22.63 -13.37
N ILE A 192 -5.34 22.52 -12.51
CA ILE A 192 -6.30 21.35 -12.59
C ILE A 192 -7.79 21.66 -12.32
N ASP A 193 -8.67 20.99 -13.10
CA ASP A 193 -10.15 20.96 -12.93
C ASP A 193 -10.74 22.39 -12.80
N GLY A 194 -9.99 23.35 -13.36
CA GLY A 194 -10.24 24.81 -13.22
C GLY A 194 -9.13 25.49 -12.43
N CYS A 195 -9.26 25.45 -11.10
CA CYS A 195 -8.33 26.04 -10.13
C CYS A 195 -6.87 25.54 -10.23
N CYS A 196 -6.02 26.15 -9.40
CA CYS A 196 -4.67 25.65 -9.15
C CYS A 196 -4.68 24.34 -8.34
N TRP A 197 -3.54 23.65 -8.31
CA TRP A 197 -3.37 22.41 -7.53
C TRP A 197 -2.90 22.57 -6.10
N ARG A 198 -2.58 23.81 -5.69
CA ARG A 198 -2.27 24.13 -4.28
C ARG A 198 -3.55 24.45 -3.51
N CYS A 199 -4.21 25.55 -3.91
CA CYS A 199 -5.34 26.14 -3.15
C CYS A 199 -6.59 26.44 -3.98
N ASP A 200 -7.62 26.94 -3.33
CA ASP A 200 -8.83 27.38 -4.02
C ASP A 200 -8.78 28.85 -4.49
N THR A 201 -8.00 29.07 -5.55
CA THR A 201 -8.12 30.29 -6.35
C THR A 201 -7.85 29.94 -7.83
N LYS A 202 -8.61 30.60 -8.70
CA LYS A 202 -8.61 30.28 -10.13
C LYS A 202 -7.42 30.89 -10.87
N VAL A 203 -6.85 30.11 -11.78
CA VAL A 203 -5.69 30.53 -12.55
C VAL A 203 -6.13 31.65 -13.48
N GLU A 204 -5.21 32.51 -13.89
CA GLU A 204 -5.53 33.53 -14.87
C GLU A 204 -4.44 33.67 -15.93
N ARG A 205 -4.83 34.06 -17.14
CA ARG A 205 -3.90 34.50 -18.17
C ARG A 205 -3.15 35.72 -17.67
N LYS A 206 -1.85 35.79 -17.90
CA LYS A 206 -1.11 37.04 -17.72
C LYS A 206 0.00 37.15 -18.76
N GLU A 207 0.19 38.37 -19.26
CA GLU A 207 0.99 38.56 -20.44
C GLU A 207 2.22 39.12 -19.84
N ILE A 208 3.33 38.46 -20.06
CA ILE A 208 4.55 38.75 -19.36
C ILE A 208 5.61 38.73 -20.45
N PRO A 209 6.50 39.73 -20.50
CA PRO A 209 7.52 39.72 -21.57
C PRO A 209 8.48 38.61 -21.35
N GLN A 210 8.87 37.87 -22.40
CA GLN A 210 9.79 36.72 -22.26
C GLN A 210 10.70 36.52 -23.47
N TRP A 211 11.74 35.72 -23.31
CA TRP A 211 12.75 35.56 -24.33
C TRP A 211 12.35 34.47 -25.29
N PHE A 212 12.63 34.69 -26.58
CA PHE A 212 12.27 33.74 -27.67
C PHE A 212 13.42 33.46 -28.67
N ILE A 213 13.55 32.22 -29.09
CA ILE A 213 14.50 31.84 -30.13
C ILE A 213 13.68 31.63 -31.39
N LYS A 214 14.08 32.25 -32.50
CA LYS A 214 13.33 32.23 -33.75
C LYS A 214 13.56 30.90 -34.46
N ILE A 215 13.06 29.83 -33.88
CA ILE A 215 13.02 28.56 -34.58
C ILE A 215 12.29 28.67 -35.91
N THR A 216 11.45 29.68 -36.11
CA THR A 216 10.68 29.83 -37.36
C THR A 216 11.55 30.32 -38.50
N ALA A 217 12.69 30.95 -38.18
CA ALA A 217 13.73 31.23 -39.20
C ALA A 217 14.28 29.94 -39.84
N TYR A 218 14.22 28.83 -39.15
CA TYR A 218 14.62 27.52 -39.72
C TYR A 218 13.49 26.61 -40.11
N ALA A 219 12.27 27.13 -40.17
CA ALA A 219 11.12 26.27 -40.46
C ALA A 219 11.24 25.51 -41.82
N ASP A 220 11.60 26.19 -42.89
CA ASP A 220 11.68 25.54 -44.19
C ASP A 220 12.73 24.48 -44.23
N GLU A 221 13.87 24.73 -43.62
CA GLU A 221 14.88 23.73 -43.62
C GLU A 221 14.48 22.52 -42.78
N LEU A 222 13.86 22.79 -41.64
CA LEU A 222 13.37 21.70 -40.81
C LEU A 222 12.28 20.90 -41.59
N LEU A 223 11.43 21.59 -42.33
CA LEU A 223 10.39 20.90 -43.08
C LEU A 223 10.99 20.11 -44.21
N ASN A 224 11.79 20.75 -45.04
CA ASN A 224 12.39 20.11 -46.22
C ASN A 224 13.22 18.86 -45.89
N ASP A 225 14.05 18.97 -44.85
CA ASP A 225 15.07 17.91 -44.62
C ASP A 225 14.44 16.65 -44.08
N LEU A 226 13.12 16.66 -43.87
CA LEU A 226 12.41 15.43 -43.48
C LEU A 226 12.45 14.44 -44.61
N ASP A 227 12.46 14.94 -45.84
CA ASP A 227 12.59 14.07 -47.02
C ASP A 227 13.96 13.38 -47.17
N LYS A 228 14.94 13.76 -46.35
CA LYS A 228 16.27 13.17 -46.34
C LYS A 228 16.44 12.17 -45.22
N LEU A 229 15.46 12.05 -44.34
CA LEU A 229 15.61 11.22 -43.12
C LEU A 229 14.91 9.94 -43.41
N ASP A 230 15.48 9.17 -44.33
CA ASP A 230 14.81 7.93 -44.77
C ASP A 230 14.87 6.83 -43.76
N HIS A 231 15.65 6.98 -42.69
CA HIS A 231 15.66 6.01 -41.60
C HIS A 231 15.01 6.48 -40.33
N TRP A 232 14.17 7.48 -40.45
CA TRP A 232 13.25 7.87 -39.40
C TRP A 232 11.91 7.35 -39.80
N PRO A 233 11.08 6.96 -38.85
CA PRO A 233 9.74 6.48 -39.20
C PRO A 233 8.77 7.57 -39.60
N ASP A 234 7.79 7.20 -40.43
CA ASP A 234 6.87 8.14 -40.99
C ASP A 234 5.92 8.70 -39.96
N THR A 235 5.60 7.92 -38.92
CA THR A 235 4.81 8.49 -37.81
C THR A 235 5.40 9.86 -37.38
N VAL A 236 6.70 9.89 -37.05
CA VAL A 236 7.35 11.06 -36.52
C VAL A 236 7.46 12.17 -37.62
N LYS A 237 7.68 11.77 -38.87
CA LYS A 237 7.92 12.74 -39.92
C LYS A 237 6.66 13.52 -40.17
N THR A 238 5.56 12.82 -40.42
CA THR A 238 4.23 13.45 -40.50
C THR A 238 3.82 14.26 -39.27
N MET A 239 4.01 13.74 -38.06
CA MET A 239 3.66 14.51 -36.88
C MET A 239 4.39 15.84 -36.94
N GLN A 240 5.69 15.82 -37.21
CA GLN A 240 6.44 17.06 -37.44
C GLN A 240 6.05 17.88 -38.65
N ARG A 241 5.70 17.37 -39.82
CA ARG A 241 5.26 18.29 -40.87
C ARG A 241 4.01 19.03 -40.46
N ASN A 242 3.09 18.31 -39.84
CA ASN A 242 1.77 18.81 -39.48
C ASN A 242 1.89 19.82 -38.33
N TRP A 243 2.98 19.72 -37.57
CA TRP A 243 3.25 20.63 -36.47
C TRP A 243 3.85 21.89 -36.98
N ILE A 244 4.75 21.76 -37.95
CA ILE A 244 5.31 22.94 -38.61
C ILE A 244 4.21 23.70 -39.38
N GLY A 245 3.43 22.99 -40.16
CA GLY A 245 2.26 23.55 -40.76
C GLY A 245 2.55 24.65 -41.74
N ARG A 246 3.32 24.37 -42.77
CA ARG A 246 3.60 25.42 -43.73
C ARG A 246 2.38 25.65 -44.56
N SER A 247 2.24 26.89 -44.99
CA SER A 247 1.04 27.40 -45.62
C SER A 247 1.41 28.63 -46.42
N GLU A 248 0.91 28.74 -47.65
CA GLU A 248 0.96 29.98 -48.47
C GLU A 248 -0.39 30.64 -48.53
N GLY A 249 -0.44 31.95 -48.36
CA GLY A 249 -1.71 32.64 -48.35
C GLY A 249 -1.52 34.09 -48.63
N VAL A 250 -2.46 34.88 -48.14
CA VAL A 250 -2.48 36.30 -48.31
C VAL A 250 -2.76 36.92 -46.95
N GLU A 251 -2.23 38.12 -46.75
CA GLU A 251 -2.52 38.93 -45.60
C GLU A 251 -3.29 40.15 -46.10
N ILE A 252 -4.50 40.32 -45.59
CA ILE A 252 -5.38 41.38 -46.06
C ILE A 252 -5.53 42.36 -44.95
N THR A 253 -5.50 43.65 -45.29
CA THR A 253 -5.59 44.77 -44.33
C THR A 253 -6.92 45.51 -44.52
N PHE A 254 -7.59 45.79 -43.41
CA PHE A 254 -8.90 46.44 -43.41
C PHE A 254 -8.85 47.77 -42.71
N ASN A 255 -9.61 48.73 -43.22
CA ASN A 255 -9.89 49.94 -42.44
C ASN A 255 -11.18 49.73 -41.61
N VAL A 256 -11.33 50.55 -40.58
CA VAL A 256 -12.42 50.44 -39.62
C VAL A 256 -12.98 51.85 -39.38
N ASN A 257 -14.31 51.93 -39.36
CA ASN A 257 -15.04 53.19 -39.52
C ASN A 257 -14.64 54.27 -38.52
N ASP A 258 -14.81 54.02 -37.23
CA ASP A 258 -14.47 55.10 -36.27
C ASP A 258 -13.37 54.60 -35.34
N TYR A 259 -12.22 54.38 -35.96
CA TYR A 259 -11.06 53.76 -35.34
C TYR A 259 -9.95 54.21 -36.31
N ASP A 260 -8.87 54.76 -35.79
CA ASP A 260 -7.77 55.28 -36.66
C ASP A 260 -6.63 54.24 -36.92
N ASN A 261 -6.92 52.97 -36.68
CA ASN A 261 -5.96 51.89 -36.89
C ASN A 261 -6.57 50.83 -37.80
N THR A 262 -5.71 50.19 -38.60
CA THR A 262 -6.08 49.10 -39.49
C THR A 262 -6.07 47.75 -38.76
N LEU A 263 -6.71 46.76 -39.35
CA LEU A 263 -6.77 45.37 -38.88
C LEU A 263 -6.12 44.53 -39.97
N THR A 264 -5.31 43.54 -39.64
CA THR A 264 -4.77 42.64 -40.64
C THR A 264 -5.09 41.20 -40.28
N VAL A 265 -5.53 40.46 -41.30
CA VAL A 265 -5.82 39.04 -41.17
C VAL A 265 -4.97 38.30 -42.18
N TYR A 266 -4.84 37.00 -41.97
CA TYR A 266 -4.13 36.12 -42.89
C TYR A 266 -5.12 35.00 -43.28
N THR A 267 -5.27 34.69 -44.55
CA THR A 267 -6.08 33.58 -44.98
C THR A 267 -5.36 32.70 -45.97
N THR A 268 -5.64 31.40 -45.90
CA THR A 268 -5.20 30.48 -46.96
C THR A 268 -6.26 30.37 -48.07
N ARG A 269 -7.44 30.97 -47.86
CA ARG A 269 -8.55 30.87 -48.83
C ARG A 269 -8.96 32.23 -49.37
N PRO A 270 -7.99 32.96 -49.97
CA PRO A 270 -8.33 34.22 -50.59
C PRO A 270 -9.47 34.01 -51.63
N ASP A 271 -9.47 32.86 -52.30
CA ASP A 271 -10.63 32.49 -53.13
C ASP A 271 -12.03 32.62 -52.47
N THR A 272 -12.17 32.42 -51.18
CA THR A 272 -13.45 32.60 -50.52
C THR A 272 -13.71 34.03 -50.02
N PHE A 273 -12.79 34.95 -50.30
CA PHE A 273 -12.86 36.29 -49.74
C PHE A 273 -14.22 36.97 -49.87
N MET A 274 -14.87 36.84 -51.01
CA MET A 274 -16.10 37.64 -51.18
C MET A 274 -17.22 37.17 -50.27
N GLY A 275 -16.95 36.10 -49.51
CA GLY A 275 -17.90 35.55 -48.55
C GLY A 275 -17.53 35.90 -47.13
N CYS A 276 -16.57 36.80 -46.97
CA CYS A 276 -16.23 37.28 -45.63
C CYS A 276 -17.40 38.14 -45.13
N THR A 277 -18.18 37.59 -44.20
CA THR A 277 -19.28 38.30 -43.54
C THR A 277 -19.03 38.86 -42.10
N TYR A 278 -17.91 38.54 -41.44
CA TYR A 278 -17.52 39.28 -40.24
C TYR A 278 -16.06 39.12 -39.93
N LEU A 279 -15.55 39.94 -39.02
CA LEU A 279 -14.22 39.74 -38.43
C LEU A 279 -14.31 39.38 -36.92
N ALA A 280 -13.36 38.58 -36.48
CA ALA A 280 -13.16 38.32 -35.07
C ALA A 280 -11.77 38.86 -34.65
N VAL A 281 -11.76 39.50 -33.50
CA VAL A 281 -10.57 40.09 -32.94
C VAL A 281 -10.43 39.51 -31.51
N ALA A 282 -9.20 39.47 -30.97
CA ALA A 282 -8.97 38.81 -29.67
C ALA A 282 -9.56 39.65 -28.55
N ALA A 283 -9.88 39.02 -27.43
CA ALA A 283 -10.33 39.76 -26.26
C ALA A 283 -9.31 40.89 -25.98
N GLY A 284 -8.02 40.62 -26.14
CA GLY A 284 -6.98 41.61 -25.80
C GLY A 284 -6.53 42.53 -26.91
N HIS A 285 -7.26 42.52 -28.03
CA HIS A 285 -6.90 43.38 -29.15
C HIS A 285 -7.30 44.78 -28.82
N PRO A 286 -6.49 45.77 -29.26
CA PRO A 286 -6.77 47.18 -28.91
C PRO A 286 -8.20 47.65 -29.20
N LEU A 287 -8.69 47.32 -30.39
CA LEU A 287 -10.03 47.66 -30.81
C LEU A 287 -11.08 47.21 -29.81
N ALA A 288 -11.05 45.94 -29.41
CA ALA A 288 -12.00 45.42 -28.40
C ALA A 288 -11.92 46.19 -27.05
N GLN A 289 -10.71 46.69 -26.72
CA GLN A 289 -10.48 47.47 -25.49
C GLN A 289 -11.10 48.86 -25.62
N LYS A 290 -10.86 49.51 -26.74
CA LYS A 290 -11.45 50.80 -27.06
C LYS A 290 -12.98 50.70 -27.03
N ALA A 291 -13.52 49.66 -27.65
CA ALA A 291 -14.98 49.47 -27.74
C ALA A 291 -15.59 49.15 -26.37
N ALA A 292 -14.89 48.31 -25.60
CA ALA A 292 -15.37 47.90 -24.28
C ALA A 292 -15.56 49.06 -23.28
N GLU A 293 -15.03 50.24 -23.57
CA GLU A 293 -15.17 51.43 -22.72
C GLU A 293 -16.60 51.90 -22.51
N ASN A 294 -17.40 51.76 -23.55
CA ASN A 294 -18.77 52.25 -23.62
C ASN A 294 -19.79 51.11 -23.69
N ASN A 295 -19.29 49.88 -23.79
CA ASN A 295 -20.10 48.67 -23.90
C ASN A 295 -19.83 47.75 -22.70
N PRO A 296 -20.75 47.73 -21.73
CA PRO A 296 -20.56 46.89 -20.56
C PRO A 296 -20.76 45.39 -20.80
N GLU A 297 -21.47 45.00 -21.86
CA GLU A 297 -21.61 43.58 -22.23
C GLU A 297 -20.23 43.07 -22.73
N LEU A 298 -19.58 43.90 -23.54
CA LEU A 298 -18.28 43.59 -24.09
C LEU A 298 -17.23 43.55 -22.99
N ALA A 299 -17.22 44.55 -22.13
CA ALA A 299 -16.23 44.66 -21.06
C ALA A 299 -16.25 43.44 -20.16
N ALA A 300 -17.44 42.92 -19.88
CA ALA A 300 -17.62 41.77 -18.98
C ALA A 300 -17.20 40.48 -19.67
N PHE A 301 -17.35 40.43 -20.99
CA PHE A 301 -16.87 39.31 -21.76
C PHE A 301 -15.34 39.31 -21.90
N ILE A 302 -14.71 40.49 -21.97
CA ILE A 302 -13.24 40.60 -22.04
C ILE A 302 -12.64 40.19 -20.71
N ASP A 303 -13.24 40.65 -19.63
CA ASP A 303 -12.79 40.27 -18.31
C ASP A 303 -13.02 38.78 -18.12
N GLU A 304 -14.07 38.26 -18.75
CA GLU A 304 -14.33 36.80 -18.76
C GLU A 304 -13.17 36.10 -19.46
N CYS A 305 -12.69 36.65 -20.56
CA CYS A 305 -11.60 36.04 -21.32
C CYS A 305 -10.22 35.88 -20.60
N ARG A 306 -9.99 36.45 -19.41
CA ARG A 306 -8.71 36.23 -18.73
C ARG A 306 -8.58 34.84 -18.17
N ASN A 307 -9.64 34.07 -18.24
CA ASN A 307 -9.64 32.77 -17.57
C ASN A 307 -9.52 31.65 -18.60
N THR A 308 -9.69 32.01 -19.87
CA THR A 308 -9.22 31.19 -20.99
C THR A 308 -7.85 30.63 -20.66
N LYS A 309 -7.70 29.30 -20.72
CA LYS A 309 -6.42 28.70 -20.34
C LYS A 309 -5.42 28.68 -21.52
N VAL A 310 -4.14 28.58 -21.16
CA VAL A 310 -3.05 28.59 -22.12
C VAL A 310 -2.71 27.15 -22.52
N ALA A 311 -3.36 26.66 -23.58
CA ALA A 311 -3.24 25.25 -23.89
C ALA A 311 -4.20 25.00 -25.03
N GLU A 312 -3.68 24.54 -26.16
CA GLU A 312 -4.51 24.26 -27.32
C GLU A 312 -5.69 23.40 -26.95
N ALA A 313 -5.43 22.29 -26.27
CA ALA A 313 -6.51 21.40 -25.84
C ALA A 313 -7.73 22.18 -25.36
N GLU A 314 -7.71 22.66 -24.10
CA GLU A 314 -8.88 23.29 -23.47
C GLU A 314 -9.35 24.52 -24.27
N MET A 315 -8.43 25.24 -24.90
CA MET A 315 -8.77 26.33 -25.88
C MET A 315 -9.69 25.96 -27.10
N ALA A 316 -9.82 24.68 -27.41
CA ALA A 316 -10.49 24.22 -28.63
C ALA A 316 -11.73 23.39 -28.34
N THR A 317 -11.88 22.93 -27.11
CA THR A 317 -13.10 22.30 -26.67
C THR A 317 -14.08 23.36 -26.16
N MET A 318 -13.57 24.40 -25.48
CA MET A 318 -14.40 25.46 -24.86
C MET A 318 -15.56 25.80 -25.81
N GLU A 319 -16.72 26.23 -25.29
CA GLU A 319 -17.76 26.76 -26.19
C GLU A 319 -17.18 28.03 -26.82
N LYS A 320 -17.35 28.17 -28.13
CA LYS A 320 -16.89 29.34 -28.84
C LYS A 320 -17.83 30.46 -28.46
N LYS A 321 -17.29 31.61 -28.08
CA LYS A 321 -18.11 32.70 -27.53
C LYS A 321 -17.61 34.01 -28.04
N GLY A 322 -18.54 34.97 -28.09
CA GLY A 322 -18.28 36.28 -28.64
C GLY A 322 -19.30 37.33 -28.27
N VAL A 323 -18.84 38.58 -28.39
CA VAL A 323 -19.66 39.76 -28.28
C VAL A 323 -19.34 40.70 -29.44
N ASP A 324 -20.40 41.29 -30.01
CA ASP A 324 -20.27 42.33 -31.02
C ASP A 324 -19.62 43.59 -30.49
N THR A 325 -18.69 44.10 -31.25
CA THR A 325 -17.81 45.19 -30.87
C THR A 325 -18.52 46.49 -31.09
N GLY A 326 -19.56 46.47 -31.93
CA GLY A 326 -20.18 47.70 -32.41
C GLY A 326 -19.46 48.35 -33.59
N PHE A 327 -18.18 48.01 -33.80
CA PHE A 327 -17.36 48.59 -34.86
C PHE A 327 -17.57 47.83 -36.15
N LYS A 328 -17.25 48.47 -37.27
CA LYS A 328 -17.64 47.97 -38.58
C LYS A 328 -16.47 48.28 -39.54
N ALA A 329 -15.96 47.21 -40.13
CA ALA A 329 -14.79 47.19 -40.99
C ALA A 329 -15.29 47.21 -42.42
N VAL A 330 -14.54 47.79 -43.34
CA VAL A 330 -15.03 47.91 -44.68
C VAL A 330 -14.39 46.83 -45.54
N HIS A 331 -15.22 45.98 -46.14
CA HIS A 331 -14.71 44.95 -47.02
C HIS A 331 -14.08 45.66 -48.16
N PRO A 332 -12.82 45.37 -48.45
CA PRO A 332 -12.25 46.30 -49.44
C PRO A 332 -12.60 45.99 -50.91
N LEU A 333 -13.30 44.90 -51.19
CA LEU A 333 -13.77 44.63 -52.56
C LEU A 333 -15.22 44.92 -52.73
N THR A 334 -16.00 44.84 -51.66
CA THR A 334 -17.41 45.12 -51.84
C THR A 334 -17.82 46.48 -51.28
N GLY A 335 -16.94 47.13 -50.51
CA GLY A 335 -17.32 48.34 -49.77
C GLY A 335 -18.43 48.15 -48.71
N GLU A 336 -18.85 46.90 -48.47
CA GLU A 336 -19.85 46.52 -47.45
C GLU A 336 -19.29 46.48 -45.98
N GLU A 337 -19.89 47.30 -45.10
CA GLU A 337 -19.60 47.29 -43.66
C GLU A 337 -19.80 45.86 -43.18
N ILE A 338 -18.77 45.28 -42.55
CA ILE A 338 -18.91 44.01 -41.90
C ILE A 338 -18.59 44.13 -40.39
N PRO A 339 -19.36 43.44 -39.54
CA PRO A 339 -19.15 43.61 -38.10
C PRO A 339 -17.87 43.00 -37.59
N VAL A 340 -17.28 43.64 -36.61
CA VAL A 340 -16.18 43.09 -35.93
C VAL A 340 -16.69 42.59 -34.60
N TRP A 341 -16.49 41.32 -34.32
CA TRP A 341 -16.78 40.74 -33.02
C TRP A 341 -15.49 40.43 -32.27
N ALA A 342 -15.60 40.37 -30.93
CA ALA A 342 -14.57 39.84 -30.06
C ALA A 342 -14.94 38.40 -29.79
N ALA A 343 -13.94 37.52 -29.72
CA ALA A 343 -14.19 36.09 -29.71
C ALA A 343 -13.13 35.40 -28.85
N ASN A 344 -13.50 34.32 -28.17
CA ASN A 344 -12.61 33.72 -27.15
C ASN A 344 -11.61 32.67 -27.72
N PHE A 345 -11.54 32.60 -29.06
CA PHE A 345 -10.63 31.68 -29.77
C PHE A 345 -9.61 32.42 -30.66
N VAL A 346 -9.49 33.73 -30.49
CA VAL A 346 -8.54 34.49 -31.30
C VAL A 346 -7.57 35.09 -30.27
N LEU A 347 -6.29 34.76 -30.36
CA LEU A 347 -5.33 35.27 -29.34
C LEU A 347 -4.29 36.20 -29.96
N MET A 348 -4.27 37.39 -29.40
CA MET A 348 -3.34 38.47 -29.72
C MET A 348 -1.90 38.01 -29.93
N GLU A 349 -1.51 37.01 -29.14
CA GLU A 349 -0.14 36.54 -29.05
C GLU A 349 0.29 35.72 -30.27
N TYR A 350 -0.63 34.95 -30.86
CA TYR A 350 -0.30 34.11 -32.02
C TYR A 350 -0.95 34.64 -33.29
N GLY A 351 -0.16 35.26 -34.15
CA GLY A 351 -0.68 35.96 -35.32
C GLY A 351 -0.93 37.42 -35.01
N THR A 352 -1.78 38.03 -35.82
CA THR A 352 -2.04 39.48 -35.81
C THR A 352 -3.23 39.90 -34.90
N GLY A 353 -3.75 38.97 -34.10
CA GLY A 353 -4.94 39.20 -33.27
C GLY A 353 -6.27 39.45 -33.98
N ALA A 354 -6.32 39.18 -35.29
CA ALA A 354 -7.57 39.27 -36.07
C ALA A 354 -7.68 38.21 -37.21
N VAL A 355 -8.86 37.65 -37.39
CA VAL A 355 -9.10 36.71 -38.46
C VAL A 355 -10.35 37.13 -39.21
N MET A 356 -10.55 36.58 -40.39
CA MET A 356 -11.74 36.89 -41.15
C MET A 356 -12.55 35.63 -41.19
N ALA A 357 -13.87 35.79 -41.12
CA ALA A 357 -14.74 34.65 -41.09
C ALA A 357 -15.47 34.56 -42.40
N VAL A 358 -15.54 33.33 -42.92
CA VAL A 358 -16.34 33.00 -44.10
C VAL A 358 -17.15 31.77 -43.73
N PRO A 359 -18.30 32.01 -43.13
CA PRO A 359 -19.12 30.96 -42.55
C PRO A 359 -19.65 29.96 -43.54
N GLY A 360 -19.87 30.39 -44.77
CA GLY A 360 -20.28 29.43 -45.81
C GLY A 360 -19.20 28.36 -46.07
N HIS A 361 -17.95 28.71 -45.82
CA HIS A 361 -16.90 27.80 -46.18
C HIS A 361 -15.84 27.51 -45.17
N ASP A 362 -16.08 27.81 -43.91
CA ASP A 362 -15.19 27.37 -42.86
C ASP A 362 -16.04 26.85 -41.74
N GLN A 363 -15.83 25.62 -41.32
CA GLN A 363 -16.78 25.00 -40.42
C GLN A 363 -16.86 25.74 -39.08
N ARG A 364 -15.71 26.09 -38.50
CA ARG A 364 -15.70 26.79 -37.21
C ARG A 364 -16.49 28.11 -37.32
N ASP A 365 -16.32 28.81 -38.44
CA ASP A 365 -17.04 30.07 -38.69
C ASP A 365 -18.54 29.89 -38.89
N TYR A 366 -18.92 28.75 -39.43
CA TYR A 366 -20.34 28.41 -39.61
C TYR A 366 -21.02 28.37 -38.25
N GLU A 367 -20.45 27.55 -37.36
CA GLU A 367 -20.96 27.27 -36.01
C GLU A 367 -21.11 28.58 -35.16
N PHE A 368 -20.18 29.50 -35.33
CA PHE A 368 -20.21 30.74 -34.59
C PHE A 368 -21.35 31.61 -35.11
N ALA A 369 -21.37 31.74 -36.43
CA ALA A 369 -22.44 32.47 -37.14
C ALA A 369 -23.83 31.87 -36.88
N SER A 370 -23.98 30.55 -36.93
CA SER A 370 -25.23 29.89 -36.50
C SER A 370 -25.70 30.32 -35.11
N LYS A 371 -24.77 30.35 -34.15
CA LYS A 371 -25.07 30.66 -32.74
C LYS A 371 -25.55 32.10 -32.54
N TYR A 372 -24.88 33.03 -33.20
CA TYR A 372 -25.09 34.46 -32.99
C TYR A 372 -25.75 35.13 -34.20
N GLY A 373 -26.46 34.32 -35.00
CA GLY A 373 -27.21 34.81 -36.18
C GLY A 373 -26.47 35.79 -37.08
N LEU A 374 -25.22 35.51 -37.45
CA LEU A 374 -24.47 36.33 -38.46
C LEU A 374 -24.70 35.81 -39.87
N ASN A 375 -24.54 36.66 -40.89
CA ASN A 375 -24.88 36.26 -42.25
C ASN A 375 -23.92 35.21 -42.77
N ILE A 376 -24.49 34.10 -43.23
CA ILE A 376 -23.73 32.99 -43.83
C ILE A 376 -23.86 33.05 -45.38
N LYS A 377 -22.87 33.60 -46.07
CA LYS A 377 -22.94 33.88 -47.53
C LYS A 377 -22.19 32.82 -48.40
N PRO A 378 -22.87 32.12 -49.32
CA PRO A 378 -22.18 31.15 -50.19
C PRO A 378 -21.53 31.84 -51.39
N VAL A 379 -20.27 31.55 -51.65
CA VAL A 379 -19.51 32.07 -52.82
C VAL A 379 -18.69 31.02 -53.62
N ILE A 380 -18.90 29.74 -53.35
CA ILE A 380 -18.17 28.66 -54.00
C ILE A 380 -19.16 27.59 -54.41
N LEU A 381 -19.12 27.20 -55.68
CA LEU A 381 -20.05 26.21 -56.19
C LEU A 381 -19.58 24.80 -55.79
N ALA A 382 -20.57 23.91 -55.64
CA ALA A 382 -20.33 22.46 -55.52
C ALA A 382 -19.63 21.85 -56.76
N ALA A 383 -19.24 20.58 -56.70
CA ALA A 383 -18.41 19.93 -57.74
C ALA A 383 -19.08 19.95 -59.11
N ASP A 384 -20.39 19.69 -59.12
CA ASP A 384 -21.24 19.81 -60.34
C ASP A 384 -21.70 21.23 -60.74
N GLY A 385 -21.26 22.26 -60.04
CA GLY A 385 -21.54 23.62 -60.47
C GLY A 385 -22.86 24.25 -60.09
N SER A 386 -23.68 23.58 -59.27
CA SER A 386 -24.75 24.34 -58.62
C SER A 386 -24.41 24.90 -57.23
N GLU A 387 -25.37 25.67 -56.73
CA GLU A 387 -25.17 26.47 -55.52
C GLU A 387 -25.19 25.51 -54.36
N PRO A 388 -24.29 25.71 -53.42
CA PRO A 388 -24.14 24.73 -52.37
C PRO A 388 -25.29 24.81 -51.40
N ASP A 389 -25.53 23.68 -50.75
CA ASP A 389 -26.51 23.56 -49.69
C ASP A 389 -25.86 23.85 -48.32
N LEU A 390 -26.20 24.98 -47.72
CA LEU A 390 -25.50 25.42 -46.50
C LEU A 390 -26.38 25.30 -45.26
N SER A 391 -27.61 24.81 -45.46
CA SER A 391 -28.54 24.51 -44.38
C SER A 391 -27.96 23.74 -43.17
N GLN A 392 -27.01 22.83 -43.38
CA GLN A 392 -26.51 22.01 -42.27
C GLN A 392 -25.06 22.26 -41.87
N GLN A 393 -24.22 22.77 -42.79
CA GLN A 393 -22.76 22.88 -42.57
C GLN A 393 -22.04 23.58 -43.71
N ALA A 394 -20.88 24.14 -43.41
CA ALA A 394 -20.08 24.87 -44.39
C ALA A 394 -19.57 23.89 -45.49
N LEU A 395 -19.50 24.37 -46.73
CA LEU A 395 -18.80 23.70 -47.80
C LEU A 395 -17.31 24.08 -47.79
N THR A 396 -16.48 23.11 -47.44
CA THR A 396 -15.04 23.27 -47.23
C THR A 396 -14.17 23.02 -48.51
N GLU A 397 -14.69 22.16 -49.41
CA GLU A 397 -14.06 21.78 -50.71
C GLU A 397 -13.91 22.98 -51.65
N LYS A 398 -12.73 23.08 -52.28
CA LYS A 398 -12.46 24.14 -53.22
C LYS A 398 -13.38 23.99 -54.44
N GLY A 399 -13.66 25.09 -55.14
CA GLY A 399 -14.64 25.08 -56.23
C GLY A 399 -14.59 26.30 -57.12
N VAL A 400 -15.50 26.36 -58.09
CA VAL A 400 -15.71 27.56 -58.90
C VAL A 400 -16.44 28.62 -58.09
N LEU A 401 -16.15 29.88 -58.37
CA LEU A 401 -16.72 31.02 -57.64
C LEU A 401 -18.00 31.56 -58.30
N PHE A 402 -18.98 31.88 -57.47
CA PHE A 402 -20.09 32.71 -57.87
C PHE A 402 -20.36 33.70 -56.73
N ASN A 403 -21.31 34.62 -56.95
CA ASN A 403 -21.70 35.58 -55.94
C ASN A 403 -20.54 36.52 -55.57
N SER A 404 -19.63 36.72 -56.50
CA SER A 404 -18.28 37.19 -56.21
C SER A 404 -17.81 38.26 -57.17
N GLY A 405 -18.80 38.94 -57.76
CA GLY A 405 -18.60 40.05 -58.68
C GLY A 405 -17.75 39.61 -59.84
N GLU A 406 -16.64 40.33 -60.04
CA GLU A 406 -15.80 40.10 -61.21
C GLU A 406 -14.98 38.82 -61.20
N PHE A 407 -14.92 38.17 -60.05
CA PHE A 407 -14.19 36.91 -59.91
C PHE A 407 -15.03 35.66 -60.24
N ASN A 408 -16.34 35.83 -60.44
CA ASN A 408 -17.25 34.73 -60.80
C ASN A 408 -16.73 33.92 -61.95
N GLY A 409 -16.91 32.61 -61.82
CA GLY A 409 -16.50 31.72 -62.89
C GLY A 409 -15.10 31.14 -62.76
N LEU A 410 -14.15 31.88 -62.15
CA LEU A 410 -12.80 31.34 -62.04
C LEU A 410 -12.79 30.16 -61.06
N ASP A 411 -11.95 29.17 -61.38
CA ASP A 411 -11.70 28.02 -60.51
C ASP A 411 -10.85 28.46 -59.31
N HIS A 412 -10.39 27.46 -58.55
CA HIS A 412 -9.68 27.72 -57.30
C HIS A 412 -8.36 28.40 -57.50
N GLU A 413 -7.46 27.80 -58.27
CA GLU A 413 -6.18 28.42 -58.58
C GLU A 413 -6.32 29.84 -59.08
N ALA A 414 -7.20 29.99 -60.07
CA ALA A 414 -7.35 31.25 -60.77
C ALA A 414 -7.84 32.34 -59.82
N ALA A 415 -8.89 32.04 -59.06
CA ALA A 415 -9.49 33.00 -58.10
C ALA A 415 -8.50 33.39 -57.01
N PHE A 416 -7.73 32.42 -56.51
CA PHE A 416 -6.61 32.70 -55.61
C PHE A 416 -5.75 33.80 -56.20
N ASN A 417 -5.29 33.57 -57.41
CA ASN A 417 -4.35 34.50 -58.03
C ASN A 417 -4.92 35.89 -58.38
N ALA A 418 -6.15 35.94 -58.85
CA ALA A 418 -6.83 37.22 -59.12
C ALA A 418 -7.19 38.02 -57.86
N ILE A 419 -7.63 37.34 -56.83
CA ILE A 419 -7.94 38.06 -55.64
C ILE A 419 -6.63 38.54 -55.05
N ALA A 420 -5.62 37.70 -55.09
CA ALA A 420 -4.31 38.09 -54.54
C ALA A 420 -3.76 39.37 -55.23
N ASP A 421 -3.82 39.32 -56.56
CA ASP A 421 -3.33 40.38 -57.39
C ASP A 421 -4.15 41.66 -57.30
N LYS A 422 -5.46 41.57 -57.35
CA LYS A 422 -6.26 42.74 -57.12
C LYS A 422 -5.84 43.36 -55.81
N LEU A 423 -5.81 42.52 -54.77
CA LEU A 423 -5.46 42.97 -53.41
C LEU A 423 -4.07 43.64 -53.27
N THR A 424 -3.09 43.11 -53.99
CA THR A 424 -1.79 43.75 -54.04
C THR A 424 -1.91 45.09 -54.70
N ALA A 425 -2.54 45.13 -55.89
CA ALA A 425 -2.79 46.36 -56.64
C ALA A 425 -3.24 47.48 -55.73
N MET A 426 -4.31 47.24 -55.00
CA MET A 426 -4.94 48.19 -54.09
C MET A 426 -4.04 48.57 -52.90
N GLY A 427 -3.06 47.71 -52.64
CA GLY A 427 -2.02 47.94 -51.64
C GLY A 427 -2.49 47.56 -50.27
N VAL A 428 -3.43 46.64 -50.17
CA VAL A 428 -3.95 46.23 -48.86
C VAL A 428 -3.83 44.72 -48.64
N GLY A 429 -3.28 43.99 -49.61
CA GLY A 429 -3.02 42.57 -49.46
C GLY A 429 -1.62 42.23 -49.86
N GLU A 430 -1.09 41.13 -49.34
CA GLU A 430 0.18 40.61 -49.83
C GLU A 430 0.28 39.11 -49.61
N ARG A 431 0.89 38.41 -50.57
CA ARG A 431 1.19 37.01 -50.43
C ARG A 431 2.16 36.83 -49.27
N LYS A 432 2.05 35.68 -48.63
CA LYS A 432 2.81 35.43 -47.41
C LYS A 432 2.83 33.94 -47.14
N VAL A 433 4.04 33.46 -46.83
CA VAL A 433 4.23 32.11 -46.29
C VAL A 433 4.01 32.16 -44.78
N ASN A 434 3.47 31.10 -44.23
CA ASN A 434 3.08 31.14 -42.86
C ASN A 434 3.14 29.75 -42.25
N TYR A 435 3.44 29.68 -40.95
CA TYR A 435 3.61 28.42 -40.25
C TYR A 435 2.81 28.32 -39.00
N ARG A 436 2.36 27.10 -38.73
CA ARG A 436 1.72 26.82 -37.47
C ARG A 436 2.81 26.90 -36.36
N LEU A 437 4.01 26.40 -36.59
CA LEU A 437 5.13 26.64 -35.70
C LEU A 437 5.28 28.08 -35.25
N ARG A 438 5.39 28.25 -33.94
CA ARG A 438 5.66 29.51 -33.28
C ARG A 438 7.03 29.46 -32.67
N ASP A 439 7.59 30.59 -32.38
CA ASP A 439 8.92 30.58 -31.88
C ASP A 439 8.90 30.03 -30.45
N TRP A 440 10.11 29.69 -30.04
CA TRP A 440 10.40 28.87 -28.89
C TRP A 440 10.67 29.79 -27.68
N GLY A 441 9.68 29.80 -26.78
CA GLY A 441 9.78 30.55 -25.53
C GLY A 441 10.64 29.87 -24.52
N VAL A 442 11.77 30.47 -24.20
CA VAL A 442 12.71 29.79 -23.27
C VAL A 442 12.84 30.41 -21.87
N SER A 443 12.05 31.42 -21.55
CA SER A 443 12.06 31.99 -20.24
C SER A 443 11.23 31.16 -19.34
N ARG A 444 11.77 30.81 -18.19
CA ARG A 444 10.94 30.34 -17.11
C ARG A 444 11.09 31.23 -15.91
N GLN A 445 10.05 31.33 -15.10
CA GLN A 445 10.20 32.06 -13.88
C GLN A 445 10.16 31.13 -12.68
N ARG A 446 11.15 30.23 -12.66
CA ARG A 446 11.39 29.24 -11.64
C ARG A 446 12.90 29.25 -11.26
N TYR A 447 13.19 28.67 -10.09
CA TYR A 447 14.55 28.70 -9.54
C TYR A 447 15.43 27.71 -10.26
N TRP A 448 14.97 26.46 -10.40
CA TRP A 448 15.82 25.34 -10.73
C TRP A 448 16.04 25.19 -12.21
N GLY A 449 16.84 26.10 -12.74
CA GLY A 449 17.27 26.03 -14.15
C GLY A 449 18.50 26.88 -14.38
N ALA A 450 19.10 26.77 -15.55
CA ALA A 450 20.24 27.60 -15.90
C ALA A 450 19.76 29.02 -16.04
N PRO A 451 20.48 29.94 -15.42
CA PRO A 451 20.10 31.36 -15.59
C PRO A 451 20.32 31.82 -17.02
N ILE A 452 19.50 32.79 -17.48
CA ILE A 452 19.58 33.35 -18.82
C ILE A 452 20.52 34.55 -18.80
N PRO A 453 21.54 34.57 -19.66
CA PRO A 453 22.61 35.55 -19.58
C PRO A 453 22.33 36.89 -20.26
N MET A 454 21.30 37.55 -19.79
CA MET A 454 21.04 38.88 -20.15
C MET A 454 21.10 39.73 -18.89
N VAL A 455 21.14 41.04 -19.15
CA VAL A 455 21.42 42.05 -18.20
C VAL A 455 20.69 43.32 -18.60
N THR A 456 20.18 44.05 -17.62
CA THR A 456 19.64 45.37 -17.78
C THR A 456 20.51 46.40 -17.07
N LEU A 457 20.91 47.43 -17.78
CA LEU A 457 21.76 48.44 -17.13
C LEU A 457 20.88 49.49 -16.54
N GLU A 458 21.51 50.21 -15.64
CA GLU A 458 20.95 51.37 -15.00
C GLU A 458 20.27 52.32 -15.99
N ASP A 459 20.94 52.62 -17.10
CA ASP A 459 20.32 53.10 -18.36
C ASP A 459 18.89 52.71 -18.74
N GLY A 460 18.61 51.42 -18.64
CA GLY A 460 17.41 50.84 -19.24
C GLY A 460 17.69 50.04 -20.49
N THR A 461 18.94 50.02 -20.93
CA THR A 461 19.30 49.19 -22.06
C THR A 461 19.50 47.73 -21.62
N VAL A 462 19.23 46.82 -22.55
CA VAL A 462 19.40 45.42 -22.34
C VAL A 462 20.50 44.86 -23.27
N MET A 463 21.32 43.95 -22.74
CA MET A 463 22.34 43.26 -23.54
C MET A 463 22.73 41.91 -22.97
N PRO A 464 23.54 41.15 -23.71
CA PRO A 464 24.03 39.93 -23.13
C PRO A 464 25.00 40.16 -22.03
N THR A 465 24.89 39.36 -20.97
CA THR A 465 25.99 39.20 -20.01
C THR A 465 27.32 39.10 -20.79
N PRO A 466 28.30 39.93 -20.46
CA PRO A 466 29.54 39.76 -21.22
C PRO A 466 30.24 38.48 -20.88
N ASP A 467 31.27 38.15 -21.65
CA ASP A 467 31.99 36.87 -21.56
C ASP A 467 32.88 36.67 -20.36
N ASP A 468 33.43 37.75 -19.82
CA ASP A 468 34.22 37.65 -18.57
C ASP A 468 33.35 37.20 -17.39
N GLN A 469 32.02 37.31 -17.54
CA GLN A 469 31.09 36.98 -16.46
C GLN A 469 30.28 35.70 -16.69
N LEU A 470 30.65 34.93 -17.69
CA LEU A 470 30.03 33.61 -17.86
C LEU A 470 30.95 32.53 -17.25
N PRO A 471 30.35 31.49 -16.65
CA PRO A 471 28.93 31.23 -16.46
C PRO A 471 28.27 32.16 -15.42
N VAL A 472 27.00 32.50 -15.58
CA VAL A 472 26.20 33.05 -14.49
C VAL A 472 25.74 31.82 -13.71
N ILE A 473 26.32 31.66 -12.52
CA ILE A 473 26.07 30.54 -11.63
C ILE A 473 24.77 30.60 -10.78
N LEU A 474 23.96 29.56 -10.86
CA LEU A 474 22.81 29.41 -10.02
C LEU A 474 23.27 28.98 -8.64
N PRO A 475 22.90 29.72 -7.59
CA PRO A 475 23.30 29.22 -6.30
C PRO A 475 22.54 27.98 -5.90
N GLU A 476 23.27 27.03 -5.30
CA GLU A 476 22.76 25.72 -4.85
C GLU A 476 22.31 25.74 -3.40
N ASP A 477 22.99 26.52 -2.54
CA ASP A 477 22.74 26.54 -1.10
C ASP A 477 21.62 27.57 -0.85
N VAL A 478 20.38 27.08 -0.92
CA VAL A 478 19.21 27.94 -0.71
C VAL A 478 18.16 27.32 0.20
N VAL A 479 17.36 28.21 0.78
CA VAL A 479 16.06 27.89 1.41
C VAL A 479 14.89 28.43 0.56
N MET A 480 13.93 27.56 0.30
CA MET A 480 12.85 27.84 -0.63
C MET A 480 11.49 27.84 0.07
N ASP A 481 10.80 28.98 -0.02
CA ASP A 481 9.46 29.15 0.57
C ASP A 481 8.29 28.65 -0.31
N GLY A 482 8.55 28.05 -1.45
CA GLY A 482 7.46 27.64 -2.35
C GLY A 482 7.05 28.81 -3.24
N ILE A 483 6.46 29.83 -2.62
CA ILE A 483 6.05 31.06 -3.31
C ILE A 483 7.14 31.53 -4.31
N THR A 484 8.16 32.25 -3.84
CA THR A 484 9.15 32.83 -4.76
C THR A 484 10.34 31.92 -5.01
N SER A 485 11.07 32.27 -6.06
CA SER A 485 12.39 31.77 -6.37
C SER A 485 13.42 32.58 -5.60
N PRO A 486 14.37 31.91 -4.92
CA PRO A 486 15.32 32.66 -4.13
C PRO A 486 16.20 33.61 -4.90
N ILE A 487 16.49 33.39 -6.19
CA ILE A 487 17.23 34.42 -6.94
C ILE A 487 16.39 35.67 -7.24
N LYS A 488 15.05 35.62 -7.17
CA LYS A 488 14.22 36.87 -7.20
C LYS A 488 13.97 37.43 -5.83
N ALA A 489 13.94 36.57 -4.81
CA ALA A 489 13.65 37.02 -3.45
C ALA A 489 14.81 37.88 -2.91
N ASP A 490 16.05 37.42 -3.07
CA ASP A 490 17.24 38.17 -2.68
C ASP A 490 17.60 39.08 -3.80
N PRO A 491 17.47 40.40 -3.58
CA PRO A 491 17.74 41.31 -4.66
C PRO A 491 19.26 41.62 -4.84
N GLU A 492 20.09 41.14 -3.92
CA GLU A 492 21.53 41.33 -4.04
C GLU A 492 22.15 40.41 -5.07
N TRP A 493 21.52 39.29 -5.32
CA TRP A 493 22.03 38.34 -6.31
C TRP A 493 22.09 38.87 -7.71
N ALA A 494 20.99 39.50 -8.13
CA ALA A 494 20.91 40.10 -9.47
C ALA A 494 21.83 41.32 -9.63
N LYS A 495 22.41 41.85 -8.58
CA LYS A 495 23.31 43.01 -8.77
C LYS A 495 24.68 42.69 -9.39
N THR A 496 25.06 43.46 -10.42
CA THR A 496 26.35 43.31 -11.09
C THR A 496 26.77 44.68 -11.67
N THR A 497 27.93 44.72 -12.31
CA THR A 497 28.39 45.92 -12.97
C THR A 497 28.79 45.57 -14.40
N VAL A 498 28.19 46.22 -15.40
CA VAL A 498 28.50 46.02 -16.83
C VAL A 498 28.79 47.41 -17.43
N ASN A 499 29.64 47.47 -18.46
CA ASN A 499 30.06 48.73 -19.12
C ASN A 499 30.31 49.80 -18.07
N GLY A 500 30.88 49.38 -16.95
CA GLY A 500 31.21 50.29 -15.86
C GLY A 500 30.05 50.92 -15.13
N MET A 501 28.87 50.32 -15.20
CA MET A 501 27.71 50.87 -14.49
C MET A 501 27.02 49.76 -13.70
N PRO A 502 26.22 50.14 -12.69
CA PRO A 502 25.36 49.11 -12.09
C PRO A 502 24.51 48.48 -13.14
N ALA A 503 24.32 47.19 -13.04
CA ALA A 503 23.51 46.47 -13.98
C ALA A 503 22.75 45.39 -13.22
N LEU A 504 21.62 44.93 -13.72
CA LEU A 504 20.91 43.86 -13.02
C LEU A 504 20.76 42.65 -13.91
N ARG A 505 21.09 41.48 -13.39
CA ARG A 505 20.84 40.34 -14.23
C ARG A 505 19.47 39.77 -14.12
N GLU A 506 19.07 39.22 -15.23
CA GLU A 506 17.89 38.42 -15.40
C GLU A 506 17.87 37.27 -14.44
N THR A 507 16.74 37.12 -13.75
CA THR A 507 16.50 36.05 -12.81
C THR A 507 15.59 34.91 -13.34
N ASP A 508 15.11 35.03 -14.58
CA ASP A 508 14.50 33.93 -15.26
C ASP A 508 15.60 32.95 -15.62
N THR A 509 15.25 31.67 -15.72
CA THR A 509 16.15 30.64 -16.09
C THR A 509 15.58 29.94 -17.36
N PHE A 510 16.42 29.12 -18.02
CA PHE A 510 16.05 28.40 -19.24
C PHE A 510 15.03 27.22 -19.05
N ASP A 511 14.12 27.13 -20.02
CA ASP A 511 13.40 25.95 -20.39
C ASP A 511 14.36 24.81 -20.31
N THR A 512 14.09 23.75 -19.54
CA THR A 512 15.09 22.66 -19.48
C THR A 512 15.22 21.82 -20.80
N PHE A 513 14.37 22.04 -21.83
CA PHE A 513 14.69 21.49 -23.13
C PHE A 513 15.96 22.02 -23.74
N MET A 514 16.40 23.16 -23.26
CA MET A 514 17.58 23.79 -23.80
C MET A 514 18.79 22.87 -23.57
N GLU A 515 18.86 22.24 -22.41
CA GLU A 515 19.96 21.35 -22.11
C GLU A 515 19.84 19.99 -22.81
N SER A 516 18.62 19.55 -23.07
CA SER A 516 18.40 18.26 -23.73
C SER A 516 18.53 18.38 -25.24
N SER A 517 18.76 19.60 -25.75
CA SER A 517 18.90 19.78 -27.20
C SER A 517 20.33 19.64 -27.71
N TRP A 518 21.36 19.74 -26.88
CA TRP A 518 22.72 19.60 -27.36
C TRP A 518 23.58 18.60 -26.61
N TYR A 519 22.97 17.95 -25.64
CA TYR A 519 23.72 16.93 -24.86
C TYR A 519 24.43 15.86 -25.70
N TYR A 520 23.83 15.48 -26.82
CA TYR A 520 24.32 14.42 -27.70
C TYR A 520 25.66 14.86 -28.23
N ALA A 521 25.86 16.14 -28.39
CA ALA A 521 27.16 16.66 -28.90
C ALA A 521 28.17 16.75 -27.81
N ARG A 522 27.78 17.24 -26.65
CA ARG A 522 28.71 17.28 -25.47
C ARG A 522 29.20 15.92 -24.98
N TYR A 523 28.41 14.85 -25.10
CA TYR A 523 28.90 13.52 -24.72
C TYR A 523 30.15 13.13 -25.50
N THR A 524 30.35 13.70 -26.68
CA THR A 524 31.56 13.40 -27.45
C THR A 524 32.80 13.97 -26.78
N CYS A 525 32.66 15.01 -25.93
CA CYS A 525 33.78 15.73 -25.31
C CYS A 525 33.49 16.45 -23.95
N PRO A 526 32.97 15.70 -22.98
CA PRO A 526 32.39 16.26 -21.74
C PRO A 526 33.33 17.01 -20.82
N GLN A 527 34.64 16.79 -20.91
CA GLN A 527 35.60 17.50 -20.05
C GLN A 527 36.41 18.53 -20.79
N TYR A 528 35.96 18.88 -21.98
CA TYR A 528 36.71 19.84 -22.81
C TYR A 528 36.37 21.21 -22.25
N LYS A 529 37.37 21.93 -21.74
CA LYS A 529 37.13 23.20 -21.03
C LYS A 529 37.21 24.43 -21.94
N GLU A 530 37.73 24.26 -23.15
CA GLU A 530 38.06 25.42 -23.98
C GLU A 530 36.82 25.89 -24.72
N GLY A 531 35.79 25.05 -24.78
CA GLY A 531 34.56 25.47 -25.44
C GLY A 531 33.47 24.42 -25.42
N MET A 532 32.37 24.76 -26.05
CA MET A 532 31.19 23.94 -26.12
C MET A 532 31.41 22.50 -26.67
N LEU A 533 32.29 22.37 -27.66
CA LEU A 533 32.53 21.15 -28.36
C LEU A 533 33.94 21.11 -28.87
N ASP A 534 34.65 20.00 -28.63
CA ASP A 534 35.94 19.66 -29.34
C ASP A 534 35.52 19.14 -30.73
N SER A 535 35.71 19.94 -31.77
CA SER A 535 35.10 19.58 -33.04
C SER A 535 35.70 18.29 -33.66
N GLU A 536 37.02 18.07 -33.53
CA GLU A 536 37.60 16.80 -33.88
C GLU A 536 36.83 15.65 -33.25
N ALA A 537 36.68 15.69 -31.94
CA ALA A 537 35.94 14.65 -31.27
C ALA A 537 34.58 14.60 -31.85
N ALA A 538 33.88 15.73 -31.94
CA ALA A 538 32.43 15.76 -32.28
C ALA A 538 32.19 15.24 -33.68
N ASN A 539 33.11 15.52 -34.59
CA ASN A 539 32.94 15.07 -35.92
C ASN A 539 33.35 13.61 -36.07
N TYR A 540 34.21 13.06 -35.21
CA TYR A 540 34.51 11.63 -35.28
C TYR A 540 33.20 10.90 -34.94
N TRP A 541 32.57 11.22 -33.81
CA TRP A 541 31.31 10.57 -33.38
C TRP A 541 30.06 10.86 -34.13
N LEU A 542 29.89 12.08 -34.57
CA LEU A 542 28.61 12.43 -35.17
C LEU A 542 28.58 12.04 -36.67
N PRO A 543 27.38 11.84 -37.23
CA PRO A 543 26.05 11.89 -36.58
C PRO A 543 25.70 10.65 -35.78
N VAL A 544 24.80 10.78 -34.80
CA VAL A 544 24.32 9.66 -34.05
C VAL A 544 23.78 8.62 -35.03
N ASP A 545 24.31 7.40 -34.94
CA ASP A 545 23.93 6.31 -35.81
C ASP A 545 22.55 5.80 -35.44
N ILE A 546 22.27 5.65 -34.16
CA ILE A 546 20.88 5.37 -33.77
C ILE A 546 20.51 6.14 -32.51
N TYR A 547 19.37 6.80 -32.52
CA TYR A 547 18.81 7.51 -31.35
C TYR A 547 17.55 6.83 -30.86
N ILE A 548 17.51 6.44 -29.60
CA ILE A 548 16.37 5.67 -29.01
C ILE A 548 15.72 6.45 -27.87
N GLY A 549 14.45 6.75 -28.03
CA GLY A 549 13.71 7.29 -26.97
C GLY A 549 12.25 7.09 -27.21
N GLY A 550 11.41 7.72 -26.37
CA GLY A 550 9.99 7.42 -26.38
C GLY A 550 9.34 8.13 -27.51
N ILE A 551 8.17 7.63 -27.96
CA ILE A 551 7.31 8.29 -28.97
C ILE A 551 6.73 9.63 -28.44
N GLU A 552 6.72 9.82 -27.11
CA GLU A 552 6.30 11.06 -26.46
C GLU A 552 7.12 12.26 -26.96
N HIS A 553 8.33 12.04 -27.42
CA HIS A 553 9.24 13.10 -27.82
C HIS A 553 9.23 13.35 -29.32
N ALA A 554 8.32 12.70 -30.02
CA ALA A 554 8.10 12.96 -31.46
C ALA A 554 8.31 14.38 -31.87
N ILE A 555 7.54 15.28 -31.30
CA ILE A 555 7.60 16.63 -31.86
C ILE A 555 8.62 17.49 -31.08
N MET A 556 8.17 18.09 -29.97
CA MET A 556 8.98 18.99 -29.14
C MET A 556 10.48 18.69 -29.11
N HIS A 557 10.90 17.73 -28.31
CA HIS A 557 12.34 17.48 -28.16
C HIS A 557 13.00 17.25 -29.47
N LEU A 558 12.40 16.39 -30.31
CA LEU A 558 13.08 16.03 -31.58
C LEU A 558 13.19 17.16 -32.56
N LEU A 559 12.23 18.09 -32.54
CA LEU A 559 12.33 19.33 -33.37
C LEU A 559 13.44 20.28 -32.81
N TYR A 560 13.53 20.40 -31.49
CA TYR A 560 14.47 21.34 -30.93
C TYR A 560 15.86 20.81 -31.11
N PHE A 561 16.02 19.52 -30.87
CA PHE A 561 17.25 18.73 -31.16
C PHE A 561 17.80 18.91 -32.58
N ARG A 562 16.96 18.78 -33.60
CA ARG A 562 17.38 19.08 -34.95
C ARG A 562 17.67 20.56 -35.16
N PHE A 563 16.85 21.45 -34.59
CA PHE A 563 17.02 22.87 -34.76
C PHE A 563 18.35 23.26 -34.19
N PHE A 564 18.61 22.80 -32.99
CA PHE A 564 19.88 23.06 -32.40
C PHE A 564 21.08 22.55 -33.14
N HIS A 565 20.97 21.40 -33.77
CA HIS A 565 22.11 20.85 -34.49
C HIS A 565 22.43 21.72 -35.70
N LYS A 566 21.39 22.30 -36.26
CA LYS A 566 21.59 23.17 -37.38
C LYS A 566 22.26 24.46 -36.92
N LEU A 567 21.89 24.95 -35.73
CA LEU A 567 22.40 26.22 -35.27
C LEU A 567 23.86 25.99 -35.01
N MET A 568 24.23 24.82 -34.45
CA MET A 568 25.66 24.51 -34.20
C MET A 568 26.45 24.37 -35.50
N ARG A 569 25.82 23.74 -36.50
CA ARG A 569 26.36 23.68 -37.87
C ARG A 569 26.61 25.07 -38.38
N ASP A 570 25.64 25.94 -38.28
CA ASP A 570 25.83 27.28 -38.75
C ASP A 570 26.90 28.01 -37.97
N ALA A 571 27.20 27.58 -36.77
CA ALA A 571 28.27 28.18 -36.02
C ALA A 571 29.59 27.54 -36.46
N GLY A 572 29.55 26.47 -37.24
CA GLY A 572 30.78 25.85 -37.69
C GLY A 572 31.37 24.81 -36.77
N MET A 573 30.60 24.29 -35.81
CA MET A 573 31.07 23.33 -34.87
C MET A 573 30.84 21.88 -35.26
N VAL A 574 29.95 21.60 -36.22
CA VAL A 574 29.65 20.21 -36.63
C VAL A 574 29.47 20.16 -38.12
N ASN A 575 29.94 19.08 -38.76
CA ASN A 575 29.78 18.94 -40.18
C ASN A 575 28.40 18.50 -40.68
N SER A 576 27.70 17.62 -39.97
CA SER A 576 26.45 17.05 -40.49
C SER A 576 25.38 18.11 -40.64
N ASP A 577 24.36 17.79 -41.44
CA ASP A 577 23.14 18.59 -41.56
C ASP A 577 22.06 18.17 -40.57
N GLU A 578 22.05 16.88 -40.23
CA GLU A 578 21.05 16.25 -39.36
C GLU A 578 21.77 15.56 -38.23
N PRO A 579 21.19 15.56 -37.04
CA PRO A 579 21.87 14.94 -35.94
C PRO A 579 21.88 13.40 -35.82
N ALA A 580 20.87 12.72 -36.37
CA ALA A 580 20.65 11.29 -36.02
C ALA A 580 20.25 10.57 -37.26
N LYS A 581 20.97 9.50 -37.63
CA LYS A 581 20.67 8.78 -38.89
C LYS A 581 19.43 7.93 -38.81
N GLN A 582 19.34 7.13 -37.78
CA GLN A 582 18.16 6.34 -37.52
C GLN A 582 17.57 6.75 -36.22
N LEU A 583 16.24 6.82 -36.16
CA LEU A 583 15.52 7.08 -34.90
C LEU A 583 14.64 5.92 -34.64
N LEU A 584 14.63 5.47 -33.39
CA LEU A 584 13.82 4.36 -32.94
C LEU A 584 12.98 4.78 -31.76
N CYS A 585 11.72 5.03 -31.95
CA CYS A 585 10.86 5.50 -30.91
C CYS A 585 10.21 4.29 -30.33
N GLN A 586 10.52 3.94 -29.09
CA GLN A 586 9.80 2.87 -28.42
C GLN A 586 8.42 3.30 -28.03
N GLY A 587 7.49 2.35 -27.95
CA GLY A 587 6.18 2.62 -27.31
C GLY A 587 6.31 2.92 -25.81
N MET A 588 5.30 3.50 -25.22
CA MET A 588 5.29 3.84 -23.84
C MET A 588 4.89 2.60 -23.06
N VAL A 589 5.55 2.38 -21.94
CA VAL A 589 5.09 1.38 -20.97
C VAL A 589 4.07 2.05 -20.11
N LEU A 590 2.85 1.52 -20.01
CA LEU A 590 1.68 2.16 -19.33
C LEU A 590 1.36 1.53 -17.98
N ALA A 591 0.76 2.27 -17.06
CA ALA A 591 0.20 1.66 -15.84
C ALA A 591 -1.07 2.41 -15.36
N ASP A 592 -1.96 1.72 -14.68
CA ASP A 592 -3.18 2.33 -14.14
C ASP A 592 -2.75 3.43 -13.22
N ALA A 593 -3.59 4.43 -13.06
CA ALA A 593 -3.23 5.52 -12.26
C ALA A 593 -4.46 5.91 -11.47
N PHE A 594 -4.26 6.38 -10.25
CA PHE A 594 -5.30 6.57 -9.23
C PHE A 594 -4.98 7.74 -8.35
N TYR A 595 -5.99 8.46 -7.84
CA TYR A 595 -5.73 9.47 -6.82
C TYR A 595 -6.92 9.66 -5.89
N TYR A 596 -6.73 10.36 -4.77
CA TYR A 596 -7.80 10.88 -3.92
C TYR A 596 -7.58 12.39 -3.68
N VAL A 597 -8.64 13.14 -3.45
CA VAL A 597 -8.48 14.58 -3.27
C VAL A 597 -8.34 14.81 -1.77
N GLY A 598 -7.31 15.56 -1.40
CA GLY A 598 -6.94 15.77 0.00
C GLY A 598 -7.70 16.86 0.76
N GLU A 599 -7.20 17.18 1.94
CA GLU A 599 -7.91 18.07 2.85
C GLU A 599 -8.10 19.50 2.34
N ASN A 600 -7.07 20.03 1.67
CA ASN A 600 -7.15 21.31 0.95
C ASN A 600 -6.84 21.01 -0.53
N GLY A 601 -7.70 20.19 -1.14
CA GLY A 601 -7.76 20.03 -2.59
C GLY A 601 -6.47 19.63 -3.30
N GLU A 602 -5.50 19.07 -2.58
CA GLU A 602 -4.30 18.55 -3.24
C GLU A 602 -4.60 17.14 -3.78
N ARG A 603 -4.27 16.89 -5.04
CA ARG A 603 -4.37 15.52 -5.61
C ARG A 603 -3.31 14.58 -5.04
N ASN A 604 -3.72 13.44 -4.52
CA ASN A 604 -2.81 12.51 -3.91
C ASN A 604 -2.88 11.29 -4.78
N TRP A 605 -1.83 11.07 -5.56
CA TRP A 605 -1.74 9.91 -6.41
C TRP A 605 -1.31 8.75 -5.60
N VAL A 606 -1.94 7.62 -5.84
CA VAL A 606 -1.69 6.39 -5.09
C VAL A 606 -1.17 5.44 -6.13
N SER A 607 -0.33 4.52 -5.71
CA SER A 607 0.26 3.58 -6.62
C SER A 607 -0.66 2.40 -6.84
N PRO A 608 -0.64 1.81 -8.05
CA PRO A 608 -1.42 0.57 -8.32
C PRO A 608 -1.22 -0.58 -7.32
N VAL A 609 -0.01 -0.80 -6.80
CA VAL A 609 0.18 -1.88 -5.83
C VAL A 609 -0.33 -1.55 -4.41
N ASP A 610 -0.74 -0.30 -4.16
CA ASP A 610 -1.46 0.05 -2.89
C ASP A 610 -2.97 0.03 -3.08
N ALA A 611 -3.44 -0.06 -4.33
CA ALA A 611 -4.85 0.15 -4.68
C ALA A 611 -5.64 -1.16 -4.75
N ILE A 612 -6.63 -1.29 -3.88
CA ILE A 612 -7.54 -2.43 -3.92
C ILE A 612 -8.59 -2.19 -5.00
N VAL A 613 -8.79 -3.17 -5.88
CA VAL A 613 -9.62 -2.98 -7.07
C VAL A 613 -10.68 -4.07 -7.25
N GLU A 614 -11.92 -3.67 -7.49
CA GLU A 614 -12.94 -4.60 -7.98
C GLU A 614 -13.11 -4.33 -9.48
N ARG A 615 -13.25 -5.39 -10.27
CA ARG A 615 -13.08 -5.30 -11.74
C ARG A 615 -14.26 -5.83 -12.55
N ASP A 616 -14.42 -5.26 -13.74
CA ASP A 616 -15.50 -5.57 -14.69
C ASP A 616 -15.53 -7.05 -15.08
N GLU A 617 -16.63 -7.45 -15.70
CA GLU A 617 -16.71 -8.74 -16.39
C GLU A 617 -15.85 -8.72 -17.68
N LYS A 618 -15.55 -7.50 -18.17
CA LYS A 618 -14.71 -7.26 -19.35
C LYS A 618 -13.26 -6.98 -19.00
N GLY A 619 -12.93 -6.84 -17.71
CA GLY A 619 -11.57 -6.47 -17.27
C GLY A 619 -11.35 -5.03 -16.84
N ARG A 620 -12.27 -4.13 -17.18
CA ARG A 620 -12.15 -2.70 -16.84
C ARG A 620 -12.39 -2.47 -15.33
N ILE A 621 -11.59 -1.59 -14.71
CA ILE A 621 -11.75 -1.26 -13.28
C ILE A 621 -13.02 -0.50 -12.92
N VAL A 622 -13.77 -1.03 -11.94
CA VAL A 622 -15.09 -0.49 -11.54
C VAL A 622 -15.08 0.32 -10.21
N LYS A 623 -14.36 -0.17 -9.21
CA LYS A 623 -14.18 0.49 -7.91
C LYS A 623 -12.72 0.47 -7.56
N ALA A 624 -12.28 1.37 -6.68
CA ALA A 624 -10.94 1.27 -6.16
C ALA A 624 -10.77 2.01 -4.82
N LYS A 625 -10.21 1.32 -3.80
CA LYS A 625 -9.73 1.90 -2.51
C LYS A 625 -8.21 1.77 -2.32
N ASP A 626 -7.65 2.60 -1.44
CA ASP A 626 -6.32 2.30 -0.87
C ASP A 626 -6.46 1.54 0.48
N ALA A 627 -5.33 1.07 1.05
CA ALA A 627 -5.38 0.32 2.32
C ALA A 627 -5.96 1.14 3.49
N ALA A 628 -5.71 2.45 3.46
CA ALA A 628 -6.14 3.35 4.55
C ALA A 628 -7.62 3.80 4.50
N GLY A 629 -8.32 3.57 3.39
CA GLY A 629 -9.77 3.80 3.30
C GLY A 629 -10.24 5.03 2.54
N HIS A 630 -9.77 5.20 1.31
CA HIS A 630 -10.13 6.33 0.46
C HIS A 630 -10.63 5.84 -0.86
N GLU A 631 -11.80 6.27 -1.28
CA GLU A 631 -12.25 6.05 -2.65
C GLU A 631 -11.27 6.72 -3.61
N LEU A 632 -10.61 5.93 -4.47
CA LEU A 632 -9.68 6.48 -5.46
C LEU A 632 -10.48 6.81 -6.69
N VAL A 633 -10.19 7.95 -7.32
CA VAL A 633 -10.58 8.22 -8.71
C VAL A 633 -9.61 7.49 -9.64
N TYR A 634 -10.16 6.62 -10.48
CA TYR A 634 -9.38 5.87 -11.47
C TYR A 634 -9.28 6.72 -12.74
N THR A 635 -8.06 6.96 -13.23
CA THR A 635 -7.83 7.82 -14.42
C THR A 635 -7.51 6.99 -15.68
N GLY A 636 -7.38 5.68 -15.54
CA GLY A 636 -7.01 4.81 -16.65
C GLY A 636 -5.53 4.51 -16.70
N MET A 637 -5.09 3.98 -17.82
CA MET A 637 -3.68 3.68 -18.05
C MET A 637 -3.03 4.97 -18.49
N SER A 638 -1.76 5.15 -18.25
CA SER A 638 -1.08 6.26 -18.85
C SER A 638 0.37 6.05 -18.62
N LYS A 639 1.23 6.83 -19.29
CA LYS A 639 2.64 6.56 -19.15
C LYS A 639 3.06 6.39 -17.67
N MET A 640 3.84 5.35 -17.40
CA MET A 640 4.46 5.32 -16.10
C MET A 640 5.21 6.62 -15.87
N SER A 641 5.20 7.11 -14.64
CA SER A 641 6.04 8.23 -14.27
C SER A 641 5.84 8.57 -12.82
N LYS A 642 6.80 9.29 -12.26
CA LYS A 642 6.67 9.73 -10.88
C LYS A 642 5.48 10.68 -10.73
N SER A 643 5.10 11.42 -11.77
CA SER A 643 4.01 12.46 -11.68
C SER A 643 2.73 11.93 -11.13
N LYS A 644 2.40 10.67 -11.45
CA LYS A 644 1.11 10.03 -11.16
C LYS A 644 1.32 8.82 -10.30
N ASN A 645 2.58 8.60 -9.91
CA ASN A 645 2.97 7.54 -9.00
C ASN A 645 2.66 6.10 -9.48
N ASN A 646 2.59 5.91 -10.79
CA ASN A 646 2.24 4.63 -11.35
C ASN A 646 3.47 3.93 -11.95
N GLY A 647 4.65 4.20 -11.39
CA GLY A 647 5.88 3.59 -11.85
C GLY A 647 6.09 2.28 -11.13
N ILE A 648 6.53 1.27 -11.85
CA ILE A 648 6.98 0.09 -11.17
C ILE A 648 8.47 0.10 -11.25
N ASP A 649 9.10 0.09 -10.10
CA ASP A 649 10.53 0.05 -9.95
C ASP A 649 10.99 -1.36 -10.29
N PRO A 650 12.11 -1.52 -11.02
CA PRO A 650 12.57 -2.86 -11.36
C PRO A 650 13.36 -3.57 -10.26
N GLN A 651 13.73 -2.83 -9.22
CA GLN A 651 14.74 -3.22 -8.23
C GLN A 651 14.34 -4.46 -7.48
N VAL A 652 13.10 -4.53 -7.06
CA VAL A 652 12.63 -5.76 -6.44
C VAL A 652 12.88 -6.96 -7.34
N MET A 653 12.43 -6.93 -8.58
CA MET A 653 12.57 -8.10 -9.47
C MET A 653 14.03 -8.49 -9.70
N VAL A 654 14.89 -7.51 -9.96
CA VAL A 654 16.28 -7.78 -10.22
C VAL A 654 16.90 -8.58 -9.09
N GLU A 655 16.66 -8.17 -7.85
CA GLU A 655 17.11 -8.92 -6.69
C GLU A 655 16.42 -10.23 -6.49
N ARG A 656 15.25 -10.47 -7.06
CA ARG A 656 14.64 -11.81 -6.92
C ARG A 656 15.17 -12.75 -7.99
N TYR A 657 15.25 -12.26 -9.23
CA TYR A 657 15.49 -13.06 -10.42
C TYR A 657 16.75 -12.83 -11.21
N GLY A 658 17.38 -11.66 -11.05
CA GLY A 658 18.56 -11.27 -11.77
C GLY A 658 18.19 -10.25 -12.80
N ALA A 659 19.13 -9.39 -13.14
CA ALA A 659 19.00 -8.41 -14.22
C ALA A 659 18.70 -9.05 -15.57
N ASP A 660 19.24 -10.24 -15.81
CA ASP A 660 19.09 -10.85 -17.12
C ASP A 660 17.66 -11.27 -17.40
N THR A 661 16.95 -11.70 -16.38
CA THR A 661 15.54 -12.04 -16.52
C THR A 661 14.69 -10.79 -16.79
N VAL A 662 14.89 -9.75 -16.00
CA VAL A 662 14.13 -8.50 -16.25
C VAL A 662 14.32 -7.98 -17.67
N ARG A 663 15.59 -7.96 -18.09
CA ARG A 663 15.99 -7.55 -19.45
C ARG A 663 15.36 -8.38 -20.53
N LEU A 664 15.48 -9.70 -20.39
CA LEU A 664 14.96 -10.60 -21.40
C LEU A 664 13.45 -10.42 -21.49
N PHE A 665 12.80 -10.26 -20.36
CA PHE A 665 11.36 -10.20 -20.35
C PHE A 665 10.86 -8.95 -20.96
N MET A 666 11.55 -7.84 -20.71
CA MET A 666 11.16 -6.59 -21.36
C MET A 666 11.26 -6.73 -22.87
N MET A 667 12.35 -7.24 -23.38
CA MET A 667 12.52 -7.33 -24.82
C MET A 667 11.58 -8.38 -25.42
N PHE A 668 11.12 -9.37 -24.62
CA PHE A 668 10.24 -10.42 -25.11
C PHE A 668 8.76 -10.09 -25.07
N ALA A 669 8.40 -9.11 -24.26
CA ALA A 669 7.02 -8.67 -24.10
C ALA A 669 6.28 -8.42 -25.43
N SER A 670 6.91 -7.61 -26.26
CA SER A 670 6.27 -6.92 -27.33
C SER A 670 7.33 -6.23 -28.17
N PRO A 671 6.95 -5.84 -29.36
CA PRO A 671 7.94 -5.16 -30.14
C PRO A 671 8.23 -3.73 -29.62
N ALA A 672 9.50 -3.33 -29.73
CA ALA A 672 10.01 -2.03 -29.24
C ALA A 672 9.07 -0.81 -29.50
N ASP A 673 8.49 -0.77 -30.68
CA ASP A 673 7.74 0.38 -31.10
C ASP A 673 6.30 0.31 -30.71
N MET A 674 5.89 -0.72 -30.02
CA MET A 674 4.49 -0.89 -29.65
C MET A 674 4.31 -0.45 -28.19
N THR A 675 3.17 0.18 -27.91
CA THR A 675 2.92 0.58 -26.55
C THR A 675 2.39 -0.64 -25.78
N LEU A 676 2.99 -0.88 -24.62
CA LEU A 676 2.83 -2.01 -23.75
C LEU A 676 2.21 -1.54 -22.45
N GLU A 677 1.24 -2.28 -21.99
CA GLU A 677 0.60 -2.01 -20.72
C GLU A 677 1.25 -2.96 -19.81
N TRP A 678 1.92 -2.45 -18.81
CA TRP A 678 2.72 -3.31 -17.97
C TRP A 678 1.97 -4.34 -17.20
N GLN A 679 2.52 -5.56 -17.15
CA GLN A 679 2.00 -6.62 -16.27
C GLN A 679 3.14 -7.45 -15.68
N GLU A 680 2.88 -8.11 -14.55
CA GLU A 680 3.92 -8.91 -13.92
C GLU A 680 3.98 -10.35 -14.49
N SER A 681 2.83 -10.84 -14.95
CA SER A 681 2.72 -12.21 -15.49
C SER A 681 3.58 -12.38 -16.74
N GLY A 682 4.47 -13.38 -16.70
CA GLY A 682 5.36 -13.65 -17.82
C GLY A 682 6.83 -13.73 -17.48
N VAL A 683 7.24 -13.25 -16.29
CA VAL A 683 8.67 -13.18 -15.96
C VAL A 683 9.26 -14.56 -15.71
N GLU A 684 8.39 -15.47 -15.30
CA GLU A 684 8.82 -16.80 -14.93
C GLU A 684 9.29 -17.47 -16.20
N GLY A 685 8.58 -17.19 -17.30
CA GLY A 685 8.95 -17.72 -18.61
C GLY A 685 10.39 -17.37 -18.95
N ALA A 686 10.71 -16.07 -18.78
CA ALA A 686 12.06 -15.59 -19.01
C ALA A 686 13.05 -16.25 -18.03
N ASN A 687 12.71 -16.31 -16.75
CA ASN A 687 13.60 -16.92 -15.77
C ASN A 687 13.80 -18.42 -16.06
N ARG A 688 12.73 -19.12 -16.44
CA ARG A 688 12.82 -20.56 -16.66
C ARG A 688 13.58 -20.84 -17.92
N PHE A 689 13.42 -20.02 -18.94
CA PHE A 689 14.17 -20.20 -20.14
C PHE A 689 15.66 -20.09 -19.87
N LEU A 690 16.04 -19.15 -19.02
CA LEU A 690 17.43 -18.98 -18.69
C LEU A 690 17.97 -20.18 -17.89
N LYS A 691 17.16 -20.79 -17.05
CA LYS A 691 17.57 -22.01 -16.39
C LYS A 691 17.84 -23.22 -17.37
N ARG A 692 17.01 -23.37 -18.40
CA ARG A 692 17.17 -24.35 -19.45
C ARG A 692 18.45 -24.08 -20.26
N VAL A 693 18.74 -22.81 -20.59
CA VAL A 693 19.99 -22.50 -21.29
C VAL A 693 21.15 -22.92 -20.39
N TRP A 694 21.10 -22.54 -19.12
CA TRP A 694 22.11 -22.90 -18.13
C TRP A 694 22.26 -24.39 -17.96
N LYS A 695 21.15 -25.09 -17.79
CA LYS A 695 21.21 -26.53 -17.63
C LYS A 695 21.80 -27.22 -18.88
N LEU A 696 21.49 -26.73 -20.07
CA LEU A 696 22.02 -27.32 -21.30
C LEU A 696 23.55 -27.17 -21.48
N VAL A 697 24.10 -26.04 -21.10
CA VAL A 697 25.54 -25.83 -21.23
C VAL A 697 26.20 -26.61 -20.19
N TYR A 698 25.51 -26.75 -19.07
CA TYR A 698 26.10 -27.38 -17.92
C TYR A 698 26.28 -28.84 -18.21
N GLU A 699 25.22 -29.45 -18.72
CA GLU A 699 25.26 -30.87 -19.05
C GLU A 699 26.21 -31.11 -20.21
N HIS A 700 26.36 -30.15 -21.11
CA HIS A 700 27.24 -30.40 -22.24
C HIS A 700 28.73 -30.19 -21.95
N THR A 701 29.08 -29.23 -21.10
CA THR A 701 30.48 -28.90 -20.81
C THR A 701 31.02 -29.80 -19.72
N ALA A 702 30.13 -30.33 -18.90
CA ALA A 702 30.54 -31.30 -17.88
C ALA A 702 31.19 -32.51 -18.54
N LYS A 703 30.82 -32.81 -19.79
CA LYS A 703 31.40 -34.00 -20.45
C LYS A 703 32.74 -33.79 -21.21
N GLY A 704 33.26 -32.56 -21.33
CA GLY A 704 34.62 -32.33 -21.85
C GLY A 704 34.83 -31.57 -23.15
N ASP A 705 36.10 -31.48 -23.57
CA ASP A 705 36.48 -30.91 -24.90
C ASP A 705 35.89 -31.76 -26.06
N VAL A 706 35.61 -31.14 -27.22
CA VAL A 706 34.87 -31.80 -28.32
C VAL A 706 35.74 -32.01 -29.56
N ALA A 707 35.44 -33.03 -30.37
CA ALA A 707 36.13 -33.22 -31.65
C ALA A 707 35.84 -32.08 -32.60
N ALA A 708 36.75 -31.87 -33.56
CA ALA A 708 36.47 -30.98 -34.69
C ALA A 708 35.24 -31.58 -35.36
N LEU A 709 34.34 -30.71 -35.83
CA LEU A 709 33.13 -31.12 -36.62
C LEU A 709 33.44 -31.51 -38.09
N ASN A 710 32.88 -32.61 -38.55
CA ASN A 710 33.05 -33.05 -39.94
C ASN A 710 31.82 -32.71 -40.82
N VAL A 711 31.70 -31.45 -41.27
CA VAL A 711 30.44 -30.97 -41.85
C VAL A 711 29.76 -32.09 -42.65
N ASP A 712 30.51 -32.63 -43.61
CA ASP A 712 29.91 -33.58 -44.55
C ASP A 712 30.15 -35.05 -44.17
N ALA A 713 29.75 -35.40 -42.95
CA ALA A 713 29.54 -36.81 -42.50
C ALA A 713 28.22 -36.91 -41.68
N LEU A 714 27.45 -35.85 -41.63
CA LEU A 714 26.30 -35.76 -40.75
C LEU A 714 25.10 -36.65 -41.12
N THR A 715 24.52 -37.33 -40.12
CA THR A 715 23.19 -37.86 -40.30
C THR A 715 22.27 -36.76 -40.82
N GLU A 716 21.18 -37.19 -41.41
CA GLU A 716 20.20 -36.27 -41.91
C GLU A 716 19.49 -35.54 -40.79
N ASN A 717 19.41 -36.17 -39.61
CA ASN A 717 18.86 -35.53 -38.39
C ASN A 717 19.74 -34.42 -37.86
N GLN A 718 21.05 -34.65 -37.97
CA GLN A 718 22.08 -33.67 -37.70
C GLN A 718 22.10 -32.56 -38.78
N LYS A 719 21.95 -32.90 -40.07
CA LYS A 719 21.96 -31.86 -41.12
C LYS A 719 20.79 -30.91 -40.91
N ALA A 720 19.68 -31.49 -40.47
CA ALA A 720 18.44 -30.72 -40.26
C ALA A 720 18.62 -29.73 -39.11
N LEU A 721 19.27 -30.18 -38.06
CA LEU A 721 19.44 -29.42 -36.85
C LEU A 721 20.47 -28.32 -37.02
N ARG A 722 21.55 -28.62 -37.73
CA ARG A 722 22.56 -27.63 -38.10
C ARG A 722 21.96 -26.56 -39.03
N ARG A 723 21.00 -26.95 -39.87
CA ARG A 723 20.23 -26.02 -40.69
C ARG A 723 19.41 -25.10 -39.81
N ASP A 724 18.67 -25.64 -38.86
CA ASP A 724 17.89 -24.73 -37.95
C ASP A 724 18.80 -23.77 -37.13
N VAL A 725 19.98 -24.25 -36.77
CA VAL A 725 20.90 -23.35 -36.08
C VAL A 725 21.24 -22.19 -36.99
N HIS A 726 21.75 -22.50 -38.17
CA HIS A 726 22.19 -21.46 -39.06
C HIS A 726 21.05 -20.58 -39.56
N LYS A 727 19.85 -21.14 -39.73
CA LYS A 727 18.65 -20.29 -40.06
C LYS A 727 18.24 -19.35 -38.94
N THR A 728 18.39 -19.82 -37.69
CA THR A 728 18.18 -18.93 -36.53
C THR A 728 19.14 -17.74 -36.48
N ILE A 729 20.40 -17.98 -36.79
CA ILE A 729 21.41 -16.89 -36.82
C ILE A 729 20.98 -15.84 -37.83
N ALA A 730 20.48 -16.29 -38.99
CA ALA A 730 20.13 -15.38 -40.08
C ALA A 730 18.94 -14.56 -39.59
N LYS A 731 17.91 -15.24 -39.11
CA LYS A 731 16.71 -14.55 -38.62
C LYS A 731 16.99 -13.60 -37.46
N VAL A 732 17.78 -14.00 -36.48
CA VAL A 732 18.02 -13.14 -35.33
C VAL A 732 18.86 -11.94 -35.77
N THR A 733 19.81 -12.13 -36.70
CA THR A 733 20.63 -11.02 -37.11
C THR A 733 19.72 -9.97 -37.70
N ASP A 734 18.76 -10.41 -38.53
CA ASP A 734 17.81 -9.54 -39.26
C ASP A 734 16.81 -8.92 -38.28
N ASP A 735 16.25 -9.71 -37.40
CA ASP A 735 15.34 -9.20 -36.43
C ASP A 735 15.99 -8.10 -35.57
N ILE A 736 17.24 -8.23 -35.12
CA ILE A 736 17.88 -7.18 -34.28
C ILE A 736 18.39 -6.03 -35.10
N GLY A 737 19.00 -6.33 -36.24
CA GLY A 737 19.77 -5.32 -36.96
C GLY A 737 18.93 -4.52 -37.90
N ARG A 738 17.97 -5.15 -38.56
CA ARG A 738 17.14 -4.44 -39.50
C ARG A 738 15.74 -4.26 -38.98
N ARG A 739 15.09 -5.29 -38.46
CA ARG A 739 13.68 -5.03 -38.09
C ARG A 739 13.49 -4.43 -36.72
N GLN A 740 14.44 -4.65 -35.82
CA GLN A 740 14.28 -4.29 -34.41
C GLN A 740 13.02 -4.91 -33.80
N THR A 741 12.72 -6.13 -34.20
CA THR A 741 11.71 -6.92 -33.59
C THR A 741 12.38 -7.89 -32.65
N PHE A 742 12.80 -7.40 -31.50
CA PHE A 742 13.48 -8.26 -30.55
C PHE A 742 12.65 -9.42 -30.05
N ASN A 743 11.35 -9.24 -29.96
CA ASN A 743 10.54 -10.35 -29.44
C ASN A 743 10.66 -11.60 -30.33
N THR A 744 10.67 -11.40 -31.64
CA THR A 744 10.74 -12.53 -32.57
C THR A 744 12.14 -13.16 -32.49
N ALA A 745 13.15 -12.33 -32.39
CA ALA A 745 14.53 -12.79 -32.17
C ALA A 745 14.62 -13.78 -31.02
N ILE A 746 14.15 -13.38 -29.85
CA ILE A 746 14.14 -14.20 -28.66
C ILE A 746 13.32 -15.48 -28.92
N ALA A 747 12.14 -15.28 -29.53
CA ALA A 747 11.29 -16.41 -29.86
C ALA A 747 12.03 -17.39 -30.74
N ALA A 748 12.79 -16.92 -31.72
CA ALA A 748 13.51 -17.83 -32.61
C ALA A 748 14.57 -18.59 -31.79
N ILE A 749 15.20 -17.88 -30.85
CA ILE A 749 16.17 -18.54 -30.02
C ILE A 749 15.56 -19.61 -29.11
N MET A 750 14.34 -19.44 -28.62
CA MET A 750 13.68 -20.46 -27.79
C MET A 750 13.35 -21.72 -28.58
N GLU A 751 12.77 -21.55 -29.76
CA GLU A 751 12.52 -22.65 -30.70
C GLU A 751 13.75 -23.52 -30.84
N LEU A 752 14.84 -22.88 -31.22
CA LEU A 752 16.05 -23.57 -31.39
C LEU A 752 16.40 -24.29 -30.10
N MET A 753 16.30 -23.63 -28.95
CA MET A 753 16.69 -24.29 -27.70
C MET A 753 15.86 -25.52 -27.45
N ASN A 754 14.60 -25.40 -27.82
CA ASN A 754 13.76 -26.60 -27.75
C ASN A 754 14.22 -27.80 -28.56
N LYS A 755 14.64 -27.59 -29.82
CA LYS A 755 15.22 -28.66 -30.65
C LYS A 755 16.56 -29.14 -30.08
N LEU A 756 17.39 -28.23 -29.61
CA LEU A 756 18.66 -28.64 -29.08
C LEU A 756 18.49 -29.52 -27.86
N ALA A 757 17.43 -29.37 -27.09
CA ALA A 757 17.31 -30.15 -25.85
C ALA A 757 16.89 -31.56 -26.15
N LYS A 758 16.24 -31.73 -27.31
CA LYS A 758 15.81 -33.04 -27.81
C LYS A 758 16.84 -33.72 -28.68
N ALA A 759 17.82 -33.01 -29.21
CA ALA A 759 18.90 -33.68 -29.96
C ALA A 759 19.78 -34.58 -29.08
N PRO A 760 19.91 -35.87 -29.40
CA PRO A 760 20.78 -36.68 -28.54
C PRO A 760 22.28 -36.22 -28.57
N THR A 761 22.93 -36.03 -27.41
CA THR A 761 24.33 -35.49 -27.37
C THR A 761 25.36 -36.53 -26.85
N ASP A 762 25.70 -37.41 -27.77
CA ASP A 762 26.12 -38.74 -27.43
C ASP A 762 27.40 -39.14 -28.17
N GLY A 763 27.30 -39.44 -29.46
CA GLY A 763 28.52 -39.64 -30.23
C GLY A 763 29.29 -38.33 -30.32
N GLU A 764 30.51 -38.40 -30.82
CA GLU A 764 31.34 -37.21 -31.00
C GLU A 764 30.76 -36.16 -31.94
N GLN A 765 30.08 -36.59 -33.01
CA GLN A 765 29.51 -35.64 -33.97
C GLN A 765 28.41 -34.85 -33.29
N ASP A 766 27.50 -35.53 -32.61
CA ASP A 766 26.46 -34.82 -31.88
C ASP A 766 27.04 -33.74 -30.95
N ARG A 767 28.08 -34.12 -30.19
CA ARG A 767 28.74 -33.26 -29.21
C ARG A 767 29.42 -32.09 -29.89
N ALA A 768 30.05 -32.33 -31.05
CA ALA A 768 30.75 -31.25 -31.84
C ALA A 768 29.75 -30.23 -32.31
N LEU A 769 28.58 -30.76 -32.61
CA LEU A 769 27.52 -30.05 -33.21
C LEU A 769 26.78 -29.27 -32.14
N MET A 770 26.60 -29.87 -30.97
CA MET A 770 26.03 -29.15 -29.88
C MET A 770 26.96 -27.98 -29.46
N GLN A 771 28.28 -28.17 -29.52
CA GLN A 771 29.22 -27.09 -29.25
C GLN A 771 29.08 -25.88 -30.17
N GLU A 772 29.02 -26.13 -31.47
CA GLU A 772 28.73 -25.08 -32.42
C GLU A 772 27.42 -24.37 -32.10
N ALA A 773 26.39 -25.16 -31.81
CA ALA A 773 25.06 -24.55 -31.64
C ALA A 773 25.14 -23.66 -30.43
N LEU A 774 25.58 -24.26 -29.33
CA LEU A 774 25.67 -23.52 -28.08
C LEU A 774 26.57 -22.27 -28.18
N LEU A 775 27.76 -22.40 -28.79
CA LEU A 775 28.61 -21.20 -28.99
C LEU A 775 27.79 -20.12 -29.67
N ALA A 776 26.93 -20.51 -30.57
CA ALA A 776 26.16 -19.54 -31.32
C ALA A 776 24.96 -18.95 -30.50
N VAL A 777 24.26 -19.79 -29.78
CA VAL A 777 23.12 -19.36 -28.99
C VAL A 777 23.57 -18.34 -27.94
N VAL A 778 24.64 -18.71 -27.24
CA VAL A 778 25.18 -17.90 -26.18
C VAL A 778 25.56 -16.55 -26.69
N ARG A 779 26.21 -16.52 -27.85
CA ARG A 779 26.56 -15.23 -28.41
C ARG A 779 25.34 -14.41 -28.79
N MET A 780 24.26 -15.07 -29.22
CA MET A 780 23.06 -14.41 -29.76
C MET A 780 22.23 -13.87 -28.63
N LEU A 781 22.23 -14.60 -27.50
CA LEU A 781 21.51 -14.09 -26.33
C LEU A 781 22.26 -12.93 -25.67
N ASN A 782 23.53 -12.79 -25.98
CA ASN A 782 24.42 -11.89 -25.22
C ASN A 782 23.98 -10.45 -25.09
N PRO A 783 23.53 -9.87 -26.16
CA PRO A 783 23.05 -8.54 -26.04
C PRO A 783 21.91 -8.40 -25.04
N PHE A 784 21.08 -9.43 -24.90
CA PHE A 784 19.91 -9.39 -24.05
C PHE A 784 20.27 -9.74 -22.60
N THR A 785 20.98 -10.84 -22.43
CA THR A 785 21.29 -11.38 -21.13
C THR A 785 22.78 -11.56 -20.98
N PRO A 786 23.49 -10.44 -20.92
CA PRO A 786 24.91 -10.49 -21.01
C PRO A 786 25.60 -11.07 -19.83
N HIS A 787 25.01 -11.10 -18.65
CA HIS A 787 25.78 -11.62 -17.50
C HIS A 787 25.85 -13.14 -17.57
N ILE A 788 24.73 -13.76 -17.87
CA ILE A 788 24.69 -15.20 -17.98
C ILE A 788 25.56 -15.69 -19.16
N CYS A 789 25.62 -14.91 -20.24
CA CYS A 789 26.37 -15.33 -21.42
C CYS A 789 27.88 -15.08 -21.27
N PHE A 790 28.25 -14.02 -20.57
CA PHE A 790 29.66 -13.83 -20.24
C PHE A 790 30.13 -15.07 -19.52
N THR A 791 29.35 -15.52 -18.53
CA THR A 791 29.74 -16.72 -17.78
C THR A 791 29.77 -17.94 -18.66
N LEU A 792 28.69 -18.23 -19.36
CA LEU A 792 28.64 -19.44 -20.17
C LEU A 792 29.68 -19.45 -21.29
N TRP A 793 30.11 -18.31 -21.75
CA TRP A 793 31.07 -18.30 -22.81
C TRP A 793 32.37 -18.85 -22.31
N GLN A 794 32.65 -18.65 -21.02
CA GLN A 794 33.85 -19.26 -20.39
C GLN A 794 33.78 -20.76 -20.16
N GLU A 795 32.60 -21.29 -19.87
CA GLU A 795 32.48 -22.74 -19.69
C GLU A 795 32.57 -23.47 -21.02
N LEU A 796 32.05 -22.92 -22.10
CA LEU A 796 32.25 -23.43 -23.47
C LEU A 796 33.68 -23.18 -23.99
N LYS A 797 34.52 -22.56 -23.16
CA LYS A 797 35.88 -22.17 -23.57
C LYS A 797 35.95 -21.34 -24.85
N GLY A 798 35.04 -20.39 -25.04
CA GLY A 798 35.16 -19.48 -26.18
C GLY A 798 36.36 -18.55 -26.05
N GLU A 799 36.81 -17.96 -27.17
CA GLU A 799 37.96 -17.01 -27.11
C GLU A 799 37.66 -15.64 -26.47
N GLY A 800 38.40 -15.34 -25.40
CA GLY A 800 38.37 -14.03 -24.76
C GLY A 800 37.03 -13.70 -24.10
N ASP A 801 36.77 -12.41 -23.91
CA ASP A 801 35.51 -11.99 -23.36
C ASP A 801 34.40 -11.93 -24.45
N ILE A 802 33.26 -12.54 -24.16
CA ILE A 802 32.13 -12.52 -25.07
C ILE A 802 31.79 -11.12 -25.56
N ASP A 803 32.17 -10.09 -24.82
CA ASP A 803 31.83 -8.69 -25.17
C ASP A 803 32.45 -8.31 -26.49
N ASN A 804 33.61 -8.85 -26.78
CA ASN A 804 34.29 -8.66 -28.08
C ASN A 804 34.27 -9.88 -28.98
N ALA A 805 33.50 -10.90 -28.67
CA ALA A 805 33.42 -12.05 -29.56
C ALA A 805 32.70 -11.65 -30.88
N PRO A 806 33.15 -12.20 -32.02
CA PRO A 806 32.46 -11.88 -33.26
C PRO A 806 31.03 -12.38 -33.25
N TRP A 807 30.14 -11.58 -33.82
CA TRP A 807 28.79 -11.98 -33.99
C TRP A 807 28.79 -13.10 -35.02
N PRO A 808 27.95 -14.13 -34.81
CA PRO A 808 27.85 -15.31 -35.64
C PRO A 808 27.38 -15.07 -37.07
N VAL A 809 28.03 -15.74 -38.03
CA VAL A 809 27.59 -15.67 -39.39
C VAL A 809 27.01 -17.02 -39.83
N ALA A 810 25.80 -16.96 -40.40
CA ALA A 810 25.17 -18.10 -41.01
C ALA A 810 25.98 -18.55 -42.26
N ASP A 811 26.11 -19.86 -42.36
CA ASP A 811 26.74 -20.55 -43.43
C ASP A 811 25.63 -20.89 -44.41
N GLU A 812 25.60 -20.16 -45.54
CA GLU A 812 24.64 -20.45 -46.64
C GLU A 812 24.56 -21.91 -47.07
N LYS A 813 25.67 -22.61 -47.10
CA LYS A 813 25.70 -24.00 -47.50
C LYS A 813 25.07 -24.92 -46.46
N ALA A 814 24.84 -24.42 -45.26
CA ALA A 814 24.11 -25.19 -44.25
C ALA A 814 22.57 -24.96 -44.40
N MET A 815 22.16 -23.85 -44.99
CA MET A 815 20.75 -23.47 -45.02
C MET A 815 19.93 -23.95 -46.24
N VAL A 816 20.56 -24.65 -47.20
CA VAL A 816 19.91 -25.09 -48.43
C VAL A 816 18.78 -26.02 -48.08
N GLU A 817 17.63 -25.80 -48.68
CA GLU A 817 16.45 -26.60 -48.39
C GLU A 817 16.26 -27.55 -49.57
N ASP A 818 15.87 -28.80 -49.34
CA ASP A 818 15.57 -29.73 -50.47
C ASP A 818 14.08 -29.69 -50.83
N SER A 819 13.24 -29.49 -49.83
CA SER A 819 11.83 -29.46 -50.08
C SER A 819 11.20 -28.28 -49.37
N THR A 820 9.93 -28.01 -49.69
CA THR A 820 9.18 -26.84 -49.22
C THR A 820 7.72 -27.24 -49.02
N LEU A 821 7.00 -26.51 -48.15
CA LEU A 821 5.62 -26.81 -47.78
C LEU A 821 4.62 -26.03 -48.61
N VAL A 822 3.69 -26.70 -49.29
CA VAL A 822 2.61 -26.02 -50.01
C VAL A 822 1.27 -26.24 -49.31
N VAL A 823 0.53 -25.17 -49.08
CA VAL A 823 -0.85 -25.22 -48.58
C VAL A 823 -1.78 -25.39 -49.79
N VAL A 824 -2.71 -26.36 -49.75
CA VAL A 824 -3.66 -26.54 -50.83
C VAL A 824 -5.00 -26.02 -50.34
N GLN A 825 -5.45 -24.88 -50.88
CA GLN A 825 -6.78 -24.35 -50.71
C GLN A 825 -7.69 -24.81 -51.88
N VAL A 826 -8.99 -24.83 -51.59
CA VAL A 826 -10.09 -25.03 -52.51
C VAL A 826 -11.11 -23.89 -52.20
N ASN A 827 -11.46 -23.14 -53.24
CA ASN A 827 -12.12 -21.82 -53.08
C ASN A 827 -11.65 -21.01 -51.85
N GLY A 828 -10.35 -20.96 -51.64
CA GLY A 828 -9.82 -20.16 -50.53
C GLY A 828 -9.87 -20.85 -49.16
N LYS A 829 -10.30 -22.12 -49.05
CA LYS A 829 -10.29 -22.81 -47.74
C LYS A 829 -9.25 -23.91 -47.68
N VAL A 830 -8.41 -23.90 -46.62
CA VAL A 830 -7.29 -24.87 -46.60
C VAL A 830 -7.80 -26.31 -46.46
N ARG A 831 -7.39 -27.16 -47.37
CA ARG A 831 -7.84 -28.50 -47.34
C ARG A 831 -6.69 -29.48 -47.14
N ALA A 832 -5.46 -29.04 -47.40
CA ALA A 832 -4.32 -29.85 -47.06
C ALA A 832 -3.03 -29.06 -47.10
N LYS A 833 -2.00 -29.71 -46.59
CA LYS A 833 -0.63 -29.23 -46.64
C LYS A 833 0.24 -30.37 -47.15
N ILE A 834 1.13 -30.09 -48.10
CA ILE A 834 2.00 -31.13 -48.66
C ILE A 834 3.42 -30.63 -48.81
N THR A 835 4.40 -31.50 -48.61
CA THR A 835 5.81 -31.21 -48.87
C THR A 835 6.08 -31.59 -50.29
N VAL A 836 6.87 -30.80 -50.97
CA VAL A 836 7.08 -30.96 -52.39
C VAL A 836 8.50 -30.53 -52.79
N PRO A 837 9.28 -31.44 -53.38
CA PRO A 837 10.63 -31.02 -53.76
C PRO A 837 10.68 -29.55 -54.19
N VAL A 838 11.58 -28.77 -53.63
CA VAL A 838 11.64 -27.33 -53.91
C VAL A 838 11.50 -27.10 -55.41
N ASP A 839 12.24 -27.89 -56.18
CA ASP A 839 12.24 -27.79 -57.64
C ASP A 839 10.95 -28.35 -58.30
N ALA A 840 9.78 -27.89 -57.87
CA ALA A 840 8.52 -28.49 -58.32
C ALA A 840 7.68 -27.56 -59.19
N THR A 841 7.26 -28.07 -60.33
CA THR A 841 6.38 -27.34 -61.25
C THR A 841 4.95 -27.34 -60.74
N GLU A 842 4.14 -26.46 -61.32
CA GLU A 842 2.73 -26.34 -60.96
C GLU A 842 2.00 -27.66 -61.23
N GLU A 843 2.38 -28.32 -62.33
CA GLU A 843 1.77 -29.56 -62.76
C GLU A 843 2.07 -30.64 -61.73
N GLN A 844 3.31 -30.70 -61.30
CA GLN A 844 3.71 -31.58 -60.22
C GLN A 844 2.85 -31.34 -58.96
N VAL A 845 2.67 -30.07 -58.57
CA VAL A 845 1.95 -29.75 -57.35
C VAL A 845 0.45 -30.07 -57.46
N ARG A 846 -0.15 -29.85 -58.64
CA ARG A 846 -1.56 -30.21 -58.81
C ARG A 846 -1.77 -31.69 -58.56
N GLU A 847 -0.85 -32.48 -59.06
CA GLU A 847 -1.01 -33.91 -59.10
C GLU A 847 -0.96 -34.37 -57.67
N ARG A 848 0.06 -33.88 -56.98
CA ARG A 848 0.27 -34.24 -55.62
C ARG A 848 -0.94 -33.80 -54.83
N ALA A 849 -1.41 -32.58 -55.08
CA ALA A 849 -2.56 -32.05 -54.37
C ALA A 849 -3.78 -32.94 -54.57
N GLY A 850 -3.93 -33.44 -55.80
CA GLY A 850 -5.06 -34.30 -56.19
C GLY A 850 -5.14 -35.59 -55.41
N GLN A 851 -3.97 -36.15 -55.07
CA GLN A 851 -3.84 -37.33 -54.22
C GLN A 851 -4.39 -37.21 -52.80
N GLU A 852 -4.65 -35.99 -52.32
CA GLU A 852 -5.13 -35.80 -50.96
C GLU A 852 -6.63 -36.03 -50.90
N HIS A 853 -7.07 -36.94 -50.04
CA HIS A 853 -8.47 -37.30 -50.00
C HIS A 853 -9.39 -36.18 -49.61
N LEU A 854 -8.92 -35.20 -48.88
CA LEU A 854 -9.75 -34.08 -48.50
C LEU A 854 -9.83 -33.05 -49.60
N VAL A 855 -8.91 -33.08 -50.55
CA VAL A 855 -8.96 -32.18 -51.69
C VAL A 855 -9.89 -32.84 -52.67
N ALA A 856 -9.64 -34.13 -52.92
CA ALA A 856 -10.47 -34.97 -53.77
C ALA A 856 -11.93 -34.77 -53.38
N LYS A 857 -12.22 -34.88 -52.08
CA LYS A 857 -13.59 -34.78 -51.53
C LYS A 857 -14.29 -33.50 -51.98
N TYR A 858 -13.55 -32.39 -52.05
CA TYR A 858 -14.09 -31.13 -52.51
C TYR A 858 -13.95 -30.89 -54.02
N LEU A 859 -13.46 -31.85 -54.80
CA LEU A 859 -13.48 -31.73 -56.29
C LEU A 859 -14.52 -32.53 -57.06
N ASP A 860 -15.30 -33.39 -56.39
CA ASP A 860 -16.31 -34.18 -57.09
C ASP A 860 -17.65 -33.49 -57.27
N GLY A 861 -18.16 -33.54 -58.50
CA GLY A 861 -19.35 -32.80 -58.90
C GLY A 861 -19.04 -31.44 -59.51
N VAL A 862 -17.81 -30.97 -59.33
CA VAL A 862 -17.45 -29.59 -59.68
C VAL A 862 -16.32 -29.56 -60.69
N THR A 863 -16.10 -28.39 -61.29
CA THR A 863 -15.09 -28.18 -62.33
C THR A 863 -14.06 -27.15 -61.82
N VAL A 864 -12.81 -27.29 -62.23
CA VAL A 864 -11.81 -26.30 -61.83
C VAL A 864 -11.90 -25.18 -62.83
N ARG A 865 -12.39 -24.06 -62.37
CA ARG A 865 -12.59 -22.91 -63.23
C ARG A 865 -11.28 -22.20 -63.41
N LYS A 866 -10.50 -22.13 -62.33
CA LYS A 866 -9.25 -21.40 -62.34
C LYS A 866 -8.30 -22.03 -61.35
N VAL A 867 -6.99 -21.75 -61.50
CA VAL A 867 -5.94 -22.19 -60.60
C VAL A 867 -4.90 -21.11 -60.29
N ILE A 868 -4.65 -20.91 -59.01
CA ILE A 868 -3.71 -19.94 -58.57
C ILE A 868 -2.54 -20.67 -57.95
N TYR A 869 -1.35 -20.50 -58.52
CA TYR A 869 -0.18 -21.10 -57.97
C TYR A 869 0.79 -20.01 -57.54
N VAL A 870 1.02 -19.87 -56.23
CA VAL A 870 2.09 -19.02 -55.69
C VAL A 870 3.30 -19.92 -55.45
N PRO A 871 4.31 -19.85 -56.34
CA PRO A 871 5.51 -20.69 -56.33
C PRO A 871 6.05 -21.06 -54.93
N GLY A 872 5.94 -22.34 -54.62
CA GLY A 872 6.54 -22.92 -53.42
C GLY A 872 5.78 -22.65 -52.15
N LYS A 873 4.58 -22.08 -52.26
CA LYS A 873 3.92 -21.66 -51.06
C LYS A 873 2.49 -22.14 -51.02
N LEU A 874 1.74 -21.97 -52.10
CA LEU A 874 0.29 -22.15 -52.04
C LEU A 874 -0.31 -22.52 -53.37
N LEU A 875 -1.25 -23.46 -53.33
CA LEU A 875 -2.11 -23.74 -54.47
C LEU A 875 -3.54 -23.52 -54.08
N ASN A 876 -4.24 -22.72 -54.87
CA ASN A 876 -5.68 -22.59 -54.71
C ASN A 876 -6.50 -22.93 -55.98
N LEU A 877 -7.25 -24.01 -55.89
CA LEU A 877 -8.06 -24.46 -56.99
C LEU A 877 -9.41 -23.76 -56.84
N VAL A 878 -9.82 -22.99 -57.83
CA VAL A 878 -11.09 -22.25 -57.73
C VAL A 878 -12.11 -23.09 -58.44
N VAL A 879 -13.23 -23.32 -57.77
CA VAL A 879 -14.11 -24.41 -58.15
C VAL A 879 -15.57 -24.05 -58.14
N GLY A 880 -16.27 -24.49 -59.19
CA GLY A 880 -17.71 -24.28 -59.36
C GLY A 880 -18.61 -25.26 -58.60
N MET C 21 -39.95 -23.02 -2.25
CA MET C 21 -38.58 -23.30 -1.70
C MET C 21 -37.78 -23.85 -2.84
N GLN C 22 -36.73 -23.16 -3.29
CA GLN C 22 -35.96 -23.72 -4.42
C GLN C 22 -35.05 -24.83 -3.95
N GLU C 23 -34.94 -25.86 -4.78
CA GLU C 23 -34.15 -27.05 -4.52
C GLU C 23 -32.80 -26.74 -3.89
N GLN C 24 -32.21 -25.59 -4.25
CA GLN C 24 -30.84 -25.27 -3.88
C GLN C 24 -30.68 -24.20 -2.77
N TYR C 25 -29.79 -24.48 -1.83
CA TYR C 25 -29.46 -23.52 -0.78
C TYR C 25 -28.82 -22.37 -1.48
N ARG C 26 -29.42 -21.18 -1.43
CA ARG C 26 -28.76 -20.01 -2.04
C ARG C 26 -28.66 -18.77 -1.14
N PRO C 27 -27.55 -18.68 -0.40
CA PRO C 27 -27.45 -17.70 0.68
C PRO C 27 -27.39 -16.26 0.21
N GLU C 28 -26.80 -15.99 -0.94
CA GLU C 28 -26.78 -14.62 -1.47
C GLU C 28 -28.20 -14.04 -1.76
N GLU C 29 -29.24 -14.90 -1.71
CA GLU C 29 -30.67 -14.53 -1.85
C GLU C 29 -31.50 -14.64 -0.55
N ILE C 30 -30.87 -15.08 0.54
CA ILE C 30 -31.57 -15.37 1.81
C ILE C 30 -31.12 -14.45 2.97
N GLU C 31 -29.84 -14.12 2.97
CA GLU C 31 -29.23 -13.51 4.12
C GLU C 31 -29.60 -12.02 4.29
N SER C 32 -29.59 -11.22 3.22
CA SER C 32 -30.06 -9.85 3.33
C SER C 32 -31.56 -9.77 3.36
N LYS C 33 -32.25 -10.79 2.88
CA LYS C 33 -33.68 -10.90 3.13
C LYS C 33 -33.98 -11.02 4.64
N VAL C 34 -33.40 -12.01 5.30
CA VAL C 34 -33.68 -12.20 6.71
C VAL C 34 -33.16 -11.00 7.49
N GLN C 35 -32.06 -10.40 7.06
CA GLN C 35 -31.47 -9.28 7.78
C GLN C 35 -32.41 -8.08 7.73
N LEU C 36 -32.84 -7.74 6.51
CA LEU C 36 -33.73 -6.63 6.30
C LEU C 36 -34.98 -6.82 7.17
N HIS C 37 -35.43 -8.06 7.31
CA HIS C 37 -36.57 -8.39 8.16
C HIS C 37 -36.27 -8.03 9.59
N TRP C 38 -35.12 -8.42 10.09
CA TRP C 38 -34.80 -8.10 11.49
C TRP C 38 -34.64 -6.61 11.71
N ASP C 39 -34.17 -5.91 10.68
CA ASP C 39 -34.06 -4.45 10.72
C ASP C 39 -35.43 -3.78 10.67
N GLU C 40 -36.34 -4.31 9.86
CA GLU C 40 -37.68 -3.72 9.78
C GLU C 40 -38.47 -4.06 11.02
N LYS C 41 -38.48 -5.31 11.47
CA LYS C 41 -39.28 -5.69 12.63
C LYS C 41 -38.62 -5.33 13.96
N ARG C 42 -37.42 -4.78 13.91
CA ARG C 42 -36.67 -4.43 15.09
C ARG C 42 -36.71 -5.57 16.11
N THR C 43 -36.38 -6.79 15.63
CA THR C 43 -36.52 -8.03 16.36
C THR C 43 -35.73 -7.95 17.66
N PHE C 44 -34.50 -7.47 17.57
CA PHE C 44 -33.61 -7.51 18.74
C PHE C 44 -33.53 -6.24 19.64
N GLU C 45 -34.34 -5.25 19.36
CA GLU C 45 -34.41 -4.07 20.21
C GLU C 45 -35.18 -4.44 21.43
N VAL C 46 -34.61 -4.30 22.62
CA VAL C 46 -35.31 -4.78 23.82
C VAL C 46 -35.68 -3.60 24.74
N THR C 47 -36.62 -3.82 25.65
CA THR C 47 -36.85 -2.85 26.71
C THR C 47 -36.77 -3.48 28.12
N GLU C 48 -36.83 -2.60 29.12
CA GLU C 48 -36.82 -2.98 30.51
C GLU C 48 -38.24 -3.35 30.84
N ASP C 49 -38.49 -4.65 30.77
CA ASP C 49 -39.82 -5.20 30.83
C ASP C 49 -39.92 -6.17 32.01
N GLU C 50 -40.58 -5.73 33.07
CA GLU C 50 -40.70 -6.52 34.30
C GLU C 50 -41.33 -7.89 34.05
N SER C 51 -42.35 -7.92 33.20
CA SER C 51 -43.08 -9.17 32.98
C SER C 51 -42.12 -10.32 32.70
N LYS C 52 -41.15 -10.10 31.83
CA LYS C 52 -40.26 -11.18 31.41
C LYS C 52 -39.06 -11.32 32.34
N GLU C 53 -38.28 -12.37 32.16
CA GLU C 53 -37.01 -12.54 32.86
C GLU C 53 -35.86 -12.00 31.99
N LYS C 54 -34.88 -11.38 32.62
CA LYS C 54 -33.85 -10.68 31.89
C LYS C 54 -32.58 -11.53 31.70
N TYR C 55 -31.94 -11.38 30.55
CA TYR C 55 -30.60 -11.89 30.38
C TYR C 55 -29.73 -10.89 29.65
N TYR C 56 -28.61 -10.51 30.24
CA TYR C 56 -27.69 -9.57 29.63
C TYR C 56 -26.48 -10.35 29.06
N CYS C 57 -26.30 -10.30 27.74
CA CYS C 57 -25.24 -11.04 27.07
C CYS C 57 -24.32 -10.10 26.33
N LEU C 58 -23.15 -9.84 26.90
CA LEU C 58 -22.27 -8.77 26.46
C LEU C 58 -20.99 -9.33 25.89
N SER C 59 -20.64 -8.91 24.67
CA SER C 59 -19.31 -9.13 24.12
C SER C 59 -18.53 -7.80 24.22
N MET C 60 -17.21 -7.87 24.25
CA MET C 60 -16.41 -6.67 24.48
C MET C 60 -16.42 -5.78 23.22
N LEU C 61 -16.84 -4.52 23.37
CA LEU C 61 -17.00 -3.62 22.23
C LEU C 61 -15.66 -3.39 21.54
N PRO C 62 -15.66 -3.31 20.19
CA PRO C 62 -14.45 -3.27 19.36
C PRO C 62 -13.83 -1.94 19.14
N TYR C 63 -12.52 -1.94 18.91
CA TYR C 63 -11.84 -0.73 18.45
C TYR C 63 -12.01 -0.64 16.95
N PRO C 64 -12.51 0.50 16.43
CA PRO C 64 -12.79 0.58 14.99
C PRO C 64 -11.52 0.71 14.19
N SER C 65 -10.84 -0.43 14.00
CA SER C 65 -9.54 -0.45 13.36
C SER C 65 -9.65 -0.24 11.87
N GLY C 66 -10.76 -0.68 11.28
CA GLY C 66 -10.94 -0.64 9.82
C GLY C 66 -11.71 -1.84 9.31
N ARG C 67 -11.39 -3.02 9.78
CA ARG C 67 -11.99 -4.25 9.24
C ARG C 67 -12.11 -5.26 10.33
N LEU C 68 -13.12 -6.07 10.19
CA LEU C 68 -13.26 -7.21 11.03
C LEU C 68 -12.22 -8.25 10.64
N HIS C 69 -11.62 -8.92 11.60
CA HIS C 69 -10.90 -10.15 11.30
C HIS C 69 -11.60 -11.32 12.00
N MET C 70 -11.10 -12.52 11.72
CA MET C 70 -11.70 -13.75 12.24
C MET C 70 -11.69 -13.83 13.79
N GLY C 71 -10.73 -13.17 14.42
CA GLY C 71 -10.85 -12.91 15.87
C GLY C 71 -12.19 -12.27 16.24
N HIS C 72 -12.58 -11.20 15.56
CA HIS C 72 -13.78 -10.55 16.01
C HIS C 72 -14.95 -11.48 15.76
N VAL C 73 -14.86 -12.27 14.68
CA VAL C 73 -15.98 -13.12 14.25
C VAL C 73 -16.15 -14.23 15.24
N ARG C 74 -15.06 -14.77 15.77
CA ARG C 74 -15.19 -15.77 16.83
C ARG C 74 -15.93 -15.23 18.05
N ASN C 75 -15.47 -14.09 18.55
CA ASN C 75 -15.98 -13.41 19.74
C ASN C 75 -17.45 -13.08 19.57
N TYR C 76 -17.79 -12.47 18.44
CA TYR C 76 -19.13 -12.00 18.21
C TYR C 76 -20.08 -13.12 17.87
N THR C 77 -19.57 -14.21 17.29
CA THR C 77 -20.44 -15.33 16.99
C THR C 77 -20.82 -16.04 18.28
N ILE C 78 -19.81 -16.23 19.16
CA ILE C 78 -19.98 -16.89 20.45
C ILE C 78 -21.08 -16.16 21.16
N GLY C 79 -20.97 -14.83 21.15
CA GLY C 79 -21.89 -14.02 21.91
C GLY C 79 -23.27 -14.01 21.30
N ASP C 80 -23.39 -14.13 19.97
CA ASP C 80 -24.71 -14.24 19.33
C ASP C 80 -25.38 -15.59 19.63
N VAL C 81 -24.55 -16.63 19.61
CA VAL C 81 -25.00 -17.97 19.86
C VAL C 81 -25.63 -18.01 21.22
N ILE C 82 -25.03 -17.38 22.21
CA ILE C 82 -25.67 -17.39 23.51
C ILE C 82 -26.91 -16.49 23.49
N ALA C 83 -26.79 -15.34 22.86
CA ALA C 83 -27.92 -14.39 22.78
C ALA C 83 -29.21 -15.06 22.24
N ARG C 84 -29.09 -15.77 21.12
CA ARG C 84 -30.28 -16.32 20.48
C ARG C 84 -30.75 -17.53 21.23
N TYR C 85 -29.79 -18.31 21.75
CA TYR C 85 -30.10 -19.43 22.62
C TYR C 85 -31.06 -19.03 23.75
N GLN C 86 -30.71 -17.98 24.47
CA GLN C 86 -31.46 -17.60 25.68
C GLN C 86 -32.78 -16.95 25.31
N ARG C 87 -32.84 -16.31 24.15
CA ARG C 87 -34.09 -15.77 23.65
C ARG C 87 -35.08 -16.89 23.36
N MET C 88 -34.57 -18.00 22.84
CA MET C 88 -35.44 -19.14 22.59
C MET C 88 -35.93 -19.72 23.92
N LEU C 89 -35.19 -19.50 25.00
CA LEU C 89 -35.59 -20.02 26.29
C LEU C 89 -36.61 -19.11 26.94
N GLY C 90 -36.96 -18.02 26.26
CA GLY C 90 -38.03 -17.13 26.72
C GLY C 90 -37.58 -15.95 27.56
N LYS C 91 -36.30 -15.63 27.49
CA LYS C 91 -35.74 -14.53 28.20
C LYS C 91 -35.70 -13.27 27.31
N ASN C 92 -36.12 -12.16 27.87
CA ASN C 92 -35.87 -10.84 27.33
C ASN C 92 -34.36 -10.58 27.37
N VAL C 93 -33.72 -10.43 26.20
CA VAL C 93 -32.26 -10.54 26.12
C VAL C 93 -31.58 -9.33 25.52
N LEU C 94 -30.60 -8.80 26.23
CA LEU C 94 -29.92 -7.60 25.80
C LEU C 94 -28.56 -7.95 25.25
N GLN C 95 -28.40 -7.77 23.94
CA GLN C 95 -27.12 -7.95 23.27
C GLN C 95 -26.74 -6.67 22.54
N PRO C 96 -25.87 -5.87 23.16
CA PRO C 96 -25.52 -4.61 22.61
C PRO C 96 -24.20 -4.66 21.88
N ILE C 97 -24.00 -3.63 21.06
CA ILE C 97 -22.79 -3.30 20.32
C ILE C 97 -22.58 -1.77 20.29
N GLY C 98 -21.32 -1.39 20.20
CA GLY C 98 -20.88 0.01 20.26
C GLY C 98 -19.40 0.05 19.89
N TRP C 99 -18.80 1.24 19.92
CA TRP C 99 -17.43 1.40 19.45
C TRP C 99 -16.55 2.02 20.47
N ASP C 100 -15.47 1.30 20.83
CA ASP C 100 -14.35 1.79 21.68
C ASP C 100 -13.48 2.67 20.78
N ALA C 101 -13.79 3.97 20.70
CA ALA C 101 -13.47 4.74 19.48
C ALA C 101 -12.22 5.66 19.50
N PHE C 102 -11.74 6.00 20.69
CA PHE C 102 -10.55 6.83 20.83
C PHE C 102 -9.40 5.87 20.90
N GLY C 103 -8.19 6.38 20.68
CA GLY C 103 -7.01 5.57 20.78
C GLY C 103 -5.89 6.03 19.91
N LEU C 104 -4.76 5.35 20.05
CA LEU C 104 -3.49 5.73 19.41
C LEU C 104 -3.39 5.48 17.86
N PRO C 105 -3.96 4.37 17.35
CA PRO C 105 -3.82 4.07 15.91
C PRO C 105 -4.53 5.03 14.97
N ALA C 106 -5.71 5.51 15.40
CA ALA C 106 -6.41 6.55 14.65
C ALA C 106 -5.43 7.69 14.34
N GLU C 107 -4.69 8.14 15.34
CA GLU C 107 -3.73 9.20 15.14
C GLU C 107 -2.60 8.82 14.18
N GLY C 108 -2.12 7.60 14.28
CA GLY C 108 -1.09 7.12 13.39
C GLY C 108 -1.62 7.16 11.97
N ALA C 109 -2.73 6.48 11.76
CA ALA C 109 -3.45 6.50 10.48
C ALA C 109 -3.55 7.88 9.85
N ALA C 110 -3.98 8.88 10.64
CA ALA C 110 -3.98 10.29 10.24
C ALA C 110 -2.69 10.70 9.55
N VAL C 111 -1.62 10.75 10.33
CA VAL C 111 -0.37 11.34 9.83
C VAL C 111 0.11 10.64 8.55
N LYS C 112 0.21 9.30 8.59
CA LYS C 112 0.73 8.47 7.46
C LYS C 112 -0.06 8.76 6.19
N ASN C 113 -1.38 8.77 6.32
CA ASN C 113 -2.25 9.21 5.25
C ASN C 113 -2.30 10.74 5.28
N ASN C 114 -3.50 11.30 5.32
CA ASN C 114 -3.70 12.71 5.11
C ASN C 114 -5.17 12.90 5.44
N THR C 115 -5.44 12.93 6.75
CA THR C 115 -6.76 12.64 7.33
C THR C 115 -6.64 12.99 8.82
N ALA C 116 -7.67 13.63 9.40
CA ALA C 116 -7.78 13.83 10.85
C ALA C 116 -8.45 12.60 11.49
N PRO C 117 -8.21 12.37 12.78
CA PRO C 117 -8.66 11.20 13.51
C PRO C 117 -10.16 10.95 13.56
N ALA C 118 -10.96 12.01 13.67
CA ALA C 118 -12.40 11.85 13.74
C ALA C 118 -12.95 11.21 12.44
N PRO C 119 -12.74 11.83 11.29
CA PRO C 119 -13.31 11.20 10.08
C PRO C 119 -12.83 9.77 9.86
N TRP C 120 -11.57 9.52 10.13
CA TRP C 120 -11.02 8.20 9.99
C TRP C 120 -11.79 7.26 10.82
N THR C 121 -11.95 7.58 12.09
CA THR C 121 -12.69 6.71 12.99
C THR C 121 -14.11 6.52 12.49
N TYR C 122 -14.80 7.62 12.13
CA TYR C 122 -16.24 7.57 11.77
C TYR C 122 -16.47 6.73 10.52
N ASP C 123 -15.58 6.89 9.53
CA ASP C 123 -15.58 6.02 8.34
C ASP C 123 -15.31 4.57 8.71
N ASN C 124 -14.30 4.33 9.56
CA ASN C 124 -13.96 2.98 10.01
C ASN C 124 -15.13 2.34 10.74
N ILE C 125 -15.86 3.11 11.54
CA ILE C 125 -17.08 2.64 12.19
C ILE C 125 -18.07 2.23 11.08
N ALA C 126 -18.33 3.16 10.17
CA ALA C 126 -19.34 2.89 9.14
C ALA C 126 -19.10 1.53 8.45
N TYR C 127 -17.86 1.23 8.11
CA TYR C 127 -17.53 0.01 7.38
C TYR C 127 -17.68 -1.24 8.27
N MET C 128 -17.23 -1.17 9.52
CA MET C 128 -17.24 -2.35 10.32
C MET C 128 -18.66 -2.77 10.67
N LYS C 129 -19.51 -1.76 10.91
CA LYS C 129 -20.90 -1.99 11.27
C LYS C 129 -21.62 -2.68 10.13
N ASN C 130 -21.35 -2.24 8.90
CA ASN C 130 -21.91 -2.91 7.75
C ASN C 130 -21.41 -4.35 7.67
N GLN C 131 -20.13 -4.56 7.98
CA GLN C 131 -19.58 -5.91 8.04
C GLN C 131 -20.28 -6.77 9.14
N LEU C 132 -20.46 -6.17 10.30
CA LEU C 132 -21.21 -6.83 11.37
C LEU C 132 -22.65 -7.12 11.04
N LYS C 133 -23.29 -6.32 10.17
CA LYS C 133 -24.71 -6.50 9.94
C LYS C 133 -24.90 -7.66 8.99
N MET C 134 -24.00 -7.79 8.04
CA MET C 134 -24.04 -8.91 7.09
C MET C 134 -23.76 -10.30 7.71
N LEU C 135 -23.11 -10.33 8.88
CA LEU C 135 -22.83 -11.59 9.59
C LEU C 135 -24.04 -12.00 10.41
N GLY C 136 -25.00 -11.09 10.55
CA GLY C 136 -26.32 -11.40 11.07
C GLY C 136 -26.39 -11.45 12.58
N PHE C 137 -25.59 -10.64 13.25
CA PHE C 137 -25.67 -10.66 14.72
C PHE C 137 -26.95 -9.98 15.19
N GLY C 138 -27.50 -10.45 16.31
CA GLY C 138 -28.80 -9.97 16.78
C GLY C 138 -28.66 -8.86 17.78
N TYR C 139 -28.10 -7.74 17.36
CA TYR C 139 -27.86 -6.64 18.28
C TYR C 139 -29.04 -5.66 18.40
N ASP C 140 -29.22 -5.09 19.59
CA ASP C 140 -30.07 -3.90 19.74
C ASP C 140 -29.33 -2.68 19.22
N TRP C 141 -29.43 -2.45 17.93
CA TRP C 141 -28.81 -1.28 17.31
C TRP C 141 -29.32 0.02 17.83
N SER C 142 -30.50 0.01 18.46
CA SER C 142 -31.06 1.25 19.02
C SER C 142 -30.18 1.74 20.13
N ARG C 143 -29.33 0.88 20.67
CA ARG C 143 -28.46 1.27 21.79
C ARG C 143 -26.99 1.48 21.43
N GLU C 144 -26.71 1.61 20.15
CA GLU C 144 -25.37 1.96 19.67
C GLU C 144 -24.74 3.20 20.35
N LEU C 145 -23.46 3.06 20.65
CA LEU C 145 -22.61 4.06 21.25
C LEU C 145 -21.30 4.20 20.48
N ALA C 146 -20.83 5.42 20.36
CA ALA C 146 -19.47 5.68 19.95
C ALA C 146 -18.83 6.36 21.14
N THR C 147 -17.73 5.86 21.64
CA THR C 147 -17.20 6.33 22.92
C THR C 147 -16.51 7.68 22.78
N CYS C 148 -16.35 8.12 21.53
CA CYS C 148 -15.69 9.36 21.24
C CYS C 148 -16.66 10.51 20.98
N THR C 149 -17.92 10.34 21.32
CA THR C 149 -18.88 11.40 21.14
C THR C 149 -19.11 12.06 22.50
N PRO C 150 -19.21 13.39 22.52
CA PRO C 150 -19.48 14.10 23.76
C PRO C 150 -20.69 13.57 24.52
N GLU C 151 -21.66 13.03 23.80
CA GLU C 151 -22.84 12.46 24.42
C GLU C 151 -22.46 11.30 25.39
N TYR C 152 -21.23 10.83 25.27
CA TYR C 152 -20.75 9.72 26.05
C TYR C 152 -19.63 10.19 26.99
N TYR C 153 -18.58 10.77 26.43
CA TYR C 153 -17.43 11.02 27.27
C TYR C 153 -17.68 12.09 28.33
N ARG C 154 -18.76 12.87 28.17
CA ARG C 154 -19.15 13.87 29.17
C ARG C 154 -19.41 13.30 30.53
N TRP C 155 -19.77 12.02 30.63
CA TRP C 155 -20.08 11.42 31.94
C TRP C 155 -18.87 10.95 32.65
N GLU C 156 -17.89 10.46 31.93
CA GLU C 156 -16.66 10.18 32.61
C GLU C 156 -15.95 11.47 33.11
N GLN C 157 -16.21 12.61 32.48
CA GLN C 157 -15.59 13.86 32.90
C GLN C 157 -16.23 14.29 34.20
N LYS C 158 -17.57 14.22 34.23
CA LYS C 158 -18.34 14.50 35.44
C LYS C 158 -18.03 13.54 36.56
N PHE C 159 -17.88 12.26 36.23
CA PHE C 159 -17.49 11.26 37.22
C PHE C 159 -16.10 11.50 37.78
N PHE C 160 -15.18 11.90 36.91
CA PHE C 160 -13.83 12.17 37.33
C PHE C 160 -13.78 13.35 38.28
N THR C 161 -14.62 14.36 38.05
CA THR C 161 -14.70 15.51 38.94
C THR C 161 -15.26 15.11 40.31
N GLU C 162 -16.22 14.19 40.37
CA GLU C 162 -16.70 13.65 41.64
C GLU C 162 -15.59 12.85 42.40
N LEU C 163 -14.90 11.98 41.68
CA LEU C 163 -13.77 11.19 42.20
C LEU C 163 -12.65 12.04 42.84
N TYR C 164 -12.35 13.17 42.23
CA TYR C 164 -11.43 14.15 42.82
C TYR C 164 -11.89 14.73 44.19
N LYS C 165 -13.14 15.21 44.24
CA LYS C 165 -13.75 15.73 45.47
C LYS C 165 -14.01 14.70 46.60
N LYS C 166 -13.96 13.41 46.30
CA LYS C 166 -13.86 12.36 47.33
C LYS C 166 -12.41 12.01 47.67
N GLY C 167 -11.44 12.66 46.98
CA GLY C 167 -10.02 12.32 47.12
C GLY C 167 -9.58 10.96 46.59
N LEU C 168 -10.22 10.45 45.53
CA LEU C 168 -9.73 9.27 44.81
C LEU C 168 -8.86 9.60 43.55
N VAL C 169 -8.41 10.85 43.41
CA VAL C 169 -7.61 11.27 42.28
C VAL C 169 -6.51 12.22 42.72
N TYR C 170 -5.31 12.08 42.17
CA TYR C 170 -4.17 12.83 42.70
C TYR C 170 -3.07 12.92 41.65
N LYS C 171 -2.26 13.98 41.75
CA LYS C 171 -1.19 14.27 40.81
C LYS C 171 0.10 13.76 41.42
N LYS C 172 0.91 13.04 40.65
CA LYS C 172 2.27 12.72 41.10
C LYS C 172 3.11 12.57 39.87
N THR C 173 4.36 12.98 39.97
CA THR C 173 5.31 12.78 38.90
C THR C 173 5.46 11.32 38.52
N SER C 174 5.56 11.02 37.23
CA SER C 174 5.58 9.63 36.77
C SER C 174 6.25 9.41 35.41
N ALA C 175 7.08 8.38 35.34
CA ALA C 175 8.01 8.20 34.23
C ALA C 175 7.27 7.82 32.98
N VAL C 176 7.79 8.30 31.87
CA VAL C 176 7.16 8.23 30.57
C VAL C 176 8.26 8.04 29.54
N ASN C 177 8.03 7.18 28.56
CA ASN C 177 8.93 7.06 27.42
C ASN C 177 8.92 8.38 26.66
N TRP C 178 10.08 8.97 26.40
CA TRP C 178 10.12 10.31 25.84
C TRP C 178 11.05 10.31 24.68
N CYS C 179 10.92 11.35 23.86
CA CYS C 179 11.86 11.58 22.77
C CYS C 179 12.41 13.02 22.83
N PRO C 180 13.73 13.16 23.04
CA PRO C 180 14.40 14.47 22.96
C PRO C 180 14.58 14.96 21.52
N ASN C 181 14.55 14.04 20.56
CA ASN C 181 14.48 14.37 19.12
C ASN C 181 13.23 15.23 18.85
N ASP C 182 12.05 14.69 19.18
CA ASP C 182 10.77 15.27 18.76
C ASP C 182 10.08 16.15 19.84
N GLN C 183 10.55 16.08 21.08
CA GLN C 183 9.85 16.66 22.24
C GLN C 183 8.45 16.04 22.41
N THR C 184 8.38 14.72 22.57
CA THR C 184 7.08 14.04 22.49
C THR C 184 7.04 12.66 23.16
N VAL C 185 5.90 12.36 23.80
CA VAL C 185 5.75 11.19 24.64
C VAL C 185 5.31 9.98 23.84
N LEU C 186 6.18 8.98 23.73
CA LEU C 186 5.84 7.73 23.03
C LEU C 186 5.25 6.66 23.97
N ALA C 187 4.55 5.69 23.39
CA ALA C 187 3.91 4.57 24.13
C ALA C 187 4.74 3.27 24.00
N ASN C 188 4.50 2.28 24.83
CA ASN C 188 5.39 1.09 24.84
C ASN C 188 5.50 0.39 23.48
N GLU C 189 4.39 0.32 22.75
CA GLU C 189 4.38 -0.34 21.44
C GLU C 189 5.19 0.45 20.43
N GLN C 190 5.25 1.77 20.61
CA GLN C 190 6.05 2.65 19.74
C GLN C 190 7.51 2.80 20.17
N VAL C 191 8.07 1.75 20.77
CA VAL C 191 9.54 1.65 20.97
C VAL C 191 10.00 0.31 20.37
N ILE C 192 10.57 0.35 19.15
CA ILE C 192 11.03 -0.88 18.47
C ILE C 192 12.37 -1.30 19.10
N ASP C 193 12.35 -2.40 19.87
CA ASP C 193 13.57 -2.99 20.46
C ASP C 193 14.36 -2.05 21.41
N GLY C 194 13.69 -1.04 21.97
CA GLY C 194 14.34 -0.04 22.83
C GLY C 194 14.87 1.21 22.10
N CYS C 195 14.77 1.21 20.78
CA CYS C 195 14.95 2.44 19.99
C CYS C 195 13.56 2.93 19.56
N CYS C 196 13.50 4.19 19.12
CA CYS C 196 12.25 4.78 18.63
C CYS C 196 11.84 4.18 17.28
N TRP C 197 10.58 4.37 16.88
CA TRP C 197 10.07 3.70 15.65
C TRP C 197 10.44 4.38 14.32
N ARG C 198 10.38 5.71 14.26
CA ARG C 198 10.65 6.48 13.04
C ARG C 198 12.15 6.71 12.81
N CYS C 199 12.85 7.03 13.90
CA CYS C 199 14.22 7.55 13.83
C CYS C 199 15.17 6.95 14.86
N ASP C 200 16.45 7.02 14.53
CA ASP C 200 17.53 6.59 15.42
C ASP C 200 17.81 7.64 16.48
N THR C 201 17.08 7.58 17.60
CA THR C 201 17.42 8.40 18.78
C THR C 201 17.20 7.64 20.09
N LYS C 202 17.93 8.09 21.11
CA LYS C 202 17.88 7.49 22.44
C LYS C 202 16.54 7.74 23.12
N VAL C 203 16.01 6.66 23.68
CA VAL C 203 14.62 6.60 24.09
C VAL C 203 14.58 6.79 25.61
N GLU C 204 14.64 8.05 26.04
CA GLU C 204 14.88 8.36 27.46
C GLU C 204 13.61 8.27 28.36
N ARG C 205 13.78 8.58 29.64
CA ARG C 205 12.69 8.76 30.60
C ARG C 205 12.33 10.25 30.73
N LYS C 206 11.11 10.54 31.15
CA LYS C 206 10.77 11.90 31.56
C LYS C 206 9.77 11.83 32.70
N GLU C 207 9.96 12.72 33.67
CA GLU C 207 9.11 12.83 34.85
C GLU C 207 7.98 13.82 34.61
N ILE C 208 6.78 13.35 34.27
CA ILE C 208 5.67 14.29 34.10
C ILE C 208 4.67 14.11 35.25
N PRO C 209 4.21 15.21 35.84
CA PRO C 209 3.09 15.10 36.78
C PRO C 209 1.80 14.70 36.07
N GLN C 210 1.32 13.50 36.35
CA GLN C 210 0.12 13.03 35.74
C GLN C 210 -0.95 12.83 36.79
N TRP C 211 -2.18 12.64 36.31
CA TRP C 211 -3.29 12.26 37.17
C TRP C 211 -3.36 10.76 37.35
N PHE C 212 -3.77 10.38 38.56
CA PHE C 212 -3.89 8.98 38.94
C PHE C 212 -5.17 8.71 39.64
N ILE C 213 -5.86 7.64 39.24
CA ILE C 213 -6.96 7.17 40.06
C ILE C 213 -6.44 6.17 41.08
N LYS C 214 -7.03 6.27 42.27
CA LYS C 214 -6.59 5.55 43.47
C LYS C 214 -7.28 4.16 43.66
N ILE C 215 -7.16 3.32 42.65
CA ILE C 215 -7.59 1.91 42.64
C ILE C 215 -7.11 1.05 43.84
N THR C 216 -5.95 1.34 44.43
CA THR C 216 -5.45 0.58 45.60
C THR C 216 -6.31 0.72 46.89
N ALA C 217 -7.12 1.79 46.93
CA ALA C 217 -8.22 1.91 47.90
C ALA C 217 -9.12 0.68 47.90
N TYR C 218 -9.27 0.11 46.70
CA TYR C 218 -10.20 -0.99 46.51
C TYR C 218 -9.52 -2.36 46.35
N ALA C 219 -8.21 -2.39 46.64
CA ALA C 219 -7.34 -3.56 46.41
C ALA C 219 -7.82 -4.79 47.19
N ASP C 220 -8.05 -4.63 48.49
CA ASP C 220 -8.41 -5.77 49.31
C ASP C 220 -9.72 -6.34 48.80
N GLU C 221 -10.60 -5.46 48.38
CA GLU C 221 -11.91 -5.86 47.96
C GLU C 221 -11.81 -6.51 46.56
N LEU C 222 -11.05 -5.89 45.66
CA LEU C 222 -10.81 -6.53 44.35
C LEU C 222 -10.18 -7.88 44.53
N LEU C 223 -9.33 -8.05 45.54
CA LEU C 223 -8.60 -9.30 45.70
C LEU C 223 -9.50 -10.40 46.23
N ASN C 224 -10.12 -10.16 47.38
CA ASN C 224 -10.98 -11.17 48.02
C ASN C 224 -12.23 -11.53 47.24
N ASP C 225 -12.84 -10.57 46.57
CA ASP C 225 -14.10 -10.83 45.87
C ASP C 225 -13.96 -11.88 44.80
N LEU C 226 -12.75 -12.09 44.31
CA LEU C 226 -12.47 -13.16 43.36
C LEU C 226 -12.77 -14.53 43.94
N ASP C 227 -12.77 -14.65 45.25
CA ASP C 227 -13.11 -15.94 45.87
C ASP C 227 -14.61 -16.26 45.74
N LYS C 228 -15.42 -15.28 45.28
CA LYS C 228 -16.88 -15.37 45.05
C LYS C 228 -17.30 -15.59 43.57
N LEU C 229 -16.48 -15.11 42.64
CA LEU C 229 -16.78 -15.27 41.24
C LEU C 229 -16.49 -16.74 40.86
N ASP C 230 -17.41 -17.66 41.16
CA ASP C 230 -17.18 -19.05 40.80
C ASP C 230 -17.59 -19.40 39.37
N HIS C 231 -18.01 -18.42 38.57
CA HIS C 231 -18.25 -18.61 37.16
C HIS C 231 -17.27 -17.86 36.31
N TRP C 232 -16.17 -17.39 36.90
CA TRP C 232 -15.03 -16.88 36.16
C TRP C 232 -14.04 -18.00 36.09
N PRO C 233 -13.24 -18.07 35.02
CA PRO C 233 -12.23 -19.13 34.99
C PRO C 233 -11.05 -18.86 35.89
N ASP C 234 -10.55 -19.93 36.51
CA ASP C 234 -9.43 -19.92 37.48
C ASP C 234 -8.19 -19.19 36.94
N THR C 235 -7.98 -19.29 35.64
CA THR C 235 -6.92 -18.61 34.92
C THR C 235 -6.95 -17.08 35.14
N VAL C 236 -8.11 -16.44 34.88
CA VAL C 236 -8.28 -15.02 35.15
C VAL C 236 -8.18 -14.69 36.62
N LYS C 237 -8.86 -15.46 37.47
CA LYS C 237 -8.78 -15.25 38.91
C LYS C 237 -7.32 -15.32 39.41
N THR C 238 -6.56 -16.36 39.02
CA THR C 238 -5.15 -16.43 39.43
C THR C 238 -4.28 -15.35 38.85
N MET C 239 -4.50 -15.00 37.58
CA MET C 239 -3.71 -13.94 36.96
C MET C 239 -3.98 -12.67 37.76
N GLN C 240 -5.23 -12.35 38.04
CA GLN C 240 -5.50 -11.16 38.91
C GLN C 240 -4.94 -11.19 40.33
N ARG C 241 -4.95 -12.34 40.99
CA ARG C 241 -4.29 -12.40 42.30
C ARG C 241 -2.81 -12.00 42.22
N ASN C 242 -2.09 -12.53 41.23
CA ASN C 242 -0.64 -12.30 41.21
C ASN C 242 -0.40 -10.87 40.83
N TRP C 243 -1.24 -10.37 39.95
CA TRP C 243 -1.14 -9.01 39.56
C TRP C 243 -1.34 -8.06 40.74
N ILE C 244 -2.45 -8.26 41.47
CA ILE C 244 -2.76 -7.45 42.66
C ILE C 244 -1.66 -7.54 43.70
N GLY C 245 -1.18 -8.76 43.95
CA GLY C 245 0.08 -8.97 44.69
C GLY C 245 0.13 -8.62 46.15
N ARG C 246 -0.85 -9.09 46.90
CA ARG C 246 -0.90 -8.82 48.32
C ARG C 246 0.24 -9.45 49.11
N SER C 247 0.76 -8.67 50.03
CA SER C 247 2.00 -8.97 50.71
C SER C 247 1.93 -8.49 52.15
N GLU C 248 2.58 -9.21 53.06
CA GLU C 248 2.77 -8.80 54.46
C GLU C 248 4.24 -8.92 54.79
N GLY C 249 4.84 -7.79 55.15
CA GLY C 249 6.19 -7.72 55.68
C GLY C 249 6.30 -6.57 56.66
N VAL C 250 7.53 -6.15 56.96
CA VAL C 250 7.77 -5.13 57.98
C VAL C 250 8.34 -3.89 57.35
N GLU C 251 7.89 -2.72 57.78
CA GLU C 251 8.57 -1.45 57.47
C GLU C 251 9.66 -1.16 58.52
N ILE C 252 10.89 -0.95 58.07
CA ILE C 252 12.04 -0.78 58.96
C ILE C 252 12.73 0.53 58.69
N THR C 253 13.00 1.25 59.76
CA THR C 253 13.40 2.64 59.66
C THR C 253 14.76 2.81 60.35
N PHE C 254 15.73 3.35 59.61
CA PHE C 254 17.16 3.24 59.91
C PHE C 254 17.70 4.63 60.21
N ASN C 255 18.56 4.77 61.22
CA ASN C 255 19.27 6.06 61.36
C ASN C 255 20.52 6.11 60.49
N VAL C 256 20.88 7.29 60.01
CA VAL C 256 22.11 7.46 59.25
C VAL C 256 23.02 8.43 59.98
N ASN C 257 24.29 8.11 60.02
CA ASN C 257 25.20 8.76 60.93
C ASN C 257 25.44 10.22 60.55
N ASP C 258 25.67 10.48 59.27
CA ASP C 258 26.03 11.88 58.91
C ASP C 258 24.80 12.75 58.67
N TYR C 259 23.63 12.11 58.63
CA TYR C 259 22.42 12.67 58.05
C TYR C 259 21.39 12.97 59.14
N ASP C 260 20.58 13.99 58.92
CA ASP C 260 19.58 14.41 59.92
C ASP C 260 18.52 13.35 60.15
N ASN C 261 17.41 13.43 59.43
CA ASN C 261 16.28 12.50 59.59
C ASN C 261 16.62 11.13 58.97
N THR C 262 15.62 10.28 58.67
CA THR C 262 15.83 8.81 58.51
C THR C 262 15.48 8.19 57.14
N LEU C 263 15.80 6.89 56.99
CA LEU C 263 15.52 6.03 55.80
C LEU C 263 14.60 4.89 56.17
N THR C 264 13.62 4.62 55.32
CA THR C 264 12.66 3.55 55.56
C THR C 264 12.58 2.61 54.38
N VAL C 265 12.58 1.31 54.67
CA VAL C 265 12.52 0.26 53.66
C VAL C 265 11.32 -0.66 53.95
N TYR C 266 10.86 -1.38 52.92
CA TYR C 266 9.92 -2.48 53.08
C TYR C 266 10.53 -3.83 52.65
N THR C 267 10.22 -4.87 53.41
CA THR C 267 10.70 -6.19 53.12
C THR C 267 9.63 -7.19 53.47
N THR C 268 9.48 -8.17 52.61
CA THR C 268 8.59 -9.25 52.86
C THR C 268 9.41 -10.35 53.56
N ARG C 269 10.71 -10.11 53.76
CA ARG C 269 11.61 -11.08 54.36
C ARG C 269 12.36 -10.57 55.62
N PRO C 270 11.61 -10.23 56.69
CA PRO C 270 12.30 -9.74 57.87
C PRO C 270 13.12 -10.85 58.54
N ASP C 271 12.81 -12.09 58.20
CA ASP C 271 13.52 -13.24 58.72
C ASP C 271 14.99 -13.20 58.36
N THR C 272 15.34 -12.51 57.26
CA THR C 272 16.71 -12.46 56.76
C THR C 272 17.47 -11.21 57.19
N PHE C 273 16.85 -10.42 58.06
CA PHE C 273 17.32 -9.08 58.39
C PHE C 273 18.74 -9.03 58.97
N MET C 274 19.23 -10.13 59.56
CA MET C 274 20.57 -10.13 60.17
C MET C 274 21.66 -10.26 59.09
N GLY C 275 21.24 -10.53 57.86
CA GLY C 275 22.15 -10.65 56.75
C GLY C 275 22.17 -9.43 55.89
N CYS C 276 21.49 -8.36 56.32
CA CYS C 276 21.51 -7.11 55.62
C CYS C 276 22.91 -6.56 55.73
N THR C 277 23.56 -6.43 54.57
CA THR C 277 24.93 -5.88 54.43
C THR C 277 25.01 -4.46 53.81
N TYR C 278 23.91 -3.99 53.22
CA TYR C 278 23.81 -2.62 52.71
C TYR C 278 22.35 -2.20 52.44
N LEU C 279 22.19 -0.91 52.17
CA LEU C 279 20.97 -0.34 51.66
C LEU C 279 21.23 0.27 50.28
N ALA C 280 20.20 0.22 49.43
CA ALA C 280 20.21 0.86 48.12
C ALA C 280 19.10 1.90 48.17
N VAL C 281 19.45 3.13 47.77
CA VAL C 281 18.56 4.27 47.80
C VAL C 281 18.35 4.72 46.34
N ALA C 282 17.13 5.11 45.96
CA ALA C 282 16.82 5.47 44.57
C ALA C 282 17.52 6.75 44.17
N ALA C 283 17.88 6.84 42.88
CA ALA C 283 18.53 8.03 42.28
C ALA C 283 17.87 9.38 42.60
N GLY C 284 16.55 9.39 42.83
CA GLY C 284 15.81 10.60 43.24
C GLY C 284 15.55 10.79 44.72
N HIS C 285 16.21 9.99 45.58
CA HIS C 285 16.02 10.04 47.05
C HIS C 285 16.80 11.16 47.63
N PRO C 286 16.22 11.92 48.56
CA PRO C 286 16.92 13.10 49.11
C PRO C 286 18.35 12.83 49.60
N LEU C 287 18.57 11.68 50.25
CA LEU C 287 19.89 11.29 50.74
C LEU C 287 20.85 11.04 49.58
N ALA C 288 20.31 10.78 48.38
CA ALA C 288 21.13 10.73 47.18
C ALA C 288 21.35 12.14 46.66
N GLN C 289 20.32 12.99 46.76
CA GLN C 289 20.47 14.39 46.34
C GLN C 289 21.35 15.14 47.34
N LYS C 290 21.15 14.91 48.64
CA LYS C 290 21.97 15.56 49.70
C LYS C 290 23.45 15.21 49.52
N ALA C 291 23.74 13.92 49.33
CA ALA C 291 25.10 13.43 49.14
C ALA C 291 25.72 13.85 47.80
N ALA C 292 24.91 14.33 46.87
CA ALA C 292 25.39 14.61 45.53
C ALA C 292 26.48 15.72 45.43
N GLU C 293 26.24 16.90 46.04
CA GLU C 293 27.14 18.07 45.85
C GLU C 293 28.64 17.83 46.12
N ASN C 294 28.96 16.98 47.09
CA ASN C 294 30.36 16.59 47.30
C ASN C 294 30.85 15.63 46.18
N ASN C 295 29.96 14.76 45.68
CA ASN C 295 30.32 13.70 44.71
C ASN C 295 29.90 13.99 43.25
N PRO C 296 30.86 13.94 42.29
CA PRO C 296 30.52 14.21 40.90
C PRO C 296 30.12 12.96 40.10
N GLU C 297 30.71 11.78 40.40
CA GLU C 297 30.27 10.52 39.77
C GLU C 297 28.84 10.12 40.19
N LEU C 298 28.35 10.69 41.30
CA LEU C 298 26.97 10.45 41.78
C LEU C 298 25.98 11.41 41.09
N ALA C 299 26.28 12.71 41.10
CA ALA C 299 25.54 13.68 40.28
C ALA C 299 25.47 13.24 38.82
N ALA C 300 26.56 12.66 38.32
CA ALA C 300 26.64 12.20 36.94
C ALA C 300 26.03 10.81 36.75
N PHE C 301 25.62 10.18 37.83
CA PHE C 301 24.94 8.89 37.76
C PHE C 301 23.43 9.11 37.91
N ILE C 302 23.05 10.13 38.69
CA ILE C 302 21.67 10.60 38.71
C ILE C 302 21.23 10.98 37.31
N ASP C 303 22.06 11.74 36.64
CA ASP C 303 21.77 12.32 35.32
C ASP C 303 21.85 11.31 34.16
N GLU C 304 22.19 10.05 34.45
CA GLU C 304 22.22 9.00 33.43
C GLU C 304 21.10 7.97 33.63
N CYS C 305 20.55 7.95 34.84
CA CYS C 305 19.28 7.30 35.10
C CYS C 305 18.08 7.97 34.38
N ARG C 306 18.34 8.93 33.50
CA ARG C 306 17.39 9.33 32.47
C ARG C 306 17.75 8.59 31.17
N ASN C 307 18.01 7.29 31.29
CA ASN C 307 18.06 6.38 30.15
C ASN C 307 17.86 4.93 30.58
N THR C 308 17.58 4.70 31.87
CA THR C 308 17.03 3.42 32.30
C THR C 308 15.57 3.42 31.82
N LYS C 309 14.95 2.24 31.68
CA LYS C 309 13.77 2.13 30.83
C LYS C 309 12.45 1.81 31.56
N VAL C 310 11.33 2.08 30.88
CA VAL C 310 10.03 2.27 31.57
C VAL C 310 9.24 0.99 31.85
N ALA C 311 8.88 0.24 30.80
CA ALA C 311 8.14 -1.03 30.96
C ALA C 311 8.81 -1.97 31.95
N GLU C 312 8.00 -2.73 32.70
CA GLU C 312 8.50 -3.63 33.76
C GLU C 312 9.50 -4.64 33.23
N ALA C 313 9.15 -5.28 32.11
CA ALA C 313 10.01 -6.26 31.43
C ALA C 313 11.46 -5.78 31.33
N GLU C 314 11.68 -4.71 30.54
CA GLU C 314 12.99 -4.06 30.41
C GLU C 314 13.55 -3.49 31.72
N MET C 315 12.70 -3.10 32.66
CA MET C 315 13.18 -2.61 33.97
C MET C 315 13.83 -3.72 34.77
N ALA C 316 13.41 -4.95 34.46
CA ALA C 316 13.75 -6.11 35.25
C ALA C 316 14.97 -6.84 34.70
N THR C 317 15.13 -6.81 33.38
CA THR C 317 16.23 -7.49 32.70
C THR C 317 17.43 -6.57 32.33
N MET C 318 17.29 -5.26 32.57
CA MET C 318 18.39 -4.33 32.34
C MET C 318 19.57 -4.62 33.26
N GLU C 319 20.65 -3.91 33.02
CA GLU C 319 21.79 -3.87 33.90
C GLU C 319 21.50 -3.06 35.18
N LYS C 320 21.78 -3.67 36.32
CA LYS C 320 21.77 -2.95 37.57
C LYS C 320 23.11 -2.20 37.66
N LYS C 321 23.07 -0.98 38.18
CA LYS C 321 24.21 -0.08 38.27
C LYS C 321 24.08 0.75 39.54
N GLY C 322 25.21 1.22 40.07
CA GLY C 322 25.23 2.07 41.27
C GLY C 322 26.56 2.74 41.62
N VAL C 323 26.50 3.67 42.56
CA VAL C 323 27.66 4.36 43.09
C VAL C 323 27.51 4.41 44.61
N ASP C 324 28.63 4.44 45.34
CA ASP C 324 28.63 4.49 46.83
C ASP C 324 28.18 5.89 47.20
N THR C 325 27.32 6.04 48.21
CA THR C 325 26.84 7.39 48.64
C THR C 325 27.67 8.01 49.76
N GLY C 326 28.64 7.26 50.27
CA GLY C 326 29.50 7.75 51.35
C GLY C 326 28.89 7.58 52.73
N PHE C 327 27.57 7.72 52.83
CA PHE C 327 26.93 7.65 54.13
C PHE C 327 26.70 6.21 54.48
N LYS C 328 26.63 5.98 55.80
CA LYS C 328 26.42 4.66 56.36
C LYS C 328 25.22 4.71 57.29
N ALA C 329 24.36 3.70 57.18
CA ALA C 329 23.22 3.55 58.06
C ALA C 329 23.57 2.61 59.22
N VAL C 330 22.93 2.86 60.37
CA VAL C 330 23.03 2.00 61.54
C VAL C 330 21.99 0.90 61.46
N HIS C 331 22.49 -0.33 61.29
CA HIS C 331 21.69 -1.52 61.48
C HIS C 331 21.23 -1.59 62.92
N PRO C 332 19.92 -1.57 63.14
CA PRO C 332 19.42 -1.40 64.48
C PRO C 332 19.37 -2.65 65.34
N LEU C 333 19.87 -3.79 64.87
CA LEU C 333 20.06 -4.98 65.74
C LEU C 333 21.50 -5.41 65.93
N THR C 334 22.38 -5.20 64.95
CA THR C 334 23.79 -5.48 65.16
C THR C 334 24.49 -4.22 65.69
N GLY C 335 23.85 -3.05 65.52
CA GLY C 335 24.49 -1.77 65.85
C GLY C 335 25.51 -1.30 64.83
N GLU C 336 25.91 -2.18 63.90
CA GLU C 336 27.04 -1.87 63.03
C GLU C 336 26.66 -1.04 61.80
N GLU C 337 27.67 -0.43 61.19
CA GLU C 337 27.50 0.48 60.08
C GLU C 337 27.37 -0.37 58.82
N ILE C 338 26.57 0.11 57.87
CA ILE C 338 26.45 -0.51 56.56
C ILE C 338 26.30 0.57 55.45
N PRO C 339 26.98 0.36 54.30
CA PRO C 339 27.08 1.41 53.31
C PRO C 339 25.76 1.65 52.57
N VAL C 340 25.55 2.91 52.17
CA VAL C 340 24.33 3.25 51.43
C VAL C 340 24.68 3.59 49.97
N TRP C 341 24.04 2.87 49.06
CA TRP C 341 24.37 2.97 47.65
C TRP C 341 23.20 3.56 46.94
N ALA C 342 23.44 4.11 45.76
CA ALA C 342 22.32 4.49 44.87
C ALA C 342 22.21 3.43 43.76
N ALA C 343 20.98 3.08 43.42
CA ALA C 343 20.73 2.05 42.42
C ALA C 343 19.68 2.54 41.41
N ASN C 344 19.87 2.25 40.13
CA ASN C 344 18.89 2.59 39.09
C ASN C 344 17.61 1.73 39.07
N PHE C 345 17.60 0.64 39.83
CA PHE C 345 16.44 -0.26 39.93
C PHE C 345 15.56 0.02 41.17
N VAL C 346 15.94 0.98 42.02
CA VAL C 346 15.05 1.45 43.09
C VAL C 346 14.40 2.72 42.57
N LEU C 347 13.09 2.71 42.35
CA LEU C 347 12.45 3.91 41.82
C LEU C 347 11.61 4.60 42.89
N MET C 348 11.72 5.91 42.96
CA MET C 348 11.01 6.71 43.96
C MET C 348 9.47 6.60 43.78
N GLU C 349 9.03 6.44 42.53
CA GLU C 349 7.62 6.36 42.17
C GLU C 349 6.88 5.12 42.69
N TYR C 350 7.60 4.07 43.13
CA TYR C 350 7.02 2.77 43.50
C TYR C 350 7.33 2.27 44.91
N GLY C 351 7.13 3.12 45.94
CA GLY C 351 7.48 2.77 47.34
C GLY C 351 8.31 3.86 48.03
N THR C 352 9.15 3.48 49.00
CA THR C 352 9.83 4.50 49.83
C THR C 352 11.07 5.10 49.16
N GLY C 353 11.66 4.36 48.21
CA GLY C 353 12.87 4.84 47.54
C GLY C 353 14.11 4.15 48.07
N ALA C 354 13.94 3.35 49.12
CA ALA C 354 15.05 2.60 49.73
C ALA C 354 14.68 1.14 49.95
N VAL C 355 15.65 0.28 49.68
CA VAL C 355 15.53 -1.13 49.93
C VAL C 355 16.66 -1.55 50.86
N MET C 356 16.42 -2.59 51.68
CA MET C 356 17.53 -3.21 52.38
C MET C 356 17.95 -4.49 51.67
N ALA C 357 19.23 -4.54 51.31
CA ALA C 357 19.71 -5.59 50.47
C ALA C 357 20.20 -6.74 51.33
N VAL C 358 19.66 -7.94 51.12
CA VAL C 358 20.29 -9.15 51.68
C VAL C 358 20.85 -10.05 50.60
N PRO C 359 22.06 -9.73 50.13
CA PRO C 359 22.73 -10.38 49.01
C PRO C 359 22.58 -11.88 49.04
N GLY C 360 22.66 -12.40 50.27
CA GLY C 360 22.65 -13.79 50.55
C GLY C 360 21.36 -14.44 50.17
N HIS C 361 20.25 -13.72 50.22
CA HIS C 361 18.96 -14.39 50.08
C HIS C 361 17.97 -13.73 49.21
N ASP C 362 18.50 -12.91 48.30
CA ASP C 362 17.74 -12.12 47.35
C ASP C 362 18.64 -12.00 46.16
N GLN C 363 18.15 -12.52 45.02
CA GLN C 363 18.96 -12.72 43.82
C GLN C 363 19.38 -11.41 43.14
N ARG C 364 18.45 -10.47 43.04
CA ARG C 364 18.76 -9.08 42.68
C ARG C 364 19.81 -8.42 43.54
N ASP C 365 19.81 -8.73 44.84
CA ASP C 365 20.76 -8.10 45.76
C ASP C 365 22.12 -8.74 45.61
N TYR C 366 22.11 -10.05 45.39
CA TYR C 366 23.29 -10.84 45.10
C TYR C 366 24.13 -10.22 43.97
N GLU C 367 23.49 -9.99 42.84
CA GLU C 367 24.19 -9.62 41.60
C GLU C 367 24.77 -8.24 41.66
N PHE C 368 24.06 -7.32 42.30
CA PHE C 368 24.57 -5.99 42.55
C PHE C 368 25.78 -6.04 43.50
N ALA C 369 25.58 -6.68 44.65
CA ALA C 369 26.65 -6.87 45.63
C ALA C 369 27.83 -7.63 45.04
N SER C 370 27.57 -8.57 44.12
CA SER C 370 28.67 -9.33 43.44
C SER C 370 29.57 -8.44 42.61
N LYS C 371 28.95 -7.71 41.70
CA LYS C 371 29.69 -6.86 40.79
C LYS C 371 30.26 -5.58 41.42
N TYR C 372 29.86 -5.23 42.63
CA TYR C 372 30.39 -4.05 43.28
C TYR C 372 31.15 -4.45 44.57
N GLY C 373 31.55 -5.72 44.63
CA GLY C 373 32.38 -6.25 45.70
C GLY C 373 31.85 -5.96 47.08
N LEU C 374 30.55 -6.12 47.28
CA LEU C 374 29.99 -5.90 48.59
C LEU C 374 29.87 -7.23 49.32
N ASN C 375 29.60 -7.14 50.63
CA ASN C 375 29.50 -8.32 51.51
C ASN C 375 28.26 -9.17 51.24
N ILE C 376 28.47 -10.49 51.15
CA ILE C 376 27.41 -11.50 51.07
C ILE C 376 27.40 -12.34 52.33
N LYS C 377 26.40 -12.12 53.19
CA LYS C 377 26.33 -12.73 54.53
C LYS C 377 25.22 -13.83 54.57
N PRO C 378 25.59 -15.11 54.85
CA PRO C 378 24.49 -16.09 54.98
C PRO C 378 23.87 -16.04 56.37
N VAL C 379 22.55 -16.27 56.41
CA VAL C 379 21.78 -16.37 57.63
C VAL C 379 20.57 -17.34 57.57
N ILE C 380 20.37 -18.00 56.43
CA ILE C 380 19.35 -19.03 56.29
C ILE C 380 20.02 -20.36 55.92
N LEU C 381 19.70 -21.42 56.65
CA LEU C 381 20.22 -22.77 56.33
C LEU C 381 19.54 -23.42 55.09
N ALA C 382 20.23 -24.35 54.44
CA ALA C 382 19.57 -25.22 53.45
C ALA C 382 18.61 -26.22 54.16
N ALA C 383 17.57 -26.65 53.44
CA ALA C 383 16.55 -27.56 54.00
C ALA C 383 17.19 -28.74 54.73
N ASP C 384 18.17 -29.39 54.10
CA ASP C 384 18.91 -30.52 54.70
C ASP C 384 19.77 -30.19 55.95
N GLY C 385 19.82 -28.91 56.34
CA GLY C 385 20.47 -28.46 57.57
C GLY C 385 21.83 -27.77 57.44
N SER C 386 22.50 -27.96 56.30
CA SER C 386 23.87 -27.42 56.10
C SER C 386 23.84 -25.95 55.75
N GLU C 387 24.96 -25.32 55.97
CA GLU C 387 25.18 -23.92 55.67
C GLU C 387 25.10 -23.77 54.11
N PRO C 388 24.37 -22.76 53.59
CA PRO C 388 24.28 -22.57 52.17
C PRO C 388 25.61 -22.22 51.47
N ASP C 389 25.89 -22.83 50.33
CA ASP C 389 26.95 -22.34 49.46
C ASP C 389 26.42 -21.12 48.68
N LEU C 390 27.14 -20.00 48.74
CA LEU C 390 26.76 -18.80 48.01
C LEU C 390 27.77 -18.37 46.88
N SER C 391 28.51 -19.32 46.31
CA SER C 391 29.38 -19.04 45.15
C SER C 391 28.64 -18.47 43.94
N GLN C 392 27.53 -19.11 43.56
CA GLN C 392 26.90 -18.82 42.26
C GLN C 392 25.72 -17.90 42.37
N GLN C 393 24.97 -18.02 43.45
CA GLN C 393 23.66 -17.39 43.51
C GLN C 393 23.15 -17.30 44.94
N ALA C 394 22.11 -16.50 45.11
CA ALA C 394 21.44 -16.35 46.37
C ALA C 394 20.71 -17.66 46.70
N LEU C 395 20.63 -17.98 47.99
CA LEU C 395 19.70 -18.98 48.47
C LEU C 395 18.39 -18.26 48.70
N THR C 396 17.36 -18.71 47.99
CA THR C 396 16.08 -18.05 48.00
C THR C 396 15.04 -18.63 48.95
N GLU C 397 15.15 -19.93 49.25
CA GLU C 397 14.16 -20.66 50.00
C GLU C 397 14.17 -20.25 51.45
N LYS C 398 13.04 -20.48 52.09
CA LYS C 398 12.82 -20.15 53.49
C LYS C 398 13.33 -21.31 54.34
N GLY C 399 14.16 -21.01 55.33
CA GLY C 399 14.75 -22.02 56.21
C GLY C 399 14.88 -21.63 57.68
N VAL C 400 15.70 -22.40 58.39
CA VAL C 400 15.97 -22.16 59.79
C VAL C 400 17.13 -21.17 59.78
N LEU C 401 17.22 -20.29 60.78
CA LEU C 401 18.26 -19.24 60.81
C LEU C 401 19.56 -19.62 61.52
N PHE C 402 20.62 -18.90 61.17
CA PHE C 402 21.89 -19.02 61.86
C PHE C 402 22.67 -17.74 61.59
N ASN C 403 23.83 -17.59 62.22
CA ASN C 403 24.52 -16.27 62.37
C ASN C 403 23.57 -15.13 62.66
N SER C 404 22.59 -15.36 63.52
CA SER C 404 21.48 -14.46 63.70
C SER C 404 21.20 -14.12 65.15
N GLY C 405 22.18 -14.34 66.04
CA GLY C 405 22.05 -14.07 67.49
C GLY C 405 20.83 -14.67 68.21
N GLU C 406 20.07 -13.84 68.92
CA GLU C 406 18.86 -14.33 69.60
C GLU C 406 17.82 -15.15 68.79
N PHE C 407 17.89 -15.18 67.45
CA PHE C 407 16.88 -15.84 66.59
C PHE C 407 17.38 -17.18 66.00
N ASN C 408 18.68 -17.45 66.21
CA ASN C 408 19.33 -18.69 65.79
C ASN C 408 18.44 -19.85 66.10
N GLY C 409 18.23 -20.69 65.08
CA GLY C 409 17.55 -21.96 65.22
C GLY C 409 16.06 -21.93 64.94
N LEU C 410 15.47 -20.73 64.92
CA LEU C 410 14.04 -20.53 64.64
C LEU C 410 13.68 -20.88 63.20
N ASP C 411 12.46 -21.41 63.01
CA ASP C 411 11.89 -21.76 61.67
C ASP C 411 11.51 -20.49 60.95
N HIS C 412 10.87 -20.58 59.79
CA HIS C 412 10.51 -19.36 59.05
C HIS C 412 9.48 -18.48 59.76
N GLU C 413 8.26 -19.00 59.98
CA GLU C 413 7.19 -18.24 60.70
C GLU C 413 7.66 -17.57 62.02
N ALA C 414 8.23 -18.37 62.93
CA ALA C 414 8.59 -17.89 64.26
C ALA C 414 9.68 -16.83 64.15
N ALA C 415 10.59 -17.00 63.19
CA ALA C 415 11.69 -16.07 62.93
C ALA C 415 11.19 -14.76 62.38
N PHE C 416 10.26 -14.85 61.45
CA PHE C 416 9.52 -13.71 60.96
C PHE C 416 8.96 -13.00 62.18
N ASN C 417 8.18 -13.71 62.98
CA ASN C 417 7.51 -13.04 64.11
C ASN C 417 8.44 -12.42 65.12
N ALA C 418 9.45 -13.16 65.50
CA ALA C 418 10.29 -12.71 66.60
C ALA C 418 11.02 -11.43 66.21
N ILE C 419 11.42 -11.28 64.95
CA ILE C 419 12.10 -10.07 64.48
C ILE C 419 11.10 -8.94 64.27
N ALA C 420 9.85 -9.27 63.95
CA ALA C 420 8.83 -8.25 63.81
C ALA C 420 8.63 -7.62 65.17
N ASP C 421 8.33 -8.47 66.14
CA ASP C 421 8.08 -8.04 67.52
C ASP C 421 9.26 -7.30 68.17
N LYS C 422 10.47 -7.83 67.97
CA LYS C 422 11.68 -7.20 68.51
C LYS C 422 11.79 -5.79 67.95
N LEU C 423 11.79 -5.70 66.64
CA LEU C 423 11.83 -4.39 65.97
C LEU C 423 10.68 -3.52 66.43
N THR C 424 9.54 -4.14 66.72
CA THR C 424 8.39 -3.37 67.17
C THR C 424 8.64 -2.87 68.57
N ALA C 425 9.28 -3.69 69.40
CA ALA C 425 9.55 -3.32 70.79
C ALA C 425 10.46 -2.10 70.82
N MET C 426 11.40 -2.06 69.88
CA MET C 426 12.33 -0.93 69.75
C MET C 426 11.80 0.30 69.02
N GLY C 427 10.49 0.36 68.71
CA GLY C 427 9.88 1.52 68.03
C GLY C 427 10.39 1.88 66.62
N VAL C 428 11.11 0.96 65.97
CA VAL C 428 11.76 1.16 64.67
C VAL C 428 11.27 0.12 63.64
N GLY C 429 10.03 -0.35 63.84
CA GLY C 429 9.39 -1.21 62.87
C GLY C 429 7.91 -1.46 63.13
N GLU C 430 7.10 -1.40 62.06
CA GLU C 430 5.77 -2.01 62.08
C GLU C 430 5.55 -2.91 60.88
N ARG C 431 5.03 -4.09 61.20
CA ARG C 431 4.31 -4.97 60.32
C ARG C 431 3.41 -4.19 59.42
N LYS C 432 3.55 -4.38 58.10
CA LYS C 432 2.73 -3.63 57.17
C LYS C 432 2.26 -4.46 56.00
N VAL C 433 1.11 -4.06 55.44
CA VAL C 433 0.45 -4.71 54.32
C VAL C 433 0.81 -3.94 53.05
N ASN C 434 0.87 -4.64 51.93
CA ASN C 434 1.46 -4.08 50.73
C ASN C 434 0.95 -4.77 49.50
N TYR C 435 0.74 -3.98 48.44
CA TYR C 435 0.23 -4.48 47.18
C TYR C 435 1.21 -4.21 46.04
N ARG C 436 1.42 -5.20 45.17
CA ARG C 436 2.15 -5.01 43.91
C ARG C 436 1.41 -3.97 43.05
N LEU C 437 0.09 -4.13 43.02
CA LEU C 437 -0.80 -3.19 42.34
C LEU C 437 -0.46 -1.74 42.67
N ARG C 438 -0.31 -0.91 41.64
CA ARG C 438 -0.04 0.52 41.82
C ARG C 438 -1.28 1.29 41.45
N ASP C 439 -1.25 2.59 41.60
CA ASP C 439 -2.37 3.37 41.15
C ASP C 439 -2.37 3.49 39.60
N TRP C 440 -3.55 3.72 39.08
CA TRP C 440 -3.87 3.76 37.65
C TRP C 440 -3.72 5.13 37.06
N GLY C 441 -2.59 5.40 36.40
CA GLY C 441 -2.35 6.65 35.68
C GLY C 441 -3.22 6.89 34.45
N VAL C 442 -4.03 7.93 34.48
CA VAL C 442 -5.03 8.10 33.45
C VAL C 442 -4.69 9.18 32.43
N SER C 443 -3.57 9.86 32.59
CA SER C 443 -3.13 10.93 31.67
C SER C 443 -2.39 10.45 30.40
N ARG C 444 -2.76 10.98 29.24
CA ARG C 444 -1.97 10.84 28.03
C ARG C 444 -1.77 12.20 27.42
N GLN C 445 -0.60 12.40 26.87
CA GLN C 445 -0.32 13.68 26.26
C GLN C 445 -0.49 13.51 24.76
N ARG C 446 -1.75 13.44 24.34
CA ARG C 446 -2.11 12.91 23.05
C ARG C 446 -3.46 13.51 22.72
N TYR C 447 -3.75 13.70 21.44
CA TYR C 447 -5.02 14.33 21.02
C TYR C 447 -6.30 13.43 21.09
N TRP C 448 -6.29 12.30 20.38
CA TRP C 448 -7.50 11.51 20.16
C TRP C 448 -7.92 10.76 21.39
N GLY C 449 -8.39 11.51 22.37
CA GLY C 449 -9.07 11.00 23.53
C GLY C 449 -9.94 12.07 24.20
N ALA C 450 -10.61 11.67 25.29
CA ALA C 450 -11.43 12.54 26.10
C ALA C 450 -10.55 13.44 26.92
N PRO C 451 -10.77 14.75 26.84
CA PRO C 451 -9.96 15.70 27.60
C PRO C 451 -10.26 15.67 29.07
N ILE C 452 -9.21 15.86 29.87
CA ILE C 452 -9.26 15.71 31.31
C ILE C 452 -9.84 16.96 31.92
N PRO C 453 -10.92 16.82 32.67
CA PRO C 453 -11.66 17.97 33.21
C PRO C 453 -11.06 18.70 34.42
N MET C 454 -9.84 19.23 34.30
CA MET C 454 -9.20 20.00 35.40
C MET C 454 -8.74 21.34 34.89
N VAL C 455 -8.56 22.30 35.80
CA VAL C 455 -8.17 23.65 35.42
C VAL C 455 -7.17 24.29 36.38
N THR C 456 -6.20 25.01 35.83
CA THR C 456 -5.21 25.72 36.63
C THR C 456 -5.45 27.21 36.52
N LEU C 457 -5.81 27.86 37.60
CA LEU C 457 -6.06 29.31 37.58
C LEU C 457 -4.80 30.21 37.53
N GLU C 458 -5.05 31.52 37.39
CA GLU C 458 -4.02 32.56 37.44
C GLU C 458 -3.26 32.49 38.77
N ASP C 459 -4.00 32.27 39.87
CA ASP C 459 -3.46 31.82 41.17
C ASP C 459 -2.18 30.99 41.13
N GLY C 460 -2.25 29.89 40.39
CA GLY C 460 -1.41 28.72 40.62
C GLY C 460 -2.20 27.56 41.18
N THR C 461 -3.41 27.83 41.68
CA THR C 461 -4.31 26.79 42.17
C THR C 461 -4.76 25.89 41.03
N VAL C 462 -5.29 24.74 41.41
CA VAL C 462 -5.62 23.71 40.49
C VAL C 462 -6.92 23.14 41.02
N MET C 463 -7.93 23.10 40.15
CA MET C 463 -9.27 22.62 40.52
C MET C 463 -9.99 22.01 39.33
N PRO C 464 -11.04 21.21 39.60
CA PRO C 464 -11.81 20.58 38.52
C PRO C 464 -12.74 21.55 37.87
N THR C 465 -12.99 21.30 36.58
CA THR C 465 -13.78 22.15 35.72
C THR C 465 -15.16 22.29 36.34
N PRO C 466 -15.57 23.54 36.60
CA PRO C 466 -16.94 23.74 37.03
C PRO C 466 -17.90 22.92 36.18
N ASP C 467 -18.94 22.43 36.82
CA ASP C 467 -19.91 21.58 36.18
C ASP C 467 -20.69 22.27 35.08
N ASP C 468 -20.81 23.60 35.16
CA ASP C 468 -21.38 24.43 34.09
C ASP C 468 -20.51 24.50 32.80
N GLN C 469 -19.26 24.05 32.87
CA GLN C 469 -18.42 24.05 31.68
C GLN C 469 -18.23 22.64 31.15
N LEU C 470 -18.87 21.65 31.75
CA LEU C 470 -18.78 20.27 31.22
C LEU C 470 -19.84 20.06 30.17
N PRO C 471 -19.58 19.21 29.15
CA PRO C 471 -18.28 18.59 28.81
C PRO C 471 -17.27 19.56 28.23
N VAL C 472 -16.01 19.20 28.35
CA VAL C 472 -14.95 19.92 27.74
C VAL C 472 -14.86 19.22 26.42
N ILE C 473 -15.24 19.89 25.34
CA ILE C 473 -15.38 19.24 24.04
C ILE C 473 -14.03 19.06 23.35
N LEU C 474 -13.80 17.86 22.81
CA LEU C 474 -12.62 17.64 21.99
C LEU C 474 -13.04 18.07 20.61
N PRO C 475 -12.44 19.16 20.11
CA PRO C 475 -12.66 19.69 18.75
C PRO C 475 -12.21 18.69 17.72
N GLU C 476 -13.10 18.28 16.81
CA GLU C 476 -12.80 17.23 15.83
C GLU C 476 -12.07 17.73 14.56
N ASP C 477 -12.22 18.99 14.17
CA ASP C 477 -11.46 19.47 13.04
C ASP C 477 -10.24 20.30 13.37
N VAL C 478 -9.09 19.77 12.99
CA VAL C 478 -7.82 20.40 13.25
C VAL C 478 -6.81 19.73 12.35
N VAL C 479 -5.79 20.47 11.95
CA VAL C 479 -4.68 19.92 11.17
C VAL C 479 -3.65 19.30 12.13
N MET C 480 -3.68 17.97 12.24
CA MET C 480 -2.67 17.23 13.00
C MET C 480 -1.27 17.46 12.44
N ASP C 481 -0.62 18.54 12.85
CA ASP C 481 0.81 18.66 12.64
C ASP C 481 1.37 17.40 13.31
N GLY C 482 2.07 16.58 12.53
CA GLY C 482 2.49 15.24 12.98
C GLY C 482 3.23 15.17 14.32
N ILE C 483 3.89 16.28 14.68
CA ILE C 483 4.63 16.41 15.96
C ILE C 483 3.68 16.27 17.16
N THR C 484 3.08 17.38 17.59
CA THR C 484 2.28 17.40 18.82
C THR C 484 0.79 17.64 18.50
N SER C 485 -0.02 17.55 19.55
CA SER C 485 -1.46 17.58 19.46
C SER C 485 -2.01 18.98 19.16
N PRO C 486 -3.05 19.05 18.32
CA PRO C 486 -3.61 20.35 17.96
C PRO C 486 -4.04 21.17 19.17
N ILE C 487 -4.45 20.50 20.25
CA ILE C 487 -4.95 21.23 21.40
C ILE C 487 -3.82 21.79 22.28
N LYS C 488 -2.61 21.24 22.12
CA LYS C 488 -1.42 21.77 22.80
C LYS C 488 -0.74 22.83 21.95
N ALA C 489 -0.81 22.67 20.62
CA ALA C 489 -0.17 23.60 19.68
C ALA C 489 -0.94 24.92 19.53
N ASP C 490 -2.28 24.91 19.64
CA ASP C 490 -3.04 26.17 19.73
C ASP C 490 -3.25 26.60 21.20
N PRO C 491 -2.70 27.77 21.55
CA PRO C 491 -2.81 28.19 22.96
C PRO C 491 -4.18 28.73 23.33
N GLU C 492 -4.97 29.16 22.36
CA GLU C 492 -6.25 29.77 22.66
C GLU C 492 -7.25 28.73 23.12
N TRP C 493 -7.03 27.46 22.79
CA TRP C 493 -7.98 26.41 23.18
C TRP C 493 -8.13 26.29 24.67
N ALA C 494 -7.03 26.39 25.41
CA ALA C 494 -7.03 26.15 26.86
C ALA C 494 -7.53 27.35 27.68
N LYS C 495 -7.60 28.52 27.05
CA LYS C 495 -8.04 29.74 27.75
C LYS C 495 -9.50 29.65 28.15
N THR C 496 -9.79 29.89 29.41
CA THR C 496 -11.16 29.93 29.88
C THR C 496 -11.19 30.77 31.13
N THR C 497 -12.37 30.85 31.74
CA THR C 497 -12.62 31.73 32.86
C THR C 497 -13.23 30.86 33.97
N VAL C 498 -12.69 30.97 35.17
CA VAL C 498 -13.15 30.20 36.34
C VAL C 498 -13.05 31.07 37.58
N ASN C 499 -14.06 31.03 38.43
CA ASN C 499 -14.12 31.91 39.58
C ASN C 499 -13.76 33.35 39.26
N GLY C 500 -14.21 33.87 38.12
CA GLY C 500 -14.00 35.29 37.79
C GLY C 500 -12.62 35.64 37.27
N MET C 501 -11.67 34.71 37.35
CA MET C 501 -10.34 34.95 36.84
C MET C 501 -9.97 33.97 35.72
N PRO C 502 -8.97 34.33 34.90
CA PRO C 502 -8.55 33.46 33.79
C PRO C 502 -7.97 32.15 34.25
N ALA C 503 -8.11 31.11 33.44
CA ALA C 503 -7.52 29.84 33.76
C ALA C 503 -7.05 29.12 32.52
N LEU C 504 -6.21 28.10 32.71
CA LEU C 504 -5.83 27.17 31.62
C LEU C 504 -6.34 25.75 31.87
N ARG C 505 -7.07 25.20 30.90
CA ARG C 505 -7.60 23.80 30.96
C ARG C 505 -6.51 22.82 30.75
N GLU C 506 -6.66 21.61 31.27
CA GLU C 506 -5.69 20.58 31.01
C GLU C 506 -5.81 20.18 29.55
N THR C 507 -4.66 20.01 28.89
CA THR C 507 -4.59 19.56 27.50
C THR C 507 -4.13 18.10 27.37
N ASP C 508 -4.04 17.41 28.50
CA ASP C 508 -3.94 15.94 28.53
C ASP C 508 -5.32 15.29 28.36
N THR C 509 -5.31 14.06 27.83
CA THR C 509 -6.52 13.28 27.62
C THR C 509 -6.45 11.97 28.41
N PHE C 510 -7.57 11.27 28.47
CA PHE C 510 -7.67 10.03 29.23
C PHE C 510 -7.06 8.83 28.53
N ASP C 511 -6.40 7.97 29.30
CA ASP C 511 -6.27 6.54 28.94
C ASP C 511 -7.60 6.05 28.37
N THR C 512 -7.53 5.32 27.25
CA THR C 512 -8.74 4.85 26.56
C THR C 512 -9.53 3.83 27.41
N PHE C 513 -8.83 3.09 28.28
CA PHE C 513 -9.47 2.13 29.20
C PHE C 513 -10.57 2.73 30.11
N MET C 514 -10.48 4.04 30.36
CA MET C 514 -11.49 4.80 31.06
C MET C 514 -12.83 4.67 30.39
N GLU C 515 -12.87 4.72 29.07
CA GLU C 515 -14.17 4.60 28.41
C GLU C 515 -14.70 3.18 28.43
N SER C 516 -13.81 2.21 28.40
CA SER C 516 -14.19 0.82 28.30
C SER C 516 -14.53 0.29 29.64
N SER C 517 -14.21 1.07 30.67
CA SER C 517 -14.47 0.68 32.05
C SER C 517 -15.93 0.76 32.44
N TRP C 518 -16.78 1.48 31.72
CA TRP C 518 -18.18 1.55 32.14
C TRP C 518 -19.18 1.49 31.00
N TYR C 519 -18.78 1.09 29.79
CA TYR C 519 -19.72 1.08 28.66
C TYR C 519 -20.87 0.12 28.90
N TYR C 520 -20.56 -1.00 29.53
CA TYR C 520 -21.55 -2.04 29.85
C TYR C 520 -22.73 -1.53 30.63
N ALA C 521 -22.53 -0.44 31.32
CA ALA C 521 -23.53 0.04 32.21
C ALA C 521 -24.37 1.06 31.45
N ARG C 522 -23.71 1.81 30.58
CA ARG C 522 -24.33 2.86 29.79
C ARG C 522 -25.19 2.35 28.63
N TYR C 523 -24.91 1.13 28.16
CA TYR C 523 -25.80 0.41 27.27
C TYR C 523 -27.14 0.17 27.86
N THR C 524 -27.20 0.18 29.18
CA THR C 524 -28.48 0.06 29.83
C THR C 524 -29.31 1.28 29.57
N CYS C 525 -28.74 2.36 29.04
CA CYS C 525 -29.52 3.58 28.85
C CYS C 525 -28.76 4.68 28.10
N PRO C 526 -28.34 4.40 26.86
CA PRO C 526 -27.42 5.25 26.09
C PRO C 526 -27.96 6.63 25.65
N GLN C 527 -29.27 6.85 25.76
CA GLN C 527 -29.85 8.13 25.36
C GLN C 527 -30.18 9.01 26.57
N TYR C 528 -30.02 8.47 27.79
CA TYR C 528 -30.41 9.15 29.04
C TYR C 528 -29.65 10.45 29.21
N LYS C 529 -30.30 11.57 28.94
CA LYS C 529 -29.64 12.88 28.97
C LYS C 529 -29.48 13.39 30.40
N GLU C 530 -30.20 12.82 31.37
CA GLU C 530 -30.22 13.43 32.73
C GLU C 530 -29.18 12.95 33.75
N GLY C 531 -28.14 12.22 33.35
CA GLY C 531 -27.21 11.64 34.30
C GLY C 531 -26.35 10.60 33.61
N MET C 532 -25.35 10.07 34.32
CA MET C 532 -24.49 8.98 33.81
C MET C 532 -25.22 7.66 33.57
N LEU C 533 -26.01 7.21 34.53
CA LEU C 533 -26.94 6.11 34.35
C LEU C 533 -28.31 6.52 34.80
N ASP C 534 -29.30 5.75 34.37
CA ASP C 534 -30.63 5.75 34.96
C ASP C 534 -30.67 4.45 35.75
N SER C 535 -30.83 4.56 37.06
CA SER C 535 -30.59 3.41 37.94
C SER C 535 -31.65 2.34 37.78
N GLU C 536 -32.91 2.74 37.66
CA GLU C 536 -34.00 1.76 37.37
C GLU C 536 -33.55 0.79 36.25
N ALA C 537 -33.25 1.35 35.09
CA ALA C 537 -32.79 0.58 33.95
C ALA C 537 -31.53 -0.23 34.24
N ALA C 538 -30.54 0.44 34.83
CA ALA C 538 -29.23 -0.14 34.94
C ALA C 538 -29.39 -1.37 35.84
N ASN C 539 -30.27 -1.25 36.83
CA ASN C 539 -30.39 -2.28 37.83
C ASN C 539 -31.28 -3.43 37.38
N TYR C 540 -32.23 -3.13 36.49
CA TYR C 540 -32.98 -4.19 35.78
C TYR C 540 -32.05 -5.11 34.97
N TRP C 541 -31.00 -4.57 34.36
CA TRP C 541 -30.13 -5.37 33.51
C TRP C 541 -28.89 -5.90 34.16
N LEU C 542 -28.29 -5.17 35.07
CA LEU C 542 -27.06 -5.67 35.66
C LEU C 542 -27.49 -6.57 36.81
N PRO C 543 -26.59 -7.53 37.19
CA PRO C 543 -25.26 -7.73 36.58
C PRO C 543 -25.26 -8.39 35.19
N VAL C 544 -24.20 -8.17 34.45
CA VAL C 544 -24.06 -8.77 33.18
C VAL C 544 -24.16 -10.27 33.44
N ASP C 545 -24.97 -11.00 32.67
CA ASP C 545 -25.07 -12.46 32.89
C ASP C 545 -23.90 -13.24 32.30
N ILE C 546 -23.37 -12.80 31.17
CA ILE C 546 -22.14 -13.41 30.67
C ILE C 546 -21.32 -12.39 29.91
N TYR C 547 -20.02 -12.36 30.13
CA TYR C 547 -19.17 -11.38 29.45
C TYR C 547 -18.19 -12.14 28.60
N ILE C 548 -18.28 -11.93 27.28
CA ILE C 548 -17.44 -12.63 26.34
C ILE C 548 -16.34 -11.76 25.76
N GLY C 549 -15.11 -12.13 26.02
CA GLY C 549 -14.02 -11.38 25.42
C GLY C 549 -12.74 -12.14 25.42
N GLY C 550 -11.73 -11.57 24.79
CA GLY C 550 -10.43 -12.23 24.73
C GLY C 550 -9.61 -12.30 26.01
N ILE C 551 -8.94 -13.43 26.20
CA ILE C 551 -8.05 -13.61 27.35
C ILE C 551 -6.93 -12.56 27.53
N GLU C 552 -6.53 -11.88 26.44
CA GLU C 552 -5.56 -10.77 26.48
C GLU C 552 -5.99 -9.70 27.51
N HIS C 553 -7.30 -9.66 27.81
CA HIS C 553 -7.92 -8.74 28.82
C HIS C 553 -8.08 -9.30 30.23
N ALA C 554 -7.48 -10.46 30.53
CA ALA C 554 -7.40 -11.04 31.89
C ALA C 554 -7.17 -9.99 33.00
N ILE C 555 -6.02 -9.34 32.96
CA ILE C 555 -5.67 -8.41 33.99
C ILE C 555 -6.36 -7.07 33.85
N MET C 556 -5.86 -6.22 32.93
CA MET C 556 -6.10 -4.76 32.90
C MET C 556 -7.56 -4.32 32.71
N HIS C 557 -8.07 -4.35 31.50
CA HIS C 557 -9.48 -4.07 31.37
C HIS C 557 -10.27 -4.77 32.40
N LEU C 558 -10.04 -6.05 32.59
CA LEU C 558 -10.97 -6.79 33.43
C LEU C 558 -10.93 -6.35 34.90
N LEU C 559 -9.80 -5.81 35.37
CA LEU C 559 -9.68 -5.28 36.75
C LEU C 559 -10.25 -3.87 36.87
N TYR C 560 -10.04 -3.05 35.86
CA TYR C 560 -10.58 -1.70 35.85
C TYR C 560 -12.09 -1.72 35.81
N PHE C 561 -12.61 -2.61 35.00
CA PHE C 561 -14.03 -2.83 34.82
C PHE C 561 -14.64 -3.13 36.19
N ARG C 562 -14.08 -4.12 36.88
CA ARG C 562 -14.44 -4.46 38.24
C ARG C 562 -14.34 -3.31 39.25
N PHE C 563 -13.26 -2.56 39.14
CA PHE C 563 -13.01 -1.38 39.93
C PHE C 563 -14.10 -0.33 39.71
N PHE C 564 -14.32 0.03 38.44
CA PHE C 564 -15.30 1.05 38.12
C PHE C 564 -16.68 0.66 38.64
N HIS C 565 -17.03 -0.61 38.51
CA HIS C 565 -18.32 -1.06 39.00
C HIS C 565 -18.47 -0.74 40.48
N LYS C 566 -17.45 -1.06 41.27
CA LYS C 566 -17.44 -0.79 42.71
C LYS C 566 -17.56 0.72 43.05
N LEU C 567 -16.91 1.56 42.26
CA LEU C 567 -17.12 3.00 42.40
C LEU C 567 -18.58 3.30 42.22
N MET C 568 -19.13 3.00 41.07
CA MET C 568 -20.57 3.25 40.79
C MET C 568 -21.51 2.69 41.87
N ARG C 569 -21.25 1.50 42.40
CA ARG C 569 -22.04 0.96 43.52
C ARG C 569 -21.97 1.80 44.81
N ASP C 570 -20.78 2.26 45.13
CA ASP C 570 -20.58 3.04 46.34
C ASP C 570 -21.26 4.41 46.27
N ALA C 571 -21.33 4.98 45.06
CA ALA C 571 -22.09 6.20 44.77
C ALA C 571 -23.57 5.90 44.66
N GLY C 572 -24.00 4.65 44.88
CA GLY C 572 -25.41 4.30 44.82
C GLY C 572 -25.98 4.04 43.44
N MET C 573 -25.21 4.33 42.40
CA MET C 573 -25.66 4.27 41.00
C MET C 573 -26.00 2.87 40.53
N VAL C 574 -25.34 1.87 41.06
CA VAL C 574 -25.65 0.49 40.75
C VAL C 574 -25.65 -0.27 42.06
N ASN C 575 -25.90 -1.55 41.95
CA ASN C 575 -26.52 -2.27 43.01
C ASN C 575 -25.92 -3.60 43.46
N SER C 576 -24.93 -4.11 42.75
CA SER C 576 -24.30 -5.38 43.09
C SER C 576 -22.80 -5.13 43.25
N ASP C 577 -22.11 -6.03 43.94
CA ASP C 577 -20.67 -5.91 44.18
C ASP C 577 -19.82 -6.10 42.96
N GLU C 578 -20.28 -6.93 42.02
CA GLU C 578 -19.48 -7.32 40.84
C GLU C 578 -20.23 -7.09 39.51
N PRO C 579 -19.52 -6.58 38.50
CA PRO C 579 -20.18 -6.25 37.23
C PRO C 579 -20.73 -7.42 36.42
N ALA C 580 -20.15 -8.59 36.53
CA ALA C 580 -20.47 -9.71 35.64
C ALA C 580 -20.49 -11.07 36.35
N LYS C 581 -21.62 -11.79 36.31
CA LYS C 581 -21.67 -13.16 36.87
C LYS C 581 -20.64 -14.05 36.22
N GLN C 582 -20.78 -14.35 34.93
CA GLN C 582 -19.89 -15.29 34.26
C GLN C 582 -19.00 -14.62 33.26
N LEU C 583 -17.81 -15.14 33.07
CA LEU C 583 -16.82 -14.54 32.17
C LEU C 583 -16.35 -15.67 31.28
N LEU C 584 -16.49 -15.52 29.96
CA LEU C 584 -15.99 -16.53 29.04
C LEU C 584 -14.91 -15.88 28.20
N CYS C 585 -13.69 -16.25 28.50
CA CYS C 585 -12.54 -15.70 27.85
C CYS C 585 -12.23 -16.61 26.68
N GLN C 586 -12.55 -16.20 25.45
CA GLN C 586 -12.27 -17.11 24.32
C GLN C 586 -10.77 -17.10 23.99
N GLY C 587 -10.32 -18.09 23.24
CA GLY C 587 -8.88 -18.22 22.93
C GLY C 587 -8.47 -17.27 21.80
N MET C 588 -7.22 -16.83 21.75
CA MET C 588 -6.84 -15.90 20.71
C MET C 588 -6.92 -16.65 19.37
N VAL C 589 -7.36 -15.97 18.31
CA VAL C 589 -7.18 -16.50 16.97
C VAL C 589 -5.86 -15.93 16.47
N LEU C 590 -4.94 -16.83 16.12
CA LEU C 590 -3.61 -16.43 15.66
C LEU C 590 -3.50 -16.68 14.16
N ALA C 591 -2.49 -16.05 13.56
CA ALA C 591 -2.19 -16.17 12.18
C ALA C 591 -0.71 -15.84 11.96
N ASP C 592 -0.08 -16.43 10.94
CA ASP C 592 1.31 -16.11 10.62
C ASP C 592 1.53 -14.61 10.49
N ALA C 593 2.70 -14.11 10.84
CA ALA C 593 2.96 -12.69 10.69
C ALA C 593 4.17 -12.39 9.77
N PHE C 594 3.97 -11.51 8.81
CA PHE C 594 5.02 -11.22 7.85
C PHE C 594 5.30 -9.71 7.62
N TYR C 595 6.58 -9.36 7.55
CA TYR C 595 6.95 -8.02 7.10
C TYR C 595 8.17 -8.02 6.17
N TYR C 596 8.32 -6.92 5.44
CA TYR C 596 9.56 -6.60 4.74
C TYR C 596 9.98 -5.16 5.12
N VAL C 597 11.28 -4.99 5.33
CA VAL C 597 11.88 -3.66 5.50
C VAL C 597 11.88 -2.97 4.12
N GLY C 598 11.33 -1.75 4.10
CA GLY C 598 11.24 -0.97 2.85
C GLY C 598 12.28 0.15 2.72
N GLU C 599 11.94 1.15 1.90
CA GLU C 599 12.81 2.32 1.63
C GLU C 599 13.33 3.07 2.89
N ASN C 600 12.63 2.93 4.02
CA ASN C 600 12.83 3.79 5.20
C ASN C 600 13.31 3.06 6.47
N GLY C 601 13.55 1.75 6.37
CA GLY C 601 13.77 0.92 7.56
C GLY C 601 12.47 0.45 8.22
N GLU C 602 11.34 1.14 7.96
CA GLU C 602 10.05 0.78 8.60
C GLU C 602 9.44 -0.51 8.03
N ARG C 603 8.93 -1.33 8.95
CA ARG C 603 8.37 -2.63 8.64
C ARG C 603 7.04 -2.45 7.93
N ASN C 604 6.91 -2.99 6.72
CA ASN C 604 5.61 -3.07 6.02
C ASN C 604 5.09 -4.49 6.14
N TRP C 605 4.00 -4.63 6.88
CA TRP C 605 3.48 -5.91 7.22
C TRP C 605 2.63 -6.46 6.11
N VAL C 606 2.92 -7.68 5.69
CA VAL C 606 2.28 -8.28 4.51
C VAL C 606 1.40 -9.40 4.96
N SER C 607 0.16 -9.34 4.51
CA SER C 607 -0.89 -10.25 4.93
C SER C 607 -0.60 -11.74 4.59
N PRO C 608 -1.01 -12.68 5.49
CA PRO C 608 -0.95 -14.15 5.27
C PRO C 608 -1.53 -14.58 3.93
N VAL C 609 -2.64 -13.97 3.51
CA VAL C 609 -3.28 -14.34 2.23
C VAL C 609 -2.41 -13.96 1.04
N ASP C 610 -1.38 -13.14 1.27
CA ASP C 610 -0.50 -12.64 0.23
C ASP C 610 0.96 -13.13 0.31
N ALA C 611 1.29 -13.86 1.36
CA ALA C 611 2.64 -14.39 1.50
C ALA C 611 2.76 -15.75 0.82
N ILE C 612 3.62 -15.86 -0.19
CA ILE C 612 3.96 -17.16 -0.78
C ILE C 612 5.01 -17.88 0.10
N VAL C 613 4.67 -19.04 0.67
CA VAL C 613 5.48 -19.65 1.75
C VAL C 613 6.07 -21.02 1.40
N GLU C 614 7.29 -21.27 1.86
CA GLU C 614 8.00 -22.55 1.69
C GLU C 614 8.48 -23.07 3.05
N ARG C 615 8.31 -24.37 3.27
CA ARG C 615 8.69 -25.00 4.54
C ARG C 615 9.71 -26.13 4.33
N ASP C 616 10.14 -26.77 5.41
CA ASP C 616 10.63 -28.15 5.37
C ASP C 616 9.62 -28.98 6.15
N GLU C 617 9.68 -30.30 5.97
CA GLU C 617 8.77 -31.23 6.65
C GLU C 617 8.44 -30.83 8.11
N LYS C 618 9.44 -30.39 8.88
CA LYS C 618 9.26 -30.08 10.31
C LYS C 618 8.19 -29.00 10.64
N GLY C 619 7.64 -28.35 9.63
CA GLY C 619 6.56 -27.36 9.81
C GLY C 619 7.05 -25.91 9.77
N ARG C 620 8.36 -25.72 9.92
CA ARG C 620 8.96 -24.39 10.00
C ARG C 620 8.88 -23.63 8.68
N ILE C 621 8.16 -22.51 8.67
CA ILE C 621 8.18 -21.60 7.52
C ILE C 621 9.62 -21.07 7.33
N VAL C 622 10.31 -21.57 6.29
CA VAL C 622 11.74 -21.27 6.01
C VAL C 622 11.93 -19.97 5.25
N LYS C 623 11.33 -19.86 4.06
CA LYS C 623 11.34 -18.59 3.36
C LYS C 623 10.00 -18.24 2.74
N ALA C 624 9.75 -16.95 2.64
CA ALA C 624 8.49 -16.44 2.13
C ALA C 624 8.71 -15.12 1.40
N LYS C 625 7.96 -14.96 0.31
CA LYS C 625 7.94 -13.76 -0.52
C LYS C 625 6.50 -13.32 -0.71
N ASP C 626 6.33 -12.16 -1.32
CA ASP C 626 5.03 -11.66 -1.76
C ASP C 626 4.97 -11.54 -3.29
N ALA C 627 3.79 -11.27 -3.84
CA ALA C 627 3.52 -11.38 -5.30
C ALA C 627 4.49 -10.54 -6.15
N ALA C 628 4.85 -9.38 -5.59
CA ALA C 628 5.77 -8.39 -6.22
C ALA C 628 7.25 -8.81 -6.22
N GLY C 629 7.69 -9.49 -5.16
CA GLY C 629 9.07 -10.01 -5.05
C GLY C 629 9.86 -9.78 -3.77
N HIS C 630 9.24 -9.23 -2.71
CA HIS C 630 9.97 -8.84 -1.51
C HIS C 630 10.22 -10.03 -0.68
N GLU C 631 11.48 -10.23 -0.32
CA GLU C 631 11.80 -11.24 0.68
C GLU C 631 11.17 -10.85 2.02
N LEU C 632 10.38 -11.74 2.59
CA LEU C 632 9.70 -11.46 3.87
C LEU C 632 10.47 -11.96 5.12
N VAL C 633 10.21 -11.29 6.23
CA VAL C 633 10.51 -11.79 7.59
C VAL C 633 9.24 -12.36 8.32
N TYR C 634 9.35 -13.65 8.71
CA TYR C 634 8.34 -14.38 9.47
C TYR C 634 8.64 -14.17 10.96
N THR C 635 7.76 -13.42 11.59
CA THR C 635 7.80 -13.10 13.04
C THR C 635 7.15 -14.16 13.98
N GLY C 636 6.79 -15.32 13.42
CA GLY C 636 5.97 -16.28 14.13
C GLY C 636 4.48 -15.96 14.10
N MET C 637 3.71 -16.94 14.56
CA MET C 637 2.26 -16.85 14.76
C MET C 637 1.98 -15.88 15.89
N SER C 638 0.94 -15.06 15.76
CA SER C 638 0.49 -14.24 16.90
C SER C 638 -0.95 -13.79 16.73
N LYS C 639 -1.48 -13.11 17.77
CA LYS C 639 -2.87 -12.60 17.69
C LYS C 639 -3.03 -11.76 16.41
N MET C 640 -4.08 -12.05 15.64
CA MET C 640 -4.44 -11.22 14.52
C MET C 640 -4.76 -9.80 15.02
N SER C 641 -4.07 -8.80 14.50
CA SER C 641 -4.52 -7.40 14.63
C SER C 641 -4.12 -6.64 13.37
N LYS C 642 -4.67 -5.45 13.17
CA LYS C 642 -4.17 -4.64 12.04
C LYS C 642 -2.75 -4.20 12.34
N SER C 643 -2.32 -4.33 13.60
CA SER C 643 -0.98 -3.93 13.98
C SER C 643 0.10 -4.71 13.25
N LYS C 644 -0.16 -5.98 12.97
CA LYS C 644 0.80 -6.79 12.19
C LYS C 644 0.21 -7.21 10.85
N ASN C 645 -0.80 -6.46 10.40
CA ASN C 645 -1.53 -6.72 9.17
C ASN C 645 -1.79 -8.18 8.84
N ASN C 646 -2.16 -8.93 9.86
CA ASN C 646 -2.37 -10.34 9.71
C ASN C 646 -3.76 -10.70 10.08
N GLY C 647 -4.66 -9.70 10.02
CA GLY C 647 -6.07 -9.95 10.14
C GLY C 647 -6.56 -10.59 8.87
N ILE C 648 -7.41 -11.60 8.98
CA ILE C 648 -8.10 -12.17 7.85
C ILE C 648 -9.58 -11.73 7.93
N ASP C 649 -9.93 -10.87 6.99
CA ASP C 649 -11.26 -10.30 6.86
C ASP C 649 -12.17 -11.42 6.40
N PRO C 650 -13.36 -11.54 7.00
CA PRO C 650 -14.27 -12.60 6.57
C PRO C 650 -15.00 -12.40 5.23
N GLN C 651 -14.78 -11.28 4.54
CA GLN C 651 -15.69 -10.93 3.45
C GLN C 651 -15.69 -11.91 2.30
N VAL C 652 -14.51 -12.23 1.81
CA VAL C 652 -14.39 -13.18 0.72
C VAL C 652 -15.10 -14.50 1.04
N MET C 653 -14.83 -15.05 2.21
CA MET C 653 -15.56 -16.23 2.67
C MET C 653 -17.09 -16.05 2.80
N VAL C 654 -17.56 -14.87 3.25
CA VAL C 654 -19.00 -14.60 3.32
C VAL C 654 -19.56 -14.52 1.93
N GLU C 655 -18.81 -13.95 1.00
CA GLU C 655 -19.22 -14.00 -0.39
C GLU C 655 -19.25 -15.43 -0.90
N ARG C 656 -18.10 -16.12 -1.03
CA ARG C 656 -18.12 -17.47 -1.63
C ARG C 656 -19.15 -18.39 -0.97
N TYR C 657 -19.25 -18.41 0.38
CA TYR C 657 -20.07 -19.43 1.09
C TYR C 657 -21.30 -18.94 1.86
N GLY C 658 -21.50 -17.63 1.95
CA GLY C 658 -22.54 -17.06 2.84
C GLY C 658 -22.12 -17.05 4.32
N ALA C 659 -22.77 -16.20 5.11
CA ALA C 659 -22.32 -15.95 6.48
C ALA C 659 -22.66 -17.06 7.47
N ASP C 660 -23.61 -17.94 7.13
CA ASP C 660 -24.00 -19.01 8.05
C ASP C 660 -22.93 -20.07 8.07
N THR C 661 -22.27 -20.24 6.95
CA THR C 661 -21.15 -21.18 6.82
C THR C 661 -20.01 -20.64 7.68
N VAL C 662 -19.65 -19.36 7.52
CA VAL C 662 -18.50 -18.85 8.31
C VAL C 662 -18.77 -18.93 9.81
N ARG C 663 -19.94 -18.49 10.23
CA ARG C 663 -20.35 -18.67 11.63
C ARG C 663 -20.16 -20.10 12.13
N LEU C 664 -20.80 -21.04 11.44
CA LEU C 664 -20.81 -22.44 11.85
C LEU C 664 -19.42 -23.01 11.96
N PHE C 665 -18.62 -22.76 10.94
CA PHE C 665 -17.26 -23.25 10.87
C PHE C 665 -16.50 -22.75 12.04
N MET C 666 -16.59 -21.48 12.32
CA MET C 666 -15.91 -20.93 13.51
C MET C 666 -16.28 -21.65 14.82
N MET C 667 -17.56 -21.93 15.04
CA MET C 667 -17.98 -22.58 16.28
C MET C 667 -17.68 -24.06 16.31
N PHE C 668 -17.37 -24.63 15.15
CA PHE C 668 -17.15 -26.05 15.04
C PHE C 668 -15.66 -26.37 14.96
N ALA C 669 -14.83 -25.39 14.70
CA ALA C 669 -13.41 -25.64 14.56
C ALA C 669 -12.72 -25.96 15.86
N SER C 670 -13.35 -25.63 16.99
CA SER C 670 -12.67 -25.68 18.31
C SER C 670 -13.58 -25.31 19.50
N PRO C 671 -13.30 -25.89 20.68
CA PRO C 671 -13.91 -25.25 21.86
C PRO C 671 -13.57 -23.76 21.98
N ALA C 672 -14.46 -23.00 22.60
CA ALA C 672 -14.41 -21.54 22.57
C ALA C 672 -13.19 -20.97 23.27
N ASP C 673 -12.52 -21.73 24.14
CA ASP C 673 -11.46 -21.16 24.97
C ASP C 673 -10.06 -21.58 24.54
N MET C 674 -10.02 -22.55 23.64
CA MET C 674 -8.78 -23.05 23.05
C MET C 674 -8.33 -21.97 22.10
N THR C 675 -7.04 -21.70 22.09
CA THR C 675 -6.53 -20.76 21.13
C THR C 675 -6.48 -21.52 19.82
N LEU C 676 -6.48 -20.77 18.71
CA LEU C 676 -6.74 -21.29 17.38
C LEU C 676 -5.86 -20.62 16.36
N GLU C 677 -4.94 -21.35 15.78
CA GLU C 677 -4.19 -20.88 14.65
C GLU C 677 -5.14 -20.90 13.48
N TRP C 678 -5.61 -19.73 13.06
CA TRP C 678 -6.52 -19.61 11.91
C TRP C 678 -6.12 -20.42 10.68
N GLN C 679 -7.13 -21.01 10.04
CA GLN C 679 -6.93 -21.91 8.89
C GLN C 679 -8.26 -22.13 8.14
N GLU C 680 -8.24 -21.85 6.83
CA GLU C 680 -9.44 -21.96 6.02
C GLU C 680 -9.85 -23.40 5.84
N SER C 681 -8.86 -24.26 5.56
CA SER C 681 -9.07 -25.66 5.29
C SER C 681 -10.01 -26.22 6.33
N GLY C 682 -11.16 -26.74 5.89
CA GLY C 682 -12.27 -27.13 6.81
C GLY C 682 -13.66 -26.51 6.58
N VAL C 683 -13.71 -25.35 5.90
CA VAL C 683 -14.98 -24.60 5.67
C VAL C 683 -15.99 -25.35 4.84
N GLU C 684 -15.50 -26.09 3.85
CA GLU C 684 -16.40 -26.77 2.97
C GLU C 684 -17.19 -27.82 3.77
N GLY C 685 -16.65 -28.28 4.90
CA GLY C 685 -17.40 -29.16 5.80
C GLY C 685 -18.61 -28.50 6.44
N ALA C 686 -18.50 -27.21 6.74
CA ALA C 686 -19.61 -26.46 7.30
C ALA C 686 -20.64 -26.20 6.18
N ASN C 687 -20.16 -25.79 5.01
CA ASN C 687 -21.02 -25.57 3.87
C ASN C 687 -21.78 -26.81 3.41
N ARG C 688 -21.08 -27.94 3.29
CA ARG C 688 -21.72 -29.16 2.79
C ARG C 688 -22.74 -29.70 3.80
N PHE C 689 -22.44 -29.54 5.08
CA PHE C 689 -23.42 -29.88 6.11
C PHE C 689 -24.73 -29.10 5.95
N LEU C 690 -24.67 -27.79 5.69
CA LEU C 690 -25.90 -26.98 5.54
C LEU C 690 -26.72 -27.41 4.31
N LYS C 691 -26.06 -27.68 3.19
CA LYS C 691 -26.77 -28.15 2.00
C LYS C 691 -27.54 -29.42 2.33
N ARG C 692 -26.98 -30.25 3.21
CA ARG C 692 -27.57 -31.56 3.53
C ARG C 692 -28.82 -31.42 4.40
N VAL C 693 -28.78 -30.47 5.33
CA VAL C 693 -29.95 -30.09 6.08
C VAL C 693 -30.96 -29.38 5.18
N TRP C 694 -30.49 -28.60 4.19
CA TRP C 694 -31.45 -27.98 3.23
C TRP C 694 -32.06 -29.04 2.36
N LYS C 695 -31.24 -29.98 1.92
CA LYS C 695 -31.67 -31.14 1.11
C LYS C 695 -32.81 -31.89 1.80
N LEU C 696 -32.60 -32.25 3.04
CA LEU C 696 -33.54 -33.06 3.79
C LEU C 696 -34.89 -32.34 4.08
N VAL C 697 -34.82 -31.08 4.46
CA VAL C 697 -36.02 -30.25 4.57
C VAL C 697 -36.78 -30.14 3.22
N TYR C 698 -36.06 -30.07 2.11
CA TYR C 698 -36.71 -29.97 0.80
C TYR C 698 -37.43 -31.28 0.49
N GLU C 699 -36.68 -32.36 0.51
CA GLU C 699 -37.27 -33.70 0.29
C GLU C 699 -38.49 -33.88 1.17
N HIS C 700 -38.29 -33.77 2.48
CA HIS C 700 -39.36 -33.99 3.44
C HIS C 700 -40.62 -33.18 3.19
N THR C 701 -40.48 -31.85 3.03
CA THR C 701 -41.64 -30.96 2.77
C THR C 701 -42.21 -31.14 1.38
N ALA C 702 -41.38 -31.55 0.41
CA ALA C 702 -41.87 -31.89 -0.93
C ALA C 702 -42.86 -33.05 -0.96
N LYS C 703 -43.01 -33.79 0.13
CA LYS C 703 -43.95 -34.92 0.15
C LYS C 703 -45.21 -34.61 0.97
N GLY C 704 -45.50 -33.33 1.18
CA GLY C 704 -46.72 -32.93 1.85
C GLY C 704 -46.65 -32.93 3.36
N ASP C 705 -47.81 -32.74 3.97
CA ASP C 705 -47.89 -32.48 5.40
C ASP C 705 -48.01 -33.78 6.19
N VAL C 706 -48.04 -33.67 7.52
CA VAL C 706 -47.98 -34.87 8.39
C VAL C 706 -49.11 -35.03 9.43
N ALA C 707 -49.37 -36.30 9.75
CA ALA C 707 -50.30 -36.68 10.80
C ALA C 707 -49.66 -36.41 12.17
N ALA C 708 -50.45 -35.88 13.11
CA ALA C 708 -49.97 -35.71 14.48
C ALA C 708 -49.39 -37.07 14.90
N LEU C 709 -48.26 -37.05 15.61
CA LEU C 709 -47.53 -38.29 15.91
C LEU C 709 -48.18 -39.08 17.04
N ASN C 710 -48.54 -40.35 16.78
CA ASN C 710 -49.12 -41.18 17.84
C ASN C 710 -48.03 -41.84 18.64
N VAL C 711 -47.83 -41.31 19.84
CA VAL C 711 -46.61 -41.56 20.59
C VAL C 711 -46.54 -43.00 21.08
N ASP C 712 -47.64 -43.48 21.64
CA ASP C 712 -47.66 -44.82 22.28
C ASP C 712 -47.80 -46.01 21.33
N ALA C 713 -47.44 -45.83 20.06
CA ALA C 713 -47.46 -46.94 19.09
C ALA C 713 -46.39 -46.76 17.99
N LEU C 714 -45.16 -47.21 18.26
CA LEU C 714 -44.01 -47.00 17.37
C LEU C 714 -43.22 -48.30 17.16
N THR C 715 -42.35 -48.35 16.14
CA THR C 715 -41.41 -49.49 15.93
C THR C 715 -40.30 -49.41 16.98
N GLU C 716 -39.45 -50.44 17.05
CA GLU C 716 -38.24 -50.37 17.88
C GLU C 716 -37.05 -49.86 17.05
N ASN C 717 -37.29 -49.70 15.73
CA ASN C 717 -36.35 -49.00 14.85
C ASN C 717 -36.65 -47.49 14.90
N GLN C 718 -37.94 -47.17 15.14
CA GLN C 718 -38.44 -45.78 15.35
C GLN C 718 -38.26 -45.29 16.79
N LYS C 719 -38.53 -46.16 17.75
CA LYS C 719 -38.39 -45.83 19.16
C LYS C 719 -36.94 -45.37 19.44
N ALA C 720 -35.99 -46.03 18.78
CA ALA C 720 -34.57 -45.76 18.95
C ALA C 720 -34.09 -44.45 18.31
N LEU C 721 -34.49 -44.20 17.07
CA LEU C 721 -34.12 -42.94 16.41
C LEU C 721 -34.59 -41.72 17.23
N ARG C 722 -35.82 -41.81 17.76
CA ARG C 722 -36.40 -40.74 18.59
C ARG C 722 -35.56 -40.57 19.84
N ARG C 723 -35.14 -41.70 20.42
CA ARG C 723 -34.35 -41.71 21.64
C ARG C 723 -33.10 -40.91 21.37
N ASP C 724 -32.50 -41.15 20.21
CA ASP C 724 -31.33 -40.37 19.76
C ASP C 724 -31.62 -38.92 19.43
N VAL C 725 -32.77 -38.64 18.86
CA VAL C 725 -33.16 -37.23 18.68
C VAL C 725 -33.26 -36.55 20.05
N HIS C 726 -33.91 -37.19 20.99
CA HIS C 726 -34.09 -36.57 22.28
C HIS C 726 -32.82 -36.51 23.10
N LYS C 727 -31.99 -37.54 23.02
CA LYS C 727 -30.67 -37.48 23.66
C LYS C 727 -29.88 -36.32 23.08
N THR C 728 -30.01 -36.09 21.77
CA THR C 728 -29.24 -35.02 21.11
C THR C 728 -29.62 -33.64 21.63
N ILE C 729 -30.91 -33.45 21.89
CA ILE C 729 -31.38 -32.19 22.48
C ILE C 729 -30.76 -31.94 23.86
N ALA C 730 -30.62 -32.99 24.66
CA ALA C 730 -30.21 -32.81 26.02
C ALA C 730 -28.78 -32.41 25.95
N LYS C 731 -28.02 -33.09 25.08
CA LYS C 731 -26.58 -32.85 24.99
C LYS C 731 -26.32 -31.45 24.54
N VAL C 732 -26.96 -31.06 23.46
CA VAL C 732 -26.75 -29.75 22.87
C VAL C 732 -27.16 -28.64 23.84
N THR C 733 -28.25 -28.85 24.58
CA THR C 733 -28.65 -27.90 25.58
C THR C 733 -27.54 -27.71 26.61
N ASP C 734 -26.94 -28.81 27.06
CA ASP C 734 -25.89 -28.74 28.09
C ASP C 734 -24.57 -28.18 27.48
N ASP C 735 -24.23 -28.66 26.28
CA ASP C 735 -23.04 -28.21 25.53
C ASP C 735 -23.09 -26.71 25.30
N ILE C 736 -24.24 -26.14 24.92
CA ILE C 736 -24.37 -24.69 24.73
C ILE C 736 -24.51 -23.99 26.08
N GLY C 737 -25.40 -24.51 26.89
CA GLY C 737 -25.79 -23.82 28.10
C GLY C 737 -24.68 -23.76 29.09
N ARG C 738 -24.21 -24.92 29.50
CA ARG C 738 -23.32 -25.08 30.63
C ARG C 738 -21.85 -25.12 30.28
N ARG C 739 -21.48 -25.98 29.32
CA ARG C 739 -20.08 -26.24 29.06
C ARG C 739 -19.45 -25.25 28.13
N GLN C 740 -20.30 -24.54 27.38
CA GLN C 740 -19.88 -23.78 26.22
C GLN C 740 -18.89 -24.53 25.31
N THR C 741 -19.16 -25.79 25.01
CA THR C 741 -18.38 -26.48 23.97
C THR C 741 -19.24 -26.62 22.71
N PHE C 742 -19.30 -25.55 21.93
CA PHE C 742 -20.11 -25.55 20.73
C PHE C 742 -19.68 -26.52 19.65
N ASN C 743 -18.40 -26.86 19.63
CA ASN C 743 -17.94 -27.79 18.65
C ASN C 743 -18.65 -29.12 18.82
N THR C 744 -18.69 -29.63 20.04
CA THR C 744 -19.35 -30.92 20.32
C THR C 744 -20.87 -30.77 20.18
N ALA C 745 -21.37 -29.56 20.35
CA ALA C 745 -22.79 -29.31 20.14
C ALA C 745 -23.10 -29.63 18.66
N ILE C 746 -22.25 -29.13 17.77
CA ILE C 746 -22.42 -29.24 16.34
C ILE C 746 -22.23 -30.67 15.84
N ALA C 747 -21.17 -31.31 16.31
CA ALA C 747 -20.94 -32.74 16.03
C ALA C 747 -22.17 -33.58 16.38
N ALA C 748 -22.80 -33.26 17.50
CA ALA C 748 -23.93 -34.02 17.98
C ALA C 748 -25.14 -33.88 17.07
N ILE C 749 -25.27 -32.73 16.42
CA ILE C 749 -26.32 -32.50 15.45
C ILE C 749 -25.91 -33.10 14.10
N MET C 750 -24.62 -33.06 13.77
CA MET C 750 -24.12 -33.82 12.62
C MET C 750 -24.46 -35.32 12.76
N GLU C 751 -23.99 -35.97 13.83
CA GLU C 751 -24.37 -37.37 14.14
C GLU C 751 -25.85 -37.61 13.89
N LEU C 752 -26.69 -36.74 14.46
CA LEU C 752 -28.12 -36.92 14.35
C LEU C 752 -28.47 -36.82 12.86
N MET C 753 -28.07 -35.75 12.22
CA MET C 753 -28.43 -35.59 10.82
C MET C 753 -28.02 -36.79 9.96
N ASN C 754 -26.89 -37.41 10.27
CA ASN C 754 -26.48 -38.62 9.52
C ASN C 754 -27.54 -39.70 9.73
N LYS C 755 -27.88 -39.92 11.00
CA LYS C 755 -28.96 -40.86 11.38
C LYS C 755 -30.30 -40.52 10.71
N LEU C 756 -30.64 -39.24 10.61
CA LEU C 756 -31.89 -38.86 9.98
C LEU C 756 -31.91 -39.08 8.44
N ALA C 757 -30.74 -39.04 7.81
CA ALA C 757 -30.66 -39.25 6.37
C ALA C 757 -30.88 -40.72 5.96
N LYS C 758 -30.79 -41.63 6.93
CA LYS C 758 -31.03 -43.05 6.70
C LYS C 758 -32.49 -43.47 6.94
N ALA C 759 -33.15 -42.88 7.91
CA ALA C 759 -34.53 -43.24 8.27
C ALA C 759 -35.46 -43.56 7.07
N PRO C 760 -36.26 -44.65 7.19
CA PRO C 760 -37.27 -44.87 6.17
C PRO C 760 -38.29 -43.75 6.25
N THR C 761 -38.57 -43.05 5.15
CA THR C 761 -39.43 -41.86 5.21
C THR C 761 -40.59 -41.89 4.22
N ASP C 762 -41.21 -43.07 4.09
CA ASP C 762 -42.37 -43.25 3.22
C ASP C 762 -43.62 -43.57 4.03
N GLY C 763 -43.58 -44.67 4.81
CA GLY C 763 -44.69 -45.06 5.69
C GLY C 763 -45.04 -43.84 6.50
N GLU C 764 -46.32 -43.47 6.52
CA GLU C 764 -46.73 -42.12 6.95
C GLU C 764 -47.02 -41.98 8.46
N GLN C 765 -46.06 -42.49 9.25
CA GLN C 765 -45.81 -42.18 10.68
C GLN C 765 -44.34 -41.74 10.84
N ASP C 766 -43.47 -42.39 10.06
CA ASP C 766 -42.11 -41.96 9.87
C ASP C 766 -42.06 -40.49 9.55
N ARG C 767 -42.94 -40.07 8.66
CA ARG C 767 -42.96 -38.66 8.27
C ARG C 767 -43.25 -37.75 9.48
N ALA C 768 -43.98 -38.24 10.46
CA ALA C 768 -44.30 -37.47 11.66
C ALA C 768 -43.09 -37.40 12.59
N LEU C 769 -42.43 -38.55 12.76
CA LEU C 769 -41.15 -38.64 13.49
C LEU C 769 -40.10 -37.67 12.92
N MET C 770 -39.95 -37.74 11.60
CA MET C 770 -39.09 -36.81 10.85
C MET C 770 -39.50 -35.38 11.08
N GLN C 771 -40.81 -35.11 11.11
CA GLN C 771 -41.27 -33.74 11.36
C GLN C 771 -40.82 -33.26 12.71
N GLU C 772 -40.86 -34.12 13.73
CA GLU C 772 -40.51 -33.72 15.09
C GLU C 772 -38.99 -33.50 15.16
N ALA C 773 -38.25 -34.44 14.57
CA ALA C 773 -36.80 -34.35 14.45
C ALA C 773 -36.35 -33.06 13.83
N LEU C 774 -36.91 -32.76 12.65
CA LEU C 774 -36.49 -31.60 11.86
C LEU C 774 -36.83 -30.25 12.51
N LEU C 775 -37.92 -30.20 13.26
CA LEU C 775 -38.17 -29.00 14.06
C LEU C 775 -37.04 -28.90 15.08
N ALA C 776 -36.71 -29.99 15.78
CA ALA C 776 -35.64 -29.93 16.79
C ALA C 776 -34.34 -29.47 16.18
N VAL C 777 -33.92 -30.19 15.13
CA VAL C 777 -32.69 -29.86 14.46
C VAL C 777 -32.72 -28.38 14.07
N VAL C 778 -33.75 -27.97 13.35
CA VAL C 778 -33.75 -26.60 12.87
C VAL C 778 -33.57 -25.68 14.08
N ARG C 779 -34.31 -25.90 15.16
CA ARG C 779 -34.16 -25.02 16.33
C ARG C 779 -32.80 -25.14 17.02
N MET C 780 -32.12 -26.28 16.98
CA MET C 780 -30.79 -26.35 17.61
C MET C 780 -29.72 -25.60 16.82
N LEU C 781 -29.85 -25.54 15.51
CA LEU C 781 -28.88 -24.83 14.69
C LEU C 781 -29.03 -23.32 14.76
N ASN C 782 -30.22 -22.84 15.09
CA ASN C 782 -30.57 -21.43 14.85
C ASN C 782 -29.51 -20.47 15.39
N PRO C 783 -29.08 -20.69 16.63
CA PRO C 783 -28.10 -19.72 17.09
C PRO C 783 -26.76 -19.77 16.31
N PHE C 784 -26.47 -20.92 15.70
CA PHE C 784 -25.25 -21.04 14.93
C PHE C 784 -25.45 -20.43 13.55
N THR C 785 -26.53 -20.83 12.86
CA THR C 785 -26.85 -20.39 11.51
C THR C 785 -28.30 -19.90 11.43
N PRO C 786 -28.58 -18.67 11.88
CA PRO C 786 -29.95 -18.27 12.02
C PRO C 786 -30.64 -17.88 10.68
N HIS C 787 -29.87 -17.62 9.63
CA HIS C 787 -30.46 -17.30 8.33
C HIS C 787 -31.10 -18.52 7.72
N ILE C 788 -30.29 -19.54 7.51
CA ILE C 788 -30.82 -20.76 6.96
C ILE C 788 -31.98 -21.31 7.81
N CYS C 789 -31.94 -21.12 9.13
CA CYS C 789 -33.00 -21.67 9.98
C CYS C 789 -34.26 -20.85 9.97
N PHE C 790 -34.15 -19.52 9.85
CA PHE C 790 -35.36 -18.70 9.73
C PHE C 790 -36.20 -19.13 8.52
N THR C 791 -35.52 -19.34 7.40
CA THR C 791 -36.15 -19.85 6.22
C THR C 791 -36.70 -21.25 6.42
N LEU C 792 -35.89 -22.14 6.99
CA LEU C 792 -36.27 -23.52 7.04
C LEU C 792 -37.46 -23.68 7.98
N TRP C 793 -37.40 -22.95 9.10
CA TRP C 793 -38.54 -22.89 10.04
C TRP C 793 -39.83 -22.52 9.33
N GLN C 794 -39.81 -21.40 8.60
CA GLN C 794 -41.00 -20.99 7.81
C GLN C 794 -41.52 -22.21 7.02
N GLU C 795 -40.65 -22.86 6.24
CA GLU C 795 -41.00 -24.04 5.41
C GLU C 795 -41.54 -25.22 6.19
N LEU C 796 -41.01 -25.49 7.38
CA LEU C 796 -41.54 -26.58 8.23
C LEU C 796 -42.94 -26.31 8.78
N LYS C 797 -43.51 -25.16 8.44
CA LYS C 797 -44.85 -24.70 8.89
C LYS C 797 -44.90 -24.43 10.40
N GLY C 798 -43.72 -24.21 10.97
CA GLY C 798 -43.54 -23.96 12.40
C GLY C 798 -43.98 -22.57 12.76
N GLU C 799 -44.37 -22.39 14.03
CA GLU C 799 -45.14 -21.24 14.40
C GLU C 799 -44.25 -20.00 14.57
N GLY C 800 -44.74 -18.89 14.04
CA GLY C 800 -44.15 -17.59 14.20
C GLY C 800 -42.71 -17.63 13.79
N ASP C 801 -41.98 -16.57 14.14
CA ASP C 801 -40.58 -16.56 13.81
C ASP C 801 -39.78 -17.43 14.78
N ILE C 802 -38.74 -18.04 14.22
CA ILE C 802 -37.88 -18.95 14.93
C ILE C 802 -37.18 -18.23 16.09
N ASP C 803 -36.95 -16.93 15.92
CA ASP C 803 -36.31 -16.09 16.95
C ASP C 803 -36.96 -16.16 18.32
N ASN C 804 -38.29 -16.19 18.33
CA ASN C 804 -39.05 -16.30 19.57
C ASN C 804 -39.54 -17.74 19.79
N ALA C 805 -39.06 -18.71 19.01
CA ALA C 805 -39.56 -20.09 19.12
C ALA C 805 -39.04 -20.70 20.40
N PRO C 806 -39.86 -21.55 21.05
CA PRO C 806 -39.48 -22.14 22.32
C PRO C 806 -38.38 -23.18 22.14
N TRP C 807 -37.39 -23.19 23.05
CA TRP C 807 -36.23 -24.08 22.90
C TRP C 807 -36.67 -25.51 23.10
N PRO C 808 -36.17 -26.45 22.29
CA PRO C 808 -36.53 -27.87 22.40
C PRO C 808 -36.22 -28.45 23.74
N VAL C 809 -37.21 -28.99 24.41
CA VAL C 809 -37.00 -29.68 25.67
C VAL C 809 -37.02 -31.17 25.39
N ALA C 810 -36.05 -31.89 25.94
CA ALA C 810 -36.04 -33.34 25.91
C ALA C 810 -37.20 -33.94 26.74
N ASP C 811 -38.00 -34.81 26.12
CA ASP C 811 -38.96 -35.68 26.80
C ASP C 811 -38.23 -36.80 27.53
N GLU C 812 -38.44 -36.89 28.84
CA GLU C 812 -37.68 -37.83 29.63
C GLU C 812 -38.07 -39.24 29.35
N LYS C 813 -39.35 -39.57 29.32
CA LYS C 813 -39.77 -40.94 28.99
C LYS C 813 -39.11 -41.48 27.72
N ALA C 814 -38.87 -40.62 26.73
CA ALA C 814 -38.45 -41.05 25.39
C ALA C 814 -36.99 -41.49 25.28
N MET C 815 -36.21 -41.35 26.33
CA MET C 815 -34.79 -41.73 26.27
C MET C 815 -34.36 -42.79 27.30
N VAL C 816 -35.31 -43.41 28.01
CA VAL C 816 -34.97 -44.52 28.93
C VAL C 816 -34.25 -45.62 28.18
N GLU C 817 -33.09 -46.02 28.70
CA GLU C 817 -32.30 -47.06 28.08
C GLU C 817 -32.86 -48.37 28.60
N ASP C 818 -32.80 -49.37 27.74
CA ASP C 818 -33.18 -50.73 28.07
C ASP C 818 -31.98 -51.41 28.72
N SER C 819 -30.80 -51.08 28.21
CA SER C 819 -29.57 -51.79 28.46
C SER C 819 -28.39 -50.81 28.51
N THR C 820 -27.18 -51.33 28.72
CA THR C 820 -26.01 -50.49 28.74
C THR C 820 -24.81 -51.22 28.19
N LEU C 821 -23.86 -50.47 27.63
CA LEU C 821 -22.62 -51.05 27.12
C LEU C 821 -21.57 -51.16 28.22
N VAL C 822 -20.94 -52.33 28.32
CA VAL C 822 -19.86 -52.55 29.28
C VAL C 822 -18.55 -52.99 28.58
N VAL C 823 -17.45 -52.37 28.98
CA VAL C 823 -16.19 -52.74 28.43
C VAL C 823 -15.53 -53.74 29.36
N VAL C 824 -15.09 -54.87 28.82
CA VAL C 824 -14.28 -55.83 29.59
C VAL C 824 -12.77 -55.68 29.33
N GLN C 825 -12.04 -55.31 30.40
CA GLN C 825 -10.59 -55.26 30.40
C GLN C 825 -9.99 -56.44 31.16
N VAL C 826 -8.86 -56.94 30.66
CA VAL C 826 -7.96 -57.85 31.42
C VAL C 826 -6.59 -57.18 31.51
N ASN C 827 -6.05 -57.01 32.72
CA ASN C 827 -4.82 -56.24 32.92
C ASN C 827 -4.94 -54.92 32.19
N GLY C 828 -6.06 -54.24 32.41
CA GLY C 828 -6.40 -52.99 31.73
C GLY C 828 -6.42 -52.97 30.21
N LYS C 829 -6.36 -54.13 29.55
CA LYS C 829 -6.46 -54.19 28.06
C LYS C 829 -7.89 -54.59 27.62
N VAL C 830 -8.54 -53.81 26.74
CA VAL C 830 -9.90 -54.20 26.33
C VAL C 830 -9.90 -55.47 25.48
N ARG C 831 -10.69 -56.47 25.90
CA ARG C 831 -10.84 -57.71 25.11
C ARG C 831 -12.30 -58.03 24.66
N ALA C 832 -13.25 -57.12 24.91
CA ALA C 832 -14.63 -57.31 24.44
C ALA C 832 -15.64 -56.26 24.93
N LYS C 833 -16.73 -56.12 24.19
CA LYS C 833 -17.77 -55.14 24.50
C LYS C 833 -19.13 -55.83 24.43
N ILE C 834 -19.94 -55.65 25.46
CA ILE C 834 -21.17 -56.40 25.68
C ILE C 834 -22.30 -55.49 26.14
N THR C 835 -23.54 -55.79 25.70
CA THR C 835 -24.72 -55.07 26.15
C THR C 835 -25.32 -55.86 27.31
N VAL C 836 -25.52 -55.15 28.40
CA VAL C 836 -25.89 -55.72 29.68
C VAL C 836 -27.21 -55.09 30.13
N PRO C 837 -28.15 -55.88 30.69
CA PRO C 837 -29.43 -55.33 31.15
C PRO C 837 -29.28 -54.02 31.93
N VAL C 838 -30.27 -53.14 31.78
CA VAL C 838 -30.25 -51.82 32.43
C VAL C 838 -29.43 -51.91 33.72
N ASP C 839 -30.00 -52.64 34.69
CA ASP C 839 -29.38 -52.85 35.98
C ASP C 839 -28.99 -54.33 36.11
N ALA C 840 -27.69 -54.58 36.28
CA ALA C 840 -27.15 -55.94 36.36
C ALA C 840 -26.21 -56.06 37.54
N THR C 841 -26.30 -57.18 38.24
CA THR C 841 -25.39 -57.47 39.33
C THR C 841 -24.00 -57.61 38.74
N GLU C 842 -23.00 -57.17 39.50
CA GLU C 842 -21.60 -57.46 39.19
C GLU C 842 -21.38 -58.89 38.69
N GLU C 843 -22.19 -59.83 39.16
CA GLU C 843 -22.01 -61.24 38.79
C GLU C 843 -22.62 -61.63 37.46
N GLN C 844 -23.80 -61.11 37.14
CA GLN C 844 -24.34 -61.30 35.80
C GLN C 844 -23.33 -60.79 34.81
N VAL C 845 -22.86 -59.57 35.04
CA VAL C 845 -21.83 -58.96 34.21
C VAL C 845 -20.52 -59.78 34.22
N ARG C 846 -20.17 -60.33 35.38
CA ARG C 846 -18.94 -61.16 35.51
C ARG C 846 -19.10 -62.55 34.90
N GLU C 847 -20.33 -63.07 34.85
CA GLU C 847 -20.62 -64.33 34.11
C GLU C 847 -20.85 -64.09 32.63
N ARG C 848 -21.41 -62.94 32.28
CA ARG C 848 -21.65 -62.63 30.85
C ARG C 848 -20.32 -62.26 30.13
N ALA C 849 -19.42 -61.55 30.81
CA ALA C 849 -18.07 -61.35 30.28
C ALA C 849 -17.37 -62.71 30.22
N GLY C 850 -17.65 -63.56 31.20
CA GLY C 850 -17.15 -64.93 31.22
C GLY C 850 -17.24 -65.64 29.89
N GLN C 851 -18.25 -65.32 29.08
CA GLN C 851 -18.57 -66.09 27.86
C GLN C 851 -17.93 -65.56 26.57
N GLU C 852 -16.74 -64.96 26.66
CA GLU C 852 -16.08 -64.44 25.46
C GLU C 852 -14.74 -65.12 25.15
N HIS C 853 -14.62 -65.57 23.91
CA HIS C 853 -13.38 -66.17 23.40
C HIS C 853 -12.17 -65.29 23.56
N LEU C 854 -12.31 -63.98 23.40
CA LEU C 854 -11.18 -63.09 23.61
C LEU C 854 -10.96 -62.85 25.11
N VAL C 855 -11.94 -63.26 25.93
CA VAL C 855 -11.84 -63.18 27.39
C VAL C 855 -11.46 -64.52 28.03
N ALA C 856 -12.19 -65.58 27.70
CA ALA C 856 -11.80 -66.96 28.08
C ALA C 856 -10.30 -67.21 27.89
N LYS C 857 -9.75 -66.68 26.79
CA LYS C 857 -8.31 -66.79 26.45
C LYS C 857 -7.38 -66.39 27.62
N TYR C 858 -7.79 -65.38 28.39
CA TYR C 858 -6.94 -64.76 29.40
C TYR C 858 -7.36 -65.01 30.86
N LEU C 859 -8.44 -65.75 31.06
CA LEU C 859 -8.80 -66.22 32.39
C LEU C 859 -8.28 -67.65 32.63
N ASP C 860 -7.58 -68.21 31.64
CA ASP C 860 -7.15 -69.60 31.69
C ASP C 860 -5.99 -69.89 32.61
N GLY C 861 -6.27 -70.76 33.58
CA GLY C 861 -5.30 -71.15 34.57
C GLY C 861 -4.92 -70.03 35.52
N VAL C 862 -5.63 -68.90 35.45
CA VAL C 862 -5.33 -67.75 36.31
C VAL C 862 -6.44 -67.56 37.35
N THR C 863 -6.04 -67.25 38.59
CA THR C 863 -6.99 -66.70 39.59
C THR C 863 -6.87 -65.19 39.58
N VAL C 864 -8.01 -64.55 39.73
CA VAL C 864 -8.12 -63.13 39.57
C VAL C 864 -7.90 -62.50 40.95
N ARG C 865 -6.75 -61.83 41.13
CA ARG C 865 -6.37 -61.15 42.40
C ARG C 865 -7.43 -60.14 42.88
N LYS C 866 -7.96 -59.34 41.95
CA LYS C 866 -9.14 -58.50 42.21
C LYS C 866 -9.95 -58.09 40.97
N VAL C 867 -11.16 -57.62 41.25
CA VAL C 867 -12.07 -57.14 40.22
C VAL C 867 -12.57 -55.76 40.59
N ILE C 868 -12.45 -54.82 39.65
CA ILE C 868 -13.12 -53.54 39.77
C ILE C 868 -14.20 -53.42 38.68
N TYR C 869 -15.32 -52.85 39.11
CA TYR C 869 -16.53 -52.87 38.37
C TYR C 869 -17.11 -51.50 38.61
N VAL C 870 -17.13 -50.69 37.56
CA VAL C 870 -17.72 -49.37 37.59
C VAL C 870 -19.11 -49.47 36.95
N PRO C 871 -20.16 -49.64 37.77
CA PRO C 871 -21.46 -50.14 37.29
C PRO C 871 -21.91 -49.60 35.92
N GLY C 872 -22.20 -50.49 34.97
CA GLY C 872 -22.70 -50.10 33.64
C GLY C 872 -21.71 -49.47 32.66
N LYS C 873 -20.48 -49.25 33.10
CA LYS C 873 -19.49 -48.64 32.25
C LYS C 873 -18.36 -49.62 31.99
N LEU C 874 -17.86 -50.31 33.04
CA LEU C 874 -16.67 -51.15 32.88
C LEU C 874 -16.42 -52.27 33.94
N LEU C 875 -15.76 -53.33 33.47
CA LEU C 875 -15.32 -54.47 34.28
C LEU C 875 -13.86 -54.80 33.96
N ASN C 876 -12.98 -54.62 34.93
CA ASN C 876 -11.58 -54.94 34.75
C ASN C 876 -11.17 -56.06 35.69
N LEU C 877 -10.46 -57.04 35.12
CA LEU C 877 -10.05 -58.27 35.83
C LEU C 877 -8.53 -58.35 35.90
N VAL C 878 -7.95 -58.29 37.09
CA VAL C 878 -6.49 -58.39 37.23
C VAL C 878 -6.04 -59.85 37.14
N VAL C 879 -5.16 -60.16 36.19
CA VAL C 879 -4.58 -61.51 36.06
C VAL C 879 -3.30 -61.68 36.90
N GLY C 880 -3.03 -62.92 37.27
CA GLY C 880 -1.80 -63.26 37.95
C GLY C 880 -0.59 -62.94 37.09
#